data_3D0J
# 
_entry.id   3D0J 
# 
_audit_conform.dict_name       mmcif_pdbx.dic 
_audit_conform.dict_version    5.398 
_audit_conform.dict_location   http://mmcif.pdb.org/dictionaries/ascii/mmcif_pdbx.dic 
# 
loop_
_database_2.database_id 
_database_2.database_code 
_database_2.pdbx_database_accession 
_database_2.pdbx_DOI 
PDB   3D0J         pdb_00003d0j 10.2210/pdb3d0j/pdb 
RCSB  RCSB047438   ?            ?                   
WWPDB D_1000047438 ?            ?                   
# 
loop_
_pdbx_audit_revision_history.ordinal 
_pdbx_audit_revision_history.data_content_type 
_pdbx_audit_revision_history.major_revision 
_pdbx_audit_revision_history.minor_revision 
_pdbx_audit_revision_history.revision_date 
1 'Structure model' 1 0 2008-07-01 
2 'Structure model' 1 1 2011-07-13 
3 'Structure model' 1 2 2024-10-30 
# 
_pdbx_audit_revision_details.ordinal             1 
_pdbx_audit_revision_details.revision_ordinal    1 
_pdbx_audit_revision_details.data_content_type   'Structure model' 
_pdbx_audit_revision_details.provider            repository 
_pdbx_audit_revision_details.type                'Initial release' 
_pdbx_audit_revision_details.description         ? 
_pdbx_audit_revision_details.details             ? 
# 
loop_
_pdbx_audit_revision_group.ordinal 
_pdbx_audit_revision_group.revision_ordinal 
_pdbx_audit_revision_group.data_content_type 
_pdbx_audit_revision_group.group 
1 2 'Structure model' Advisory                    
2 2 'Structure model' 'Version format compliance' 
3 3 'Structure model' 'Data collection'           
4 3 'Structure model' 'Database references'       
5 3 'Structure model' 'Derived calculations'      
6 3 'Structure model' 'Structure summary'         
# 
loop_
_pdbx_audit_revision_category.ordinal 
_pdbx_audit_revision_category.revision_ordinal 
_pdbx_audit_revision_category.data_content_type 
_pdbx_audit_revision_category.category 
1 3 'Structure model' chem_comp_atom            
2 3 'Structure model' chem_comp_bond            
3 3 'Structure model' database_2                
4 3 'Structure model' pdbx_entry_details        
5 3 'Structure model' pdbx_modification_feature 
6 3 'Structure model' struct_conn               
7 3 'Structure model' struct_ref_seq_dif        
8 3 'Structure model' struct_site               
# 
loop_
_pdbx_audit_revision_item.ordinal 
_pdbx_audit_revision_item.revision_ordinal 
_pdbx_audit_revision_item.data_content_type 
_pdbx_audit_revision_item.item 
1 3 'Structure model' '_database_2.pdbx_DOI'                
2 3 'Structure model' '_database_2.pdbx_database_accession' 
3 3 'Structure model' '_struct_conn.pdbx_leaving_atom_flag' 
4 3 'Structure model' '_struct_ref_seq_dif.details'         
5 3 'Structure model' '_struct_site.pdbx_auth_asym_id'      
6 3 'Structure model' '_struct_site.pdbx_auth_comp_id'      
7 3 'Structure model' '_struct_site.pdbx_auth_seq_id'       
# 
_pdbx_database_status.status_code                     REL 
_pdbx_database_status.entry_id                        3D0J 
_pdbx_database_status.recvd_initial_deposition_date   2008-05-01 
_pdbx_database_status.deposit_site                    RCSB 
_pdbx_database_status.process_site                    RCSB 
_pdbx_database_status.status_code_sf                  REL 
_pdbx_database_status.status_code_mr                  ? 
_pdbx_database_status.SG_entry                        Y 
_pdbx_database_status.pdb_format_compatible           Y 
_pdbx_database_status.status_code_cs                  ? 
_pdbx_database_status.status_code_nmr_data            ? 
_pdbx_database_status.methods_development_category    ? 
# 
_pdbx_database_related.db_name        TargetDB 
_pdbx_database_related.db_id          APC20508 
_pdbx_database_related.details        . 
_pdbx_database_related.content_type   unspecified 
# 
loop_
_audit_author.name 
_audit_author.pdbx_ordinal 
'Kim, Y.'                                       1 
'Bigelow, L.'                                   2 
'Clancy, S.'                                    3 
'Abdullah, J.'                                  4 
'Joachimiak, A.'                                5 
'Midwest Center for Structural Genomics (MCSG)' 6 
# 
_citation.id                        primary 
_citation.title                     
'Crystal Structure of Conserved Protein of Unknown Function CA_C3497 from Clostridium acetobutylicum ATCC 824.' 
_citation.journal_abbrev            'To be Published' 
_citation.journal_volume            ? 
_citation.page_first                ? 
_citation.page_last                 ? 
_citation.year                      ? 
_citation.journal_id_ASTM           ? 
_citation.country                   ? 
_citation.journal_id_ISSN           ? 
_citation.journal_id_CSD            0353 
_citation.book_publisher            ? 
_citation.pdbx_database_id_PubMed   ? 
_citation.pdbx_database_id_DOI      ? 
# 
loop_
_citation_author.citation_id 
_citation_author.name 
_citation_author.ordinal 
_citation_author.identifier_ORCID 
primary 'Kim, Y.'        1 ? 
primary 'Bigelow, L.'    2 ? 
primary 'Clancy, S.'     3 ? 
primary 'Abdullah, J.'   4 ? 
primary 'Joachimiak, A.' 5 ? 
# 
loop_
_entity.id 
_entity.type 
_entity.src_method 
_entity.pdbx_description 
_entity.formula_weight 
_entity.pdbx_number_of_molecules 
_entity.pdbx_ec 
_entity.pdbx_mutation 
_entity.pdbx_fragment 
_entity.details 
1 polymer     man 'Uncharacterized protein CA_C3497' 16639.059 1   ? ? ? ? 
2 non-polymer syn 'FORMIC ACID'                      46.025    4   ? ? ? ? 
3 non-polymer syn GLYCEROL                           92.094    1   ? ? ? ? 
4 water       nat water                              18.015    187 ? ? ? ? 
# 
_entity_poly.entity_id                      1 
_entity_poly.type                           'polypeptide(L)' 
_entity_poly.nstd_linkage                   no 
_entity_poly.nstd_monomer                   yes 
_entity_poly.pdbx_seq_one_letter_code       
;SNA(MSE)KPDIYENNREGILCVYKNEKWLVCIKNWKPDNDIEGIAHLEIHHSTDEQFILSAGKAILITAEKENDKFNIE
LTL(MSE)EKGKVYNVPAECWFYSITQKDTK(MSE)(MSE)YVQDSNCS(MSE)DNSDFCDLSKEEIEYIQTNARKLFEK
;
_entity_poly.pdbx_seq_one_letter_code_can   
;SNAMKPDIYENNREGILCVYKNEKWLVCIKNWKPDNDIEGIAHLEIHHSTDEQFILSAGKAILITAEKENDKFNIELTLM
EKGKVYNVPAECWFYSITQKDTKMMYVQDSNCSMDNSDFCDLSKEEIEYIQTNARKLFEK
;
_entity_poly.pdbx_strand_id                 A 
_entity_poly.pdbx_target_identifier         APC20508 
# 
loop_
_pdbx_entity_nonpoly.entity_id 
_pdbx_entity_nonpoly.name 
_pdbx_entity_nonpoly.comp_id 
2 'FORMIC ACID' FMT 
3 GLYCEROL      GOL 
4 water         HOH 
# 
loop_
_entity_poly_seq.entity_id 
_entity_poly_seq.num 
_entity_poly_seq.mon_id 
_entity_poly_seq.hetero 
1 1   SER n 
1 2   ASN n 
1 3   ALA n 
1 4   MSE n 
1 5   LYS n 
1 6   PRO n 
1 7   ASP n 
1 8   ILE n 
1 9   TYR n 
1 10  GLU n 
1 11  ASN n 
1 12  ASN n 
1 13  ARG n 
1 14  GLU n 
1 15  GLY n 
1 16  ILE n 
1 17  LEU n 
1 18  CYS n 
1 19  VAL n 
1 20  TYR n 
1 21  LYS n 
1 22  ASN n 
1 23  GLU n 
1 24  LYS n 
1 25  TRP n 
1 26  LEU n 
1 27  VAL n 
1 28  CYS n 
1 29  ILE n 
1 30  LYS n 
1 31  ASN n 
1 32  TRP n 
1 33  LYS n 
1 34  PRO n 
1 35  ASP n 
1 36  ASN n 
1 37  ASP n 
1 38  ILE n 
1 39  GLU n 
1 40  GLY n 
1 41  ILE n 
1 42  ALA n 
1 43  HIS n 
1 44  LEU n 
1 45  GLU n 
1 46  ILE n 
1 47  HIS n 
1 48  HIS n 
1 49  SER n 
1 50  THR n 
1 51  ASP n 
1 52  GLU n 
1 53  GLN n 
1 54  PHE n 
1 55  ILE n 
1 56  LEU n 
1 57  SER n 
1 58  ALA n 
1 59  GLY n 
1 60  LYS n 
1 61  ALA n 
1 62  ILE n 
1 63  LEU n 
1 64  ILE n 
1 65  THR n 
1 66  ALA n 
1 67  GLU n 
1 68  LYS n 
1 69  GLU n 
1 70  ASN n 
1 71  ASP n 
1 72  LYS n 
1 73  PHE n 
1 74  ASN n 
1 75  ILE n 
1 76  GLU n 
1 77  LEU n 
1 78  THR n 
1 79  LEU n 
1 80  MSE n 
1 81  GLU n 
1 82  LYS n 
1 83  GLY n 
1 84  LYS n 
1 85  VAL n 
1 86  TYR n 
1 87  ASN n 
1 88  VAL n 
1 89  PRO n 
1 90  ALA n 
1 91  GLU n 
1 92  CYS n 
1 93  TRP n 
1 94  PHE n 
1 95  TYR n 
1 96  SER n 
1 97  ILE n 
1 98  THR n 
1 99  GLN n 
1 100 LYS n 
1 101 ASP n 
1 102 THR n 
1 103 LYS n 
1 104 MSE n 
1 105 MSE n 
1 106 TYR n 
1 107 VAL n 
1 108 GLN n 
1 109 ASP n 
1 110 SER n 
1 111 ASN n 
1 112 CYS n 
1 113 SER n 
1 114 MSE n 
1 115 ASP n 
1 116 ASN n 
1 117 SER n 
1 118 ASP n 
1 119 PHE n 
1 120 CYS n 
1 121 ASP n 
1 122 LEU n 
1 123 SER n 
1 124 LYS n 
1 125 GLU n 
1 126 GLU n 
1 127 ILE n 
1 128 GLU n 
1 129 TYR n 
1 130 ILE n 
1 131 GLN n 
1 132 THR n 
1 133 ASN n 
1 134 ALA n 
1 135 ARG n 
1 136 LYS n 
1 137 LEU n 
1 138 PHE n 
1 139 GLU n 
1 140 LYS n 
# 
_entity_src_gen.entity_id                          1 
_entity_src_gen.pdbx_src_id                        1 
_entity_src_gen.pdbx_alt_source_flag               sample 
_entity_src_gen.pdbx_seq_type                      ? 
_entity_src_gen.pdbx_beg_seq_num                   ? 
_entity_src_gen.pdbx_end_seq_num                   ? 
_entity_src_gen.gene_src_common_name               ? 
_entity_src_gen.gene_src_genus                     ? 
_entity_src_gen.pdbx_gene_src_gene                 CA_C3497 
_entity_src_gen.gene_src_species                   ? 
_entity_src_gen.gene_src_strain                    'DSM 792 / JCM 1419 / LMG 5710 / VKM B-1787' 
_entity_src_gen.gene_src_tissue                    ? 
_entity_src_gen.gene_src_tissue_fraction           ? 
_entity_src_gen.gene_src_details                   'N-term 6-His-tag with TEV protease cleavage site' 
_entity_src_gen.pdbx_gene_src_fragment             ? 
_entity_src_gen.pdbx_gene_src_scientific_name      'Clostridium acetobutylicum ATCC 824' 
_entity_src_gen.pdbx_gene_src_ncbi_taxonomy_id     272562 
_entity_src_gen.pdbx_gene_src_variant              ? 
_entity_src_gen.pdbx_gene_src_cell_line            ? 
_entity_src_gen.pdbx_gene_src_atcc                 824 
_entity_src_gen.pdbx_gene_src_organ                ? 
_entity_src_gen.pdbx_gene_src_organelle            ? 
_entity_src_gen.pdbx_gene_src_cell                 ? 
_entity_src_gen.pdbx_gene_src_cellular_location    ? 
_entity_src_gen.host_org_common_name               ? 
_entity_src_gen.pdbx_host_org_scientific_name      'Escherichia coli' 
_entity_src_gen.pdbx_host_org_ncbi_taxonomy_id     ? 
_entity_src_gen.host_org_genus                     ? 
_entity_src_gen.pdbx_host_org_gene                 ? 
_entity_src_gen.pdbx_host_org_organ                ? 
_entity_src_gen.host_org_species                   ? 
_entity_src_gen.pdbx_host_org_tissue               ? 
_entity_src_gen.pdbx_host_org_tissue_fraction      ? 
_entity_src_gen.pdbx_host_org_strain               'BL21(DE3)' 
_entity_src_gen.pdbx_host_org_variant              ? 
_entity_src_gen.pdbx_host_org_cell_line            ? 
_entity_src_gen.pdbx_host_org_atcc                 ? 
_entity_src_gen.pdbx_host_org_culture_collection   ? 
_entity_src_gen.pdbx_host_org_cell                 ? 
_entity_src_gen.pdbx_host_org_organelle            ? 
_entity_src_gen.pdbx_host_org_cellular_location    ? 
_entity_src_gen.pdbx_host_org_vector_type          Plasmid 
_entity_src_gen.pdbx_host_org_vector               ? 
_entity_src_gen.host_org_details                   ? 
_entity_src_gen.expression_system_id               ? 
_entity_src_gen.plasmid_name                       pMCSG7 
_entity_src_gen.plasmid_details                    ? 
_entity_src_gen.pdbx_description                   ? 
# 
loop_
_chem_comp.id 
_chem_comp.type 
_chem_comp.mon_nstd_flag 
_chem_comp.name 
_chem_comp.pdbx_synonyms 
_chem_comp.formula 
_chem_comp.formula_weight 
ALA 'L-peptide linking' y ALANINE          ?                               'C3 H7 N O2'     89.093  
ARG 'L-peptide linking' y ARGININE         ?                               'C6 H15 N4 O2 1' 175.209 
ASN 'L-peptide linking' y ASPARAGINE       ?                               'C4 H8 N2 O3'    132.118 
ASP 'L-peptide linking' y 'ASPARTIC ACID'  ?                               'C4 H7 N O4'     133.103 
CYS 'L-peptide linking' y CYSTEINE         ?                               'C3 H7 N O2 S'   121.158 
FMT non-polymer         . 'FORMIC ACID'    ?                               'C H2 O2'        46.025  
GLN 'L-peptide linking' y GLUTAMINE        ?                               'C5 H10 N2 O3'   146.144 
GLU 'L-peptide linking' y 'GLUTAMIC ACID'  ?                               'C5 H9 N O4'     147.129 
GLY 'peptide linking'   y GLYCINE          ?                               'C2 H5 N O2'     75.067  
GOL non-polymer         . GLYCEROL         'GLYCERIN; PROPANE-1,2,3-TRIOL' 'C3 H8 O3'       92.094  
HIS 'L-peptide linking' y HISTIDINE        ?                               'C6 H10 N3 O2 1' 156.162 
HOH non-polymer         . WATER            ?                               'H2 O'           18.015  
ILE 'L-peptide linking' y ISOLEUCINE       ?                               'C6 H13 N O2'    131.173 
LEU 'L-peptide linking' y LEUCINE          ?                               'C6 H13 N O2'    131.173 
LYS 'L-peptide linking' y LYSINE           ?                               'C6 H15 N2 O2 1' 147.195 
MSE 'L-peptide linking' n SELENOMETHIONINE ?                               'C5 H11 N O2 Se' 196.106 
PHE 'L-peptide linking' y PHENYLALANINE    ?                               'C9 H11 N O2'    165.189 
PRO 'L-peptide linking' y PROLINE          ?                               'C5 H9 N O2'     115.130 
SER 'L-peptide linking' y SERINE           ?                               'C3 H7 N O3'     105.093 
THR 'L-peptide linking' y THREONINE        ?                               'C4 H9 N O3'     119.119 
TRP 'L-peptide linking' y TRYPTOPHAN       ?                               'C11 H12 N2 O2'  204.225 
TYR 'L-peptide linking' y TYROSINE         ?                               'C9 H11 N O3'    181.189 
VAL 'L-peptide linking' y VALINE           ?                               'C5 H11 N O2'    117.146 
# 
loop_
_pdbx_poly_seq_scheme.asym_id 
_pdbx_poly_seq_scheme.entity_id 
_pdbx_poly_seq_scheme.seq_id 
_pdbx_poly_seq_scheme.mon_id 
_pdbx_poly_seq_scheme.ndb_seq_num 
_pdbx_poly_seq_scheme.pdb_seq_num 
_pdbx_poly_seq_scheme.auth_seq_num 
_pdbx_poly_seq_scheme.pdb_mon_id 
_pdbx_poly_seq_scheme.auth_mon_id 
_pdbx_poly_seq_scheme.pdb_strand_id 
_pdbx_poly_seq_scheme.pdb_ins_code 
_pdbx_poly_seq_scheme.hetero 
A 1 1   SER 1   -2  ?   ?   ?   A . n 
A 1 2   ASN 2   -1  ?   ?   ?   A . n 
A 1 3   ALA 3   0   0   ALA ALA A . n 
A 1 4   MSE 4   1   1   MSE MSE A . n 
A 1 5   LYS 5   2   2   LYS LYS A . n 
A 1 6   PRO 6   3   3   PRO PRO A . n 
A 1 7   ASP 7   4   4   ASP ASP A . n 
A 1 8   ILE 8   5   5   ILE ILE A . n 
A 1 9   TYR 9   6   6   TYR TYR A . n 
A 1 10  GLU 10  7   7   GLU GLU A . n 
A 1 11  ASN 11  8   8   ASN ASN A . n 
A 1 12  ASN 12  9   9   ASN ASN A . n 
A 1 13  ARG 13  10  10  ARG ARG A . n 
A 1 14  GLU 14  11  11  GLU GLU A . n 
A 1 15  GLY 15  12  12  GLY GLY A . n 
A 1 16  ILE 16  13  13  ILE ILE A . n 
A 1 17  LEU 17  14  14  LEU LEU A . n 
A 1 18  CYS 18  15  15  CYS CYS A . n 
A 1 19  VAL 19  16  16  VAL VAL A . n 
A 1 20  TYR 20  17  17  TYR TYR A . n 
A 1 21  LYS 21  18  18  LYS LYS A . n 
A 1 22  ASN 22  19  19  ASN ASN A . n 
A 1 23  GLU 23  20  20  GLU GLU A . n 
A 1 24  LYS 24  21  21  LYS LYS A . n 
A 1 25  TRP 25  22  22  TRP TRP A . n 
A 1 26  LEU 26  23  23  LEU LEU A . n 
A 1 27  VAL 27  24  24  VAL VAL A . n 
A 1 28  CYS 28  25  25  CYS CYS A . n 
A 1 29  ILE 29  26  26  ILE ILE A . n 
A 1 30  LYS 30  27  27  LYS LYS A . n 
A 1 31  ASN 31  28  28  ASN ASN A . n 
A 1 32  TRP 32  29  29  TRP TRP A . n 
A 1 33  LYS 33  30  30  LYS LYS A . n 
A 1 34  PRO 34  31  31  PRO PRO A . n 
A 1 35  ASP 35  32  32  ASP ASP A . n 
A 1 36  ASN 36  33  33  ASN ASN A . n 
A 1 37  ASP 37  34  34  ASP ASP A . n 
A 1 38  ILE 38  35  35  ILE ILE A . n 
A 1 39  GLU 39  36  36  GLU GLU A . n 
A 1 40  GLY 40  37  37  GLY GLY A . n 
A 1 41  ILE 41  38  38  ILE ILE A . n 
A 1 42  ALA 42  39  39  ALA ALA A . n 
A 1 43  HIS 43  40  40  HIS HIS A . n 
A 1 44  LEU 44  41  41  LEU LEU A . n 
A 1 45  GLU 45  42  42  GLU GLU A . n 
A 1 46  ILE 46  43  43  ILE ILE A . n 
A 1 47  HIS 47  44  44  HIS HIS A . n 
A 1 48  HIS 48  45  45  HIS HIS A . n 
A 1 49  SER 49  46  46  SER SER A . n 
A 1 50  THR 50  47  47  THR THR A . n 
A 1 51  ASP 51  48  48  ASP ASP A . n 
A 1 52  GLU 52  49  49  GLU GLU A . n 
A 1 53  GLN 53  50  50  GLN GLN A . n 
A 1 54  PHE 54  51  51  PHE PHE A . n 
A 1 55  ILE 55  52  52  ILE ILE A . n 
A 1 56  LEU 56  53  53  LEU LEU A . n 
A 1 57  SER 57  54  54  SER SER A . n 
A 1 58  ALA 58  55  55  ALA ALA A . n 
A 1 59  GLY 59  56  56  GLY GLY A . n 
A 1 60  LYS 60  57  57  LYS LYS A . n 
A 1 61  ALA 61  58  58  ALA ALA A . n 
A 1 62  ILE 62  59  59  ILE ILE A . n 
A 1 63  LEU 63  60  60  LEU LEU A . n 
A 1 64  ILE 64  61  61  ILE ILE A . n 
A 1 65  THR 65  62  62  THR THR A . n 
A 1 66  ALA 66  63  63  ALA ALA A . n 
A 1 67  GLU 67  64  64  GLU GLU A . n 
A 1 68  LYS 68  65  65  LYS LYS A . n 
A 1 69  GLU 69  66  66  GLU GLU A . n 
A 1 70  ASN 70  67  67  ASN ASN A . n 
A 1 71  ASP 71  68  68  ASP ASP A . n 
A 1 72  LYS 72  69  69  LYS LYS A . n 
A 1 73  PHE 73  70  70  PHE PHE A . n 
A 1 74  ASN 74  71  71  ASN ASN A . n 
A 1 75  ILE 75  72  72  ILE ILE A . n 
A 1 76  GLU 76  73  73  GLU GLU A . n 
A 1 77  LEU 77  74  74  LEU LEU A . n 
A 1 78  THR 78  75  75  THR THR A . n 
A 1 79  LEU 79  76  76  LEU LEU A . n 
A 1 80  MSE 80  77  77  MSE MSE A . n 
A 1 81  GLU 81  78  78  GLU GLU A . n 
A 1 82  LYS 82  79  79  LYS LYS A . n 
A 1 83  GLY 83  80  80  GLY GLY A . n 
A 1 84  LYS 84  81  81  LYS LYS A . n 
A 1 85  VAL 85  82  82  VAL VAL A . n 
A 1 86  TYR 86  83  83  TYR TYR A . n 
A 1 87  ASN 87  84  84  ASN ASN A . n 
A 1 88  VAL 88  85  85  VAL VAL A . n 
A 1 89  PRO 89  86  86  PRO PRO A . n 
A 1 90  ALA 90  87  87  ALA ALA A . n 
A 1 91  GLU 91  88  88  GLU GLU A . n 
A 1 92  CYS 92  89  89  CYS CYS A . n 
A 1 93  TRP 93  90  90  TRP TRP A . n 
A 1 94  PHE 94  91  91  PHE PHE A . n 
A 1 95  TYR 95  92  92  TYR TYR A . n 
A 1 96  SER 96  93  93  SER SER A . n 
A 1 97  ILE 97  94  94  ILE ILE A . n 
A 1 98  THR 98  95  95  THR THR A . n 
A 1 99  GLN 99  96  96  GLN GLN A . n 
A 1 100 LYS 100 97  97  LYS LYS A . n 
A 1 101 ASP 101 98  98  ASP ASP A . n 
A 1 102 THR 102 99  99  THR THR A . n 
A 1 103 LYS 103 100 100 LYS LYS A . n 
A 1 104 MSE 104 101 101 MSE MSE A . n 
A 1 105 MSE 105 102 102 MSE MSE A . n 
A 1 106 TYR 106 103 103 TYR TYR A . n 
A 1 107 VAL 107 104 104 VAL VAL A . n 
A 1 108 GLN 108 105 105 GLN GLN A . n 
A 1 109 ASP 109 106 106 ASP ASP A . n 
A 1 110 SER 110 107 107 SER SER A . n 
A 1 111 ASN 111 108 108 ASN ASN A . n 
A 1 112 CYS 112 109 109 CYS CYS A . n 
A 1 113 SER 113 110 110 SER SER A . n 
A 1 114 MSE 114 111 111 MSE MSE A . n 
A 1 115 ASP 115 112 112 ASP ASP A . n 
A 1 116 ASN 116 113 113 ASN ASN A . n 
A 1 117 SER 117 114 114 SER SER A . n 
A 1 118 ASP 118 115 115 ASP ASP A . n 
A 1 119 PHE 119 116 116 PHE PHE A . n 
A 1 120 CYS 120 117 117 CYS CYS A . n 
A 1 121 ASP 121 118 118 ASP ASP A . n 
A 1 122 LEU 122 119 119 LEU LEU A . n 
A 1 123 SER 123 120 120 SER SER A . n 
A 1 124 LYS 124 121 121 LYS LYS A . n 
A 1 125 GLU 125 122 122 GLU GLU A . n 
A 1 126 GLU 126 123 123 GLU GLU A . n 
A 1 127 ILE 127 124 124 ILE ILE A . n 
A 1 128 GLU 128 125 125 GLU GLU A . n 
A 1 129 TYR 129 126 126 TYR TYR A . n 
A 1 130 ILE 130 127 127 ILE ILE A . n 
A 1 131 GLN 131 128 128 GLN GLN A . n 
A 1 132 THR 132 129 129 THR THR A . n 
A 1 133 ASN 133 130 130 ASN ASN A . n 
A 1 134 ALA 134 131 131 ALA ALA A . n 
A 1 135 ARG 135 132 132 ARG ARG A . n 
A 1 136 LYS 136 133 133 LYS LYS A . n 
A 1 137 LEU 137 134 134 LEU LEU A . n 
A 1 138 PHE 138 135 135 PHE PHE A . n 
A 1 139 GLU 139 136 136 GLU GLU A . n 
A 1 140 LYS 140 137 137 LYS LYS A . n 
# 
loop_
_pdbx_nonpoly_scheme.asym_id 
_pdbx_nonpoly_scheme.entity_id 
_pdbx_nonpoly_scheme.mon_id 
_pdbx_nonpoly_scheme.ndb_seq_num 
_pdbx_nonpoly_scheme.pdb_seq_num 
_pdbx_nonpoly_scheme.auth_seq_num 
_pdbx_nonpoly_scheme.pdb_mon_id 
_pdbx_nonpoly_scheme.auth_mon_id 
_pdbx_nonpoly_scheme.pdb_strand_id 
_pdbx_nonpoly_scheme.pdb_ins_code 
B 2 FMT 1   138 1   FMT FMT A . 
C 2 FMT 1   139 2   FMT FMT A . 
D 2 FMT 1   140 3   FMT FMT A . 
E 2 FMT 1   141 4   FMT FMT A . 
F 3 GOL 1   142 5   GOL GOL A . 
G 4 HOH 1   143 1   HOH HOH A . 
G 4 HOH 2   144 2   HOH HOH A . 
G 4 HOH 3   145 3   HOH HOH A . 
G 4 HOH 4   146 4   HOH HOH A . 
G 4 HOH 5   147 5   HOH HOH A . 
G 4 HOH 6   148 6   HOH HOH A . 
G 4 HOH 7   149 7   HOH HOH A . 
G 4 HOH 8   150 8   HOH HOH A . 
G 4 HOH 9   151 9   HOH HOH A . 
G 4 HOH 10  152 10  HOH HOH A . 
G 4 HOH 11  153 11  HOH HOH A . 
G 4 HOH 12  154 12  HOH HOH A . 
G 4 HOH 13  155 13  HOH HOH A . 
G 4 HOH 14  156 14  HOH HOH A . 
G 4 HOH 15  157 15  HOH HOH A . 
G 4 HOH 16  158 16  HOH HOH A . 
G 4 HOH 17  159 17  HOH HOH A . 
G 4 HOH 18  160 18  HOH HOH A . 
G 4 HOH 19  161 19  HOH HOH A . 
G 4 HOH 20  162 20  HOH HOH A . 
G 4 HOH 21  163 21  HOH HOH A . 
G 4 HOH 22  164 22  HOH HOH A . 
G 4 HOH 23  165 23  HOH HOH A . 
G 4 HOH 24  166 24  HOH HOH A . 
G 4 HOH 25  167 25  HOH HOH A . 
G 4 HOH 26  168 26  HOH HOH A . 
G 4 HOH 27  169 27  HOH HOH A . 
G 4 HOH 28  170 28  HOH HOH A . 
G 4 HOH 29  171 29  HOH HOH A . 
G 4 HOH 30  172 30  HOH HOH A . 
G 4 HOH 31  173 31  HOH HOH A . 
G 4 HOH 32  174 32  HOH HOH A . 
G 4 HOH 33  175 33  HOH HOH A . 
G 4 HOH 34  176 34  HOH HOH A . 
G 4 HOH 35  177 35  HOH HOH A . 
G 4 HOH 36  178 36  HOH HOH A . 
G 4 HOH 37  179 37  HOH HOH A . 
G 4 HOH 38  180 38  HOH HOH A . 
G 4 HOH 39  181 39  HOH HOH A . 
G 4 HOH 40  182 40  HOH HOH A . 
G 4 HOH 41  183 41  HOH HOH A . 
G 4 HOH 42  184 42  HOH HOH A . 
G 4 HOH 43  185 43  HOH HOH A . 
G 4 HOH 44  186 44  HOH HOH A . 
G 4 HOH 45  187 45  HOH HOH A . 
G 4 HOH 46  188 46  HOH HOH A . 
G 4 HOH 47  189 47  HOH HOH A . 
G 4 HOH 48  190 48  HOH HOH A . 
G 4 HOH 49  191 49  HOH HOH A . 
G 4 HOH 50  192 50  HOH HOH A . 
G 4 HOH 51  193 51  HOH HOH A . 
G 4 HOH 52  194 52  HOH HOH A . 
G 4 HOH 53  195 53  HOH HOH A . 
G 4 HOH 54  196 54  HOH HOH A . 
G 4 HOH 55  197 55  HOH HOH A . 
G 4 HOH 56  198 56  HOH HOH A . 
G 4 HOH 57  199 57  HOH HOH A . 
G 4 HOH 58  200 58  HOH HOH A . 
G 4 HOH 59  201 59  HOH HOH A . 
G 4 HOH 60  202 60  HOH HOH A . 
G 4 HOH 61  203 61  HOH HOH A . 
G 4 HOH 62  204 62  HOH HOH A . 
G 4 HOH 63  205 63  HOH HOH A . 
G 4 HOH 64  206 64  HOH HOH A . 
G 4 HOH 65  207 65  HOH HOH A . 
G 4 HOH 66  208 66  HOH HOH A . 
G 4 HOH 67  209 67  HOH HOH A . 
G 4 HOH 68  210 68  HOH HOH A . 
G 4 HOH 69  211 69  HOH HOH A . 
G 4 HOH 70  212 70  HOH HOH A . 
G 4 HOH 71  213 71  HOH HOH A . 
G 4 HOH 72  214 72  HOH HOH A . 
G 4 HOH 73  215 73  HOH HOH A . 
G 4 HOH 74  216 74  HOH HOH A . 
G 4 HOH 75  217 75  HOH HOH A . 
G 4 HOH 76  218 76  HOH HOH A . 
G 4 HOH 77  219 77  HOH HOH A . 
G 4 HOH 78  220 78  HOH HOH A . 
G 4 HOH 79  221 79  HOH HOH A . 
G 4 HOH 80  222 80  HOH HOH A . 
G 4 HOH 81  223 81  HOH HOH A . 
G 4 HOH 82  224 82  HOH HOH A . 
G 4 HOH 83  225 83  HOH HOH A . 
G 4 HOH 84  226 84  HOH HOH A . 
G 4 HOH 85  227 85  HOH HOH A . 
G 4 HOH 86  228 86  HOH HOH A . 
G 4 HOH 87  229 87  HOH HOH A . 
G 4 HOH 88  230 88  HOH HOH A . 
G 4 HOH 89  231 89  HOH HOH A . 
G 4 HOH 90  232 90  HOH HOH A . 
G 4 HOH 91  233 91  HOH HOH A . 
G 4 HOH 92  234 92  HOH HOH A . 
G 4 HOH 93  235 93  HOH HOH A . 
G 4 HOH 94  236 94  HOH HOH A . 
G 4 HOH 95  237 95  HOH HOH A . 
G 4 HOH 96  238 96  HOH HOH A . 
G 4 HOH 97  239 97  HOH HOH A . 
G 4 HOH 98  240 98  HOH HOH A . 
G 4 HOH 99  241 99  HOH HOH A . 
G 4 HOH 100 242 100 HOH HOH A . 
G 4 HOH 101 243 101 HOH HOH A . 
G 4 HOH 102 244 102 HOH HOH A . 
G 4 HOH 103 245 103 HOH HOH A . 
G 4 HOH 104 246 104 HOH HOH A . 
G 4 HOH 105 247 105 HOH HOH A . 
G 4 HOH 106 248 106 HOH HOH A . 
G 4 HOH 107 249 107 HOH HOH A . 
G 4 HOH 108 250 108 HOH HOH A . 
G 4 HOH 109 251 109 HOH HOH A . 
G 4 HOH 110 252 110 HOH HOH A . 
G 4 HOH 111 253 111 HOH HOH A . 
G 4 HOH 112 254 112 HOH HOH A . 
G 4 HOH 113 255 113 HOH HOH A . 
G 4 HOH 114 256 114 HOH HOH A . 
G 4 HOH 115 257 115 HOH HOH A . 
G 4 HOH 116 258 116 HOH HOH A . 
G 4 HOH 117 259 117 HOH HOH A . 
G 4 HOH 118 260 118 HOH HOH A . 
G 4 HOH 119 261 119 HOH HOH A . 
G 4 HOH 120 262 120 HOH HOH A . 
G 4 HOH 121 263 121 HOH HOH A . 
G 4 HOH 122 264 122 HOH HOH A . 
G 4 HOH 123 265 123 HOH HOH A . 
G 4 HOH 124 266 124 HOH HOH A . 
G 4 HOH 125 267 125 HOH HOH A . 
G 4 HOH 126 268 126 HOH HOH A . 
G 4 HOH 127 269 127 HOH HOH A . 
G 4 HOH 128 270 128 HOH HOH A . 
G 4 HOH 129 271 129 HOH HOH A . 
G 4 HOH 130 272 130 HOH HOH A . 
G 4 HOH 131 273 131 HOH HOH A . 
G 4 HOH 132 274 132 HOH HOH A . 
G 4 HOH 133 275 133 HOH HOH A . 
G 4 HOH 134 276 134 HOH HOH A . 
G 4 HOH 135 277 135 HOH HOH A . 
G 4 HOH 136 278 136 HOH HOH A . 
G 4 HOH 137 279 137 HOH HOH A . 
G 4 HOH 138 280 138 HOH HOH A . 
G 4 HOH 139 281 139 HOH HOH A . 
G 4 HOH 140 282 140 HOH HOH A . 
G 4 HOH 141 283 141 HOH HOH A . 
G 4 HOH 142 284 142 HOH HOH A . 
G 4 HOH 143 285 143 HOH HOH A . 
G 4 HOH 144 286 144 HOH HOH A . 
G 4 HOH 145 287 145 HOH HOH A . 
G 4 HOH 146 288 146 HOH HOH A . 
G 4 HOH 147 289 147 HOH HOH A . 
G 4 HOH 148 290 148 HOH HOH A . 
G 4 HOH 149 291 149 HOH HOH A . 
G 4 HOH 150 292 150 HOH HOH A . 
G 4 HOH 151 293 151 HOH HOH A . 
G 4 HOH 152 294 152 HOH HOH A . 
G 4 HOH 153 295 153 HOH HOH A . 
G 4 HOH 154 296 154 HOH HOH A . 
G 4 HOH 155 297 155 HOH HOH A . 
G 4 HOH 156 298 156 HOH HOH A . 
G 4 HOH 157 299 157 HOH HOH A . 
G 4 HOH 158 300 158 HOH HOH A . 
G 4 HOH 159 301 159 HOH HOH A . 
G 4 HOH 160 302 160 HOH HOH A . 
G 4 HOH 161 303 161 HOH HOH A . 
G 4 HOH 162 304 162 HOH HOH A . 
G 4 HOH 163 305 163 HOH HOH A . 
G 4 HOH 164 306 164 HOH HOH A . 
G 4 HOH 165 307 165 HOH HOH A . 
G 4 HOH 166 308 166 HOH HOH A . 
G 4 HOH 167 309 167 HOH HOH A . 
G 4 HOH 168 310 168 HOH HOH A . 
G 4 HOH 169 311 169 HOH HOH A . 
G 4 HOH 170 312 170 HOH HOH A . 
G 4 HOH 171 313 171 HOH HOH A . 
G 4 HOH 172 314 172 HOH HOH A . 
G 4 HOH 173 315 173 HOH HOH A . 
G 4 HOH 174 316 174 HOH HOH A . 
G 4 HOH 175 317 175 HOH HOH A . 
G 4 HOH 176 318 176 HOH HOH A . 
G 4 HOH 177 319 177 HOH HOH A . 
G 4 HOH 178 320 178 HOH HOH A . 
G 4 HOH 179 321 179 HOH HOH A . 
G 4 HOH 180 322 180 HOH HOH A . 
G 4 HOH 181 323 181 HOH HOH A . 
G 4 HOH 182 324 182 HOH HOH A . 
G 4 HOH 183 325 183 HOH HOH A . 
G 4 HOH 184 326 184 HOH HOH A . 
G 4 HOH 185 327 185 HOH HOH A . 
G 4 HOH 186 328 186 HOH HOH A . 
G 4 HOH 187 329 187 HOH HOH A . 
# 
loop_
_software.name 
_software.classification 
_software.version 
_software.citation_id 
_software.pdbx_ordinal 
REFMAC      refinement        5.2.0019 ? 1  
SBC-Collect 'data collection' .        ? 2  
HKL-3000    'data collection' .        ? 3  
HKL-2000    'data reduction'  .        ? 4  
HKL-2000    'data scaling'    .        ? 5  
HKL-3000    phasing           .        ? 6  
MLPHARE     phasing           .        ? 7  
DM          phasing           .        ? 8  
SHELXD      phasing           .        ? 9  
RESOLVE     phasing           .        ? 10 
Coot        'model building'  .        ? 11 
# 
_cell.entry_id           3D0J 
_cell.length_a           52.878 
_cell.length_b           52.878 
_cell.length_c           112.280 
_cell.angle_alpha        90.00 
_cell.angle_beta         90.00 
_cell.angle_gamma        120.00 
_cell.Z_PDB              6 
_cell.pdbx_unique_axis   ? 
_cell.length_a_esd       ? 
_cell.length_b_esd       ? 
_cell.length_c_esd       ? 
_cell.angle_alpha_esd    ? 
_cell.angle_beta_esd     ? 
_cell.angle_gamma_esd    ? 
# 
_symmetry.entry_id                         3D0J 
_symmetry.space_group_name_H-M             'P 32 2 1' 
_symmetry.pdbx_full_space_group_name_H-M   ? 
_symmetry.cell_setting                     ? 
_symmetry.Int_Tables_number                154 
_symmetry.space_group_name_Hall            ? 
# 
_exptl.entry_id          3D0J 
_exptl.method            'X-RAY DIFFRACTION' 
_exptl.crystals_number   1 
# 
_exptl_crystal.id                    1 
_exptl_crystal.density_meas          ? 
_exptl_crystal.density_Matthews      2.72 
_exptl_crystal.density_percent_sol   54.83 
_exptl_crystal.description           ? 
_exptl_crystal.F_000                 ? 
_exptl_crystal.preparation           ? 
# 
_exptl_crystal_grow.crystal_id      1 
_exptl_crystal_grow.method          'VAPOR DIFFUSION, SITTING DROP' 
_exptl_crystal_grow.temp            289 
_exptl_crystal_grow.temp_details    ? 
_exptl_crystal_grow.pH              4.6 
_exptl_crystal_grow.pdbx_details    
'3.5M Sodium formate, 0.1M Sodium acetate pH 4.6, VAPOR DIFFUSION, SITTING DROP, temperature 289K' 
_exptl_crystal_grow.pdbx_pH_range   . 
# 
_diffrn.id                     1 
_diffrn.ambient_temp           100 
_diffrn.ambient_temp_details   ? 
_diffrn.crystal_id             1 
# 
_diffrn_detector.diffrn_id              1 
_diffrn_detector.detector               CCD 
_diffrn_detector.type                   'ADSC QUANTUM 315' 
_diffrn_detector.pdbx_collection_date   2008-04-23 
_diffrn_detector.details                Mirrors 
# 
_diffrn_radiation.diffrn_id                        1 
_diffrn_radiation.wavelength_id                    1 
_diffrn_radiation.pdbx_monochromatic_or_laue_m_l   M 
_diffrn_radiation.monochromator                    'double crystal' 
_diffrn_radiation.pdbx_diffrn_protocol             'SINGLE WAVELENGTH' 
_diffrn_radiation.pdbx_scattering_type             x-ray 
# 
_diffrn_radiation_wavelength.id           1 
_diffrn_radiation_wavelength.wavelength   0.97920 
_diffrn_radiation_wavelength.wt           1.0 
# 
_diffrn_source.diffrn_id                   1 
_diffrn_source.source                      SYNCHROTRON 
_diffrn_source.type                        'APS BEAMLINE 19-ID' 
_diffrn_source.pdbx_synchrotron_site       APS 
_diffrn_source.pdbx_synchrotron_beamline   19-ID 
_diffrn_source.pdbx_wavelength             ? 
_diffrn_source.pdbx_wavelength_list        0.97920 
# 
_reflns.entry_id                     3D0J 
_reflns.observed_criterion_sigma_F   0.0 
_reflns.observed_criterion_sigma_I   0.0 
_reflns.d_resolution_high            1.53 
_reflns.d_resolution_low             45.79 
_reflns.number_all                   27647 
_reflns.number_obs                   27647 
_reflns.percent_possible_obs         99.9 
_reflns.pdbx_Rmerge_I_obs            ? 
_reflns.pdbx_Rsym_value              0.086 
_reflns.pdbx_netI_over_sigmaI        12.1 
_reflns.B_iso_Wilson_estimate        19.19 
_reflns.pdbx_redundancy              13.8 
_reflns.R_free_details               ? 
_reflns.limit_h_max                  ? 
_reflns.limit_h_min                  ? 
_reflns.limit_k_max                  ? 
_reflns.limit_k_min                  ? 
_reflns.limit_l_max                  ? 
_reflns.limit_l_min                  ? 
_reflns.observed_criterion_F_max     ? 
_reflns.observed_criterion_F_min     ? 
_reflns.pdbx_chi_squared             ? 
_reflns.pdbx_scaling_rejects         ? 
_reflns.pdbx_ordinal                 1 
_reflns.pdbx_diffrn_id               1 
# 
_reflns_shell.d_res_high             1.53 
_reflns_shell.d_res_low              1.57 
_reflns_shell.percent_possible_all   100.0 
_reflns_shell.Rmerge_I_obs           ? 
_reflns_shell.pdbx_Rsym_value        0.691 
_reflns_shell.meanI_over_sigI_obs    3.2 
_reflns_shell.pdbx_redundancy        13.4 
_reflns_shell.percent_possible_obs   ? 
_reflns_shell.number_unique_all      1343 
_reflns_shell.number_measured_all    ? 
_reflns_shell.number_measured_obs    ? 
_reflns_shell.number_unique_obs      ? 
_reflns_shell.pdbx_chi_squared       ? 
_reflns_shell.pdbx_ordinal           1 
_reflns_shell.pdbx_diffrn_id         1 
# 
_refine.entry_id                                 3D0J 
_refine.ls_number_reflns_obs                     26887 
_refine.ls_number_reflns_all                     26887 
_refine.pdbx_ls_sigma_I                          ? 
_refine.pdbx_ls_sigma_F                          0.00 
_refine.pdbx_data_cutoff_high_absF               ? 
_refine.pdbx_data_cutoff_low_absF                ? 
_refine.pdbx_data_cutoff_high_rms_absF           ? 
_refine.ls_d_res_low                             45.79 
_refine.ls_d_res_high                            1.53 
_refine.ls_percent_reflns_obs                    99.94 
_refine.ls_R_factor_obs                          0.166 
_refine.ls_R_factor_all                          0.166 
_refine.ls_R_factor_R_work                       0.165 
_refine.ls_R_factor_R_free                       0.184 
_refine.ls_R_factor_R_free_error                 ? 
_refine.ls_R_factor_R_free_error_details         ? 
_refine.ls_percent_reflns_R_free                 5.0 
_refine.ls_number_reflns_R_free                  1421 
_refine.ls_number_parameters                     ? 
_refine.ls_number_restraints                     ? 
_refine.occupancy_min                            ? 
_refine.occupancy_max                            ? 
_refine.correlation_coeff_Fo_to_Fc               0.971 
_refine.correlation_coeff_Fo_to_Fc_free          0.968 
_refine.B_iso_mean                               23.260 
_refine.aniso_B[1][1]                            0.38 
_refine.aniso_B[2][2]                            0.38 
_refine.aniso_B[3][3]                            -0.57 
_refine.aniso_B[1][2]                            0.19 
_refine.aniso_B[1][3]                            0.00 
_refine.aniso_B[2][3]                            0.00 
_refine.solvent_model_details                    MASK 
_refine.solvent_model_param_ksol                 ? 
_refine.solvent_model_param_bsol                 ? 
_refine.pdbx_solvent_vdw_probe_radii             1.20 
_refine.pdbx_solvent_ion_probe_radii             0.80 
_refine.pdbx_solvent_shrinkage_radii             0.80 
_refine.pdbx_ls_cross_valid_method               THROUGHOUT 
_refine.details                                  ? 
_refine.pdbx_starting_model                      ? 
_refine.pdbx_method_to_determine_struct          SAD 
_refine.pdbx_isotropic_thermal_model             ? 
_refine.pdbx_stereochemistry_target_values       'MAXIMUM LIKELIHOOD WITH PHASES' 
_refine.pdbx_stereochem_target_val_spec_case     ? 
_refine.pdbx_R_Free_selection_details            RANDOM 
_refine.pdbx_overall_ESU_R                       0.069 
_refine.pdbx_overall_ESU_R_Free                  0.068 
_refine.overall_SU_ML                            0.042 
_refine.overall_SU_B                             2.244 
_refine.ls_redundancy_reflns_obs                 ? 
_refine.B_iso_min                                ? 
_refine.B_iso_max                                ? 
_refine.overall_SU_R_Cruickshank_DPI             ? 
_refine.overall_SU_R_free                        ? 
_refine.ls_wR_factor_R_free                      ? 
_refine.ls_wR_factor_R_work                      ? 
_refine.overall_FOM_free_R_set                   ? 
_refine.overall_FOM_work_R_set                   ? 
_refine.pdbx_overall_phase_error                 ? 
_refine.pdbx_refine_id                           'X-RAY DIFFRACTION' 
_refine.pdbx_TLS_residual_ADP_flag               'LIKELY RESIDUAL' 
_refine.pdbx_diffrn_id                           1 
_refine.pdbx_overall_SU_R_free_Cruickshank_DPI   ? 
_refine.pdbx_overall_SU_R_Blow_DPI               ? 
_refine.pdbx_overall_SU_R_free_Blow_DPI          ? 
# 
_refine_hist.pdbx_refine_id                   'X-RAY DIFFRACTION' 
_refine_hist.cycle_id                         LAST 
_refine_hist.pdbx_number_atoms_protein        1133 
_refine_hist.pdbx_number_atoms_nucleic_acid   0 
_refine_hist.pdbx_number_atoms_ligand         18 
_refine_hist.number_atoms_solvent             187 
_refine_hist.number_atoms_total               1338 
_refine_hist.d_res_high                       1.53 
_refine_hist.d_res_low                        45.79 
# 
loop_
_refine_ls_restr.type 
_refine_ls_restr.dev_ideal 
_refine_ls_restr.dev_ideal_target 
_refine_ls_restr.weight 
_refine_ls_restr.number 
_refine_ls_restr.pdbx_refine_id 
_refine_ls_restr.pdbx_restraint_function 
r_bond_refined_d             0.016  0.022  ? 1373 'X-RAY DIFFRACTION' ? 
r_bond_other_d               ?      ?      ? ?    'X-RAY DIFFRACTION' ? 
r_angle_refined_deg          1.719  1.966  ? 1867 'X-RAY DIFFRACTION' ? 
r_angle_other_deg            ?      ?      ? ?    'X-RAY DIFFRACTION' ? 
r_dihedral_angle_1_deg       6.960  5.000  ? 178  'X-RAY DIFFRACTION' ? 
r_dihedral_angle_2_deg       36.234 26.618 ? 68   'X-RAY DIFFRACTION' ? 
r_dihedral_angle_3_deg       14.258 15.000 ? 277  'X-RAY DIFFRACTION' ? 
r_dihedral_angle_4_deg       2.092  15.000 ? 3    'X-RAY DIFFRACTION' ? 
r_chiral_restr               0.126  0.200  ? 192  'X-RAY DIFFRACTION' ? 
r_gen_planes_refined         0.008  0.020  ? 1074 'X-RAY DIFFRACTION' ? 
r_gen_planes_other           ?      ?      ? ?    'X-RAY DIFFRACTION' ? 
r_nbd_refined                0.248  0.200  ? 580  'X-RAY DIFFRACTION' ? 
r_nbd_other                  ?      ?      ? ?    'X-RAY DIFFRACTION' ? 
r_nbtor_refined              0.309  0.200  ? 950  'X-RAY DIFFRACTION' ? 
r_nbtor_other                ?      ?      ? ?    'X-RAY DIFFRACTION' ? 
r_xyhbond_nbd_refined        0.219  0.200  ? 179  'X-RAY DIFFRACTION' ? 
r_xyhbond_nbd_other          ?      ?      ? ?    'X-RAY DIFFRACTION' ? 
r_metal_ion_refined          ?      ?      ? ?    'X-RAY DIFFRACTION' ? 
r_metal_ion_other            ?      ?      ? ?    'X-RAY DIFFRACTION' ? 
r_symmetry_vdw_refined       0.312  0.200  ? 88   'X-RAY DIFFRACTION' ? 
r_symmetry_vdw_other         ?      ?      ? ?    'X-RAY DIFFRACTION' ? 
r_symmetry_hbond_refined     0.248  0.200  ? 37   'X-RAY DIFFRACTION' ? 
r_symmetry_hbond_other       ?      ?      ? ?    'X-RAY DIFFRACTION' ? 
r_symmetry_metal_ion_refined ?      ?      ? ?    'X-RAY DIFFRACTION' ? 
r_symmetry_metal_ion_other   ?      ?      ? ?    'X-RAY DIFFRACTION' ? 
r_mcbond_it                  1.238  1.500  ? 868  'X-RAY DIFFRACTION' ? 
r_mcbond_other               ?      ?      ? ?    'X-RAY DIFFRACTION' ? 
r_mcangle_it                 1.762  2.000  ? 1353 'X-RAY DIFFRACTION' ? 
r_scbond_it                  2.662  3.000  ? 595  'X-RAY DIFFRACTION' ? 
r_scangle_it                 4.089  4.500  ? 514  'X-RAY DIFFRACTION' ? 
r_rigid_bond_restr           ?      ?      ? ?    'X-RAY DIFFRACTION' ? 
r_sphericity_free            ?      ?      ? ?    'X-RAY DIFFRACTION' ? 
r_sphericity_bonded          ?      ?      ? ?    'X-RAY DIFFRACTION' ? 
# 
_refine_ls_shell.pdbx_total_number_of_bins_used   20 
_refine_ls_shell.d_res_high                       1.53 
_refine_ls_shell.d_res_low                        1.57 
_refine_ls_shell.number_reflns_R_work             1904 
_refine_ls_shell.R_factor_R_work                  0.229 
_refine_ls_shell.percent_reflns_obs               100.00 
_refine_ls_shell.R_factor_R_free                  0.276 
_refine_ls_shell.R_factor_R_free_error            ? 
_refine_ls_shell.percent_reflns_R_free            ? 
_refine_ls_shell.number_reflns_R_free             102 
_refine_ls_shell.number_reflns_all                ? 
_refine_ls_shell.R_factor_all                     ? 
_refine_ls_shell.number_reflns_obs                2006 
_refine_ls_shell.redundancy_reflns_obs            ? 
_refine_ls_shell.pdbx_refine_id                   'X-RAY DIFFRACTION' 
# 
_struct.entry_id                  3D0J 
_struct.title                     
'Crystal structure of conserved protein of unknown function CA_C3497 from Clostridium acetobutylicum ATCC 824' 
_struct.pdbx_model_details        ? 
_struct.pdbx_CASP_flag            Y 
_struct.pdbx_model_type_details   ? 
# 
_struct_keywords.entry_id        3D0J 
_struct_keywords.pdbx_keywords   'STRUCTURAL GENOMICS, UNKNOWN FUNCTION' 
_struct_keywords.text            
;beta-barrel, structural genomics, PSI-2, Protein Structure Initiative, Midwest Center for Structural Genomics, MCSG, UNKNOWN FUNCTION
;
# 
loop_
_struct_asym.id 
_struct_asym.pdbx_blank_PDB_chainid_flag 
_struct_asym.pdbx_modified 
_struct_asym.entity_id 
_struct_asym.details 
A N N 1 ? 
B N N 2 ? 
C N N 2 ? 
D N N 2 ? 
E N N 2 ? 
F N N 3 ? 
G N N 4 ? 
# 
_struct_ref.id                         1 
_struct_ref.db_name                    UNP 
_struct_ref.db_code                    Q97DI0_CLOAB 
_struct_ref.pdbx_db_accession          Q97DI0 
_struct_ref.entity_id                  1 
_struct_ref.pdbx_seq_one_letter_code   
;MKPDIYENNREGILCVYKNEKWLVCIKNWKPDNDIEGIAHLEIHHSTDEQFILSAGKAILITAEKENDKFNIELTLMEKG
KVYNVPAECWFYSITQKDTKMMYVQDSNCSMDNSDFCDLSKEEIEYIQTNARKLFEK
;
_struct_ref.pdbx_align_begin           1 
_struct_ref.pdbx_db_isoform            ? 
# 
_struct_ref_seq.align_id                      1 
_struct_ref_seq.ref_id                        1 
_struct_ref_seq.pdbx_PDB_id_code              3D0J 
_struct_ref_seq.pdbx_strand_id                A 
_struct_ref_seq.seq_align_beg                 4 
_struct_ref_seq.pdbx_seq_align_beg_ins_code   ? 
_struct_ref_seq.seq_align_end                 140 
_struct_ref_seq.pdbx_seq_align_end_ins_code   ? 
_struct_ref_seq.pdbx_db_accession             Q97DI0 
_struct_ref_seq.db_align_beg                  1 
_struct_ref_seq.pdbx_db_align_beg_ins_code    ? 
_struct_ref_seq.db_align_end                  137 
_struct_ref_seq.pdbx_db_align_end_ins_code    ? 
_struct_ref_seq.pdbx_auth_seq_align_beg       1 
_struct_ref_seq.pdbx_auth_seq_align_end       137 
# 
loop_
_struct_ref_seq_dif.align_id 
_struct_ref_seq_dif.pdbx_pdb_id_code 
_struct_ref_seq_dif.mon_id 
_struct_ref_seq_dif.pdbx_pdb_strand_id 
_struct_ref_seq_dif.seq_num 
_struct_ref_seq_dif.pdbx_pdb_ins_code 
_struct_ref_seq_dif.pdbx_seq_db_name 
_struct_ref_seq_dif.pdbx_seq_db_accession_code 
_struct_ref_seq_dif.db_mon_id 
_struct_ref_seq_dif.pdbx_seq_db_seq_num 
_struct_ref_seq_dif.details 
_struct_ref_seq_dif.pdbx_auth_seq_num 
_struct_ref_seq_dif.pdbx_ordinal 
1 3D0J SER A 1 ? UNP Q97DI0 ? ? 'expression tag' -2 1 
1 3D0J ASN A 2 ? UNP Q97DI0 ? ? 'expression tag' -1 2 
1 3D0J ALA A 3 ? UNP Q97DI0 ? ? 'expression tag' 0  3 
# 
_pdbx_struct_assembly.id                   1 
_pdbx_struct_assembly.details              author_and_software_defined_assembly 
_pdbx_struct_assembly.method_details       PISA 
_pdbx_struct_assembly.oligomeric_details   dimeric 
_pdbx_struct_assembly.oligomeric_count     2 
# 
loop_
_pdbx_struct_assembly_prop.biol_id 
_pdbx_struct_assembly_prop.type 
_pdbx_struct_assembly_prop.value 
_pdbx_struct_assembly_prop.details 
1 'ABSA (A^2)' 3610  ? 
1 MORE         -25.6 ? 
1 'SSA (A^2)'  12970 ? 
# 
_pdbx_struct_assembly_gen.assembly_id       1 
_pdbx_struct_assembly_gen.oper_expression   1,2 
_pdbx_struct_assembly_gen.asym_id_list      A,B,C,D,E,F,G 
# 
loop_
_pdbx_struct_oper_list.id 
_pdbx_struct_oper_list.type 
_pdbx_struct_oper_list.name 
_pdbx_struct_oper_list.symmetry_operation 
_pdbx_struct_oper_list.matrix[1][1] 
_pdbx_struct_oper_list.matrix[1][2] 
_pdbx_struct_oper_list.matrix[1][3] 
_pdbx_struct_oper_list.vector[1] 
_pdbx_struct_oper_list.matrix[2][1] 
_pdbx_struct_oper_list.matrix[2][2] 
_pdbx_struct_oper_list.matrix[2][3] 
_pdbx_struct_oper_list.vector[2] 
_pdbx_struct_oper_list.matrix[3][1] 
_pdbx_struct_oper_list.matrix[3][2] 
_pdbx_struct_oper_list.matrix[3][3] 
_pdbx_struct_oper_list.vector[3] 
1 'identity operation'         1_555 x,y,z         1.0000000000  0.0000000000  0.0000000000  0.0000000000  0.0000000000  1.0000000000 0.0000000000 0.0000000000 0.0000000000  0.0000000000 1.0000000000  0.0000000000  
2 'crystal symmetry operation' 5_555 x-y,-y,-z+1/3 -0.6388317440 -0.7480361263 -0.1798220136 16.5223953443 -0.7480361263 0.5493001863 0.3724396046 3.1974510949 -0.1798220136 0.3724396046 -0.9104684423 19.8838602057 
# 
_struct_biol.id        1 
_struct_biol.details   ? 
# 
loop_
_struct_conf.conf_type_id 
_struct_conf.id 
_struct_conf.pdbx_PDB_helix_id 
_struct_conf.beg_label_comp_id 
_struct_conf.beg_label_asym_id 
_struct_conf.beg_label_seq_id 
_struct_conf.pdbx_beg_PDB_ins_code 
_struct_conf.end_label_comp_id 
_struct_conf.end_label_asym_id 
_struct_conf.end_label_seq_id 
_struct_conf.pdbx_end_PDB_ins_code 
_struct_conf.beg_auth_comp_id 
_struct_conf.beg_auth_asym_id 
_struct_conf.beg_auth_seq_id 
_struct_conf.end_auth_comp_id 
_struct_conf.end_auth_asym_id 
_struct_conf.end_auth_seq_id 
_struct_conf.pdbx_PDB_helix_class 
_struct_conf.details 
_struct_conf.pdbx_PDB_helix_length 
HELX_P HELX_P1 1 LYS A 33  ? ASP A 37  ? LYS A 30  ASP A 34  5 ? 5  
HELX_P HELX_P2 2 SER A 113 ? ASP A 115 ? SER A 110 ASP A 112 5 ? 3  
HELX_P HELX_P3 3 SER A 123 ? PHE A 138 ? SER A 120 PHE A 135 1 ? 16 
# 
_struct_conf_type.id          HELX_P 
_struct_conf_type.criteria    ? 
_struct_conf_type.reference   ? 
# 
loop_
_struct_conn.id 
_struct_conn.conn_type_id 
_struct_conn.pdbx_leaving_atom_flag 
_struct_conn.pdbx_PDB_id 
_struct_conn.ptnr1_label_asym_id 
_struct_conn.ptnr1_label_comp_id 
_struct_conn.ptnr1_label_seq_id 
_struct_conn.ptnr1_label_atom_id 
_struct_conn.pdbx_ptnr1_label_alt_id 
_struct_conn.pdbx_ptnr1_PDB_ins_code 
_struct_conn.pdbx_ptnr1_standard_comp_id 
_struct_conn.ptnr1_symmetry 
_struct_conn.ptnr2_label_asym_id 
_struct_conn.ptnr2_label_comp_id 
_struct_conn.ptnr2_label_seq_id 
_struct_conn.ptnr2_label_atom_id 
_struct_conn.pdbx_ptnr2_label_alt_id 
_struct_conn.pdbx_ptnr2_PDB_ins_code 
_struct_conn.ptnr1_auth_asym_id 
_struct_conn.ptnr1_auth_comp_id 
_struct_conn.ptnr1_auth_seq_id 
_struct_conn.ptnr2_auth_asym_id 
_struct_conn.ptnr2_auth_comp_id 
_struct_conn.ptnr2_auth_seq_id 
_struct_conn.ptnr2_symmetry 
_struct_conn.pdbx_ptnr3_label_atom_id 
_struct_conn.pdbx_ptnr3_label_seq_id 
_struct_conn.pdbx_ptnr3_label_comp_id 
_struct_conn.pdbx_ptnr3_label_asym_id 
_struct_conn.pdbx_ptnr3_label_alt_id 
_struct_conn.pdbx_ptnr3_PDB_ins_code 
_struct_conn.details 
_struct_conn.pdbx_dist_value 
_struct_conn.pdbx_value_order 
_struct_conn.pdbx_role 
disulf1  disulf ?    ? A CYS 18  SG B ? ? 1_555 A CYS 28  SG ? ? A CYS 15  A CYS 25  1_555 ? ? ? ? ? ? ? 2.003 ? ? 
covale1  covale both ? A ALA 3   C  ? ? ? 1_555 A MSE 4   N  A ? A ALA 0   A MSE 1   1_555 ? ? ? ? ? ? ? 1.321 ? ? 
covale2  covale both ? A ALA 3   C  ? ? ? 1_555 A MSE 4   N  B ? A ALA 0   A MSE 1   1_555 ? ? ? ? ? ? ? 1.337 ? ? 
covale3  covale both ? A MSE 4   C  A ? ? 1_555 A LYS 5   N  A ? A MSE 1   A LYS 2   1_555 ? ? ? ? ? ? ? 1.334 ? ? 
covale4  covale both ? A MSE 4   C  B ? ? 1_555 A LYS 5   N  B ? A MSE 1   A LYS 2   1_555 ? ? ? ? ? ? ? 1.316 ? ? 
covale5  covale both ? A LEU 79  C  ? ? ? 1_555 A MSE 80  N  ? ? A LEU 76  A MSE 77  1_555 ? ? ? ? ? ? ? 1.334 ? ? 
covale6  covale both ? A MSE 80  C  ? ? ? 1_555 A GLU 81  N  A ? A MSE 77  A GLU 78  1_555 ? ? ? ? ? ? ? 1.336 ? ? 
covale7  covale both ? A MSE 80  C  ? ? ? 1_555 A GLU 81  N  B ? A MSE 77  A GLU 78  1_555 ? ? ? ? ? ? ? 1.336 ? ? 
covale8  covale both ? A LYS 103 C  ? ? ? 1_555 A MSE 104 N  ? ? A LYS 100 A MSE 101 1_555 ? ? ? ? ? ? ? 1.330 ? ? 
covale9  covale both ? A MSE 104 C  ? ? ? 1_555 A MSE 105 N  ? ? A MSE 101 A MSE 102 1_555 ? ? ? ? ? ? ? 1.330 ? ? 
covale10 covale both ? A MSE 105 C  ? ? ? 1_555 A TYR 106 N  ? ? A MSE 102 A TYR 103 1_555 ? ? ? ? ? ? ? 1.327 ? ? 
covale11 covale both ? A SER 113 C  ? ? ? 1_555 A MSE 114 N  ? ? A SER 110 A MSE 111 1_555 ? ? ? ? ? ? ? 1.324 ? ? 
covale12 covale both ? A MSE 114 C  ? ? ? 1_555 A ASP 115 N  ? ? A MSE 111 A ASP 112 1_555 ? ? ? ? ? ? ? 1.335 ? ? 
# 
loop_
_struct_conn_type.id 
_struct_conn_type.criteria 
_struct_conn_type.reference 
disulf ? ? 
covale ? ? 
# 
loop_
_pdbx_modification_feature.ordinal 
_pdbx_modification_feature.label_comp_id 
_pdbx_modification_feature.label_asym_id 
_pdbx_modification_feature.label_seq_id 
_pdbx_modification_feature.label_alt_id 
_pdbx_modification_feature.modified_residue_label_comp_id 
_pdbx_modification_feature.modified_residue_label_asym_id 
_pdbx_modification_feature.modified_residue_label_seq_id 
_pdbx_modification_feature.modified_residue_label_alt_id 
_pdbx_modification_feature.auth_comp_id 
_pdbx_modification_feature.auth_asym_id 
_pdbx_modification_feature.auth_seq_id 
_pdbx_modification_feature.PDB_ins_code 
_pdbx_modification_feature.symmetry 
_pdbx_modification_feature.modified_residue_auth_comp_id 
_pdbx_modification_feature.modified_residue_auth_asym_id 
_pdbx_modification_feature.modified_residue_auth_seq_id 
_pdbx_modification_feature.modified_residue_PDB_ins_code 
_pdbx_modification_feature.modified_residue_symmetry 
_pdbx_modification_feature.comp_id_linking_atom 
_pdbx_modification_feature.modified_residue_id_linking_atom 
_pdbx_modification_feature.modified_residue_id 
_pdbx_modification_feature.ref_pcm_id 
_pdbx_modification_feature.ref_comp_id 
_pdbx_modification_feature.type 
_pdbx_modification_feature.category 
1 MSE A 4   A .   . .  . MSE A 1   ? 1_555 .   . .  . .     .  .  MET 1 MSE Selenomethionine 'Named protein modification' 
2 MSE A 4   B .   . .  . MSE A 1   ? 1_555 .   . .  . .     .  .  MET 1 MSE Selenomethionine 'Named protein modification' 
3 MSE A 80  ? .   . .  . MSE A 77  ? 1_555 .   . .  . .     .  .  MET 1 MSE Selenomethionine 'Named protein modification' 
4 MSE A 104 ? .   . .  . MSE A 101 ? 1_555 .   . .  . .     .  .  MET 1 MSE Selenomethionine 'Named protein modification' 
5 MSE A 105 ? .   . .  . MSE A 102 ? 1_555 .   . .  . .     .  .  MET 1 MSE Selenomethionine 'Named protein modification' 
6 MSE A 114 ? .   . .  . MSE A 111 ? 1_555 .   . .  . .     .  .  MET 1 MSE Selenomethionine 'Named protein modification' 
7 CYS A 18  B CYS A 28 ? CYS A 15  ? 1_555 CYS A 25 ? 1_555 SG SG .   . .   None             'Disulfide bridge'           
# 
loop_
_struct_sheet.id 
_struct_sheet.type 
_struct_sheet.number_strands 
_struct_sheet.details 
A ? 5 ? 
B ? 2 ? 
C ? 3 ? 
# 
loop_
_struct_sheet_order.sheet_id 
_struct_sheet_order.range_id_1 
_struct_sheet_order.range_id_2 
_struct_sheet_order.offset 
_struct_sheet_order.sense 
A 1 2 ? anti-parallel 
A 2 3 ? anti-parallel 
A 3 4 ? anti-parallel 
A 4 5 ? anti-parallel 
B 1 2 ? anti-parallel 
C 1 2 ? anti-parallel 
C 2 3 ? anti-parallel 
# 
loop_
_struct_sheet_range.sheet_id 
_struct_sheet_range.id 
_struct_sheet_range.beg_label_comp_id 
_struct_sheet_range.beg_label_asym_id 
_struct_sheet_range.beg_label_seq_id 
_struct_sheet_range.pdbx_beg_PDB_ins_code 
_struct_sheet_range.end_label_comp_id 
_struct_sheet_range.end_label_asym_id 
_struct_sheet_range.end_label_seq_id 
_struct_sheet_range.pdbx_end_PDB_ins_code 
_struct_sheet_range.beg_auth_comp_id 
_struct_sheet_range.beg_auth_asym_id 
_struct_sheet_range.beg_auth_seq_id 
_struct_sheet_range.end_auth_comp_id 
_struct_sheet_range.end_auth_asym_id 
_struct_sheet_range.end_auth_seq_id 
A 1 ILE A 16  ? LYS A 21  ? ILE A 13  LYS A 18  
A 2 TRP A 25  ? ASN A 31  ? TRP A 22  ASN A 28  
A 3 LYS A 103 ? ASP A 109 ? LYS A 100 ASP A 106 
A 4 GLU A 52  ? ALA A 58  ? GLU A 49  ALA A 55  
A 5 TYR A 86  ? VAL A 88  ? TYR A 83  VAL A 85  
B 1 HIS A 43  ? HIS A 47  ? HIS A 40  HIS A 44  
B 2 SER A 117 ? ASP A 121 ? SER A 114 ASP A 118 
C 1 LYS A 72  ? LEU A 79  ? LYS A 69  LEU A 76  
C 2 ALA A 61  ? GLU A 69  ? ALA A 58  GLU A 66  
C 3 TRP A 93  ? THR A 98  ? TRP A 90  THR A 95  
# 
loop_
_pdbx_struct_sheet_hbond.sheet_id 
_pdbx_struct_sheet_hbond.range_id_1 
_pdbx_struct_sheet_hbond.range_id_2 
_pdbx_struct_sheet_hbond.range_1_label_atom_id 
_pdbx_struct_sheet_hbond.range_1_label_comp_id 
_pdbx_struct_sheet_hbond.range_1_label_asym_id 
_pdbx_struct_sheet_hbond.range_1_label_seq_id 
_pdbx_struct_sheet_hbond.range_1_PDB_ins_code 
_pdbx_struct_sheet_hbond.range_1_auth_atom_id 
_pdbx_struct_sheet_hbond.range_1_auth_comp_id 
_pdbx_struct_sheet_hbond.range_1_auth_asym_id 
_pdbx_struct_sheet_hbond.range_1_auth_seq_id 
_pdbx_struct_sheet_hbond.range_2_label_atom_id 
_pdbx_struct_sheet_hbond.range_2_label_comp_id 
_pdbx_struct_sheet_hbond.range_2_label_asym_id 
_pdbx_struct_sheet_hbond.range_2_label_seq_id 
_pdbx_struct_sheet_hbond.range_2_PDB_ins_code 
_pdbx_struct_sheet_hbond.range_2_auth_atom_id 
_pdbx_struct_sheet_hbond.range_2_auth_comp_id 
_pdbx_struct_sheet_hbond.range_2_auth_asym_id 
_pdbx_struct_sheet_hbond.range_2_auth_seq_id 
A 1 2 N LEU A 17  ? N LEU A 14  O ILE A 29  ? O ILE A 26  
A 2 3 N LYS A 30  ? N LYS A 27  O MSE A 104 ? O MSE A 101 
A 3 4 O LYS A 103 ? O LYS A 100 N SER A 57  ? N SER A 54  
A 4 5 N GLU A 52  ? N GLU A 49  O VAL A 88  ? O VAL A 85  
B 1 2 N ILE A 46  ? N ILE A 43  O ASP A 118 ? O ASP A 115 
C 1 2 O LYS A 72  ? O LYS A 69  N GLU A 69  ? N GLU A 66  
C 2 3 N ILE A 64  ? N ILE A 61  O TYR A 95  ? O TYR A 92  
# 
loop_
_struct_site.id 
_struct_site.pdbx_evidence_code 
_struct_site.pdbx_auth_asym_id 
_struct_site.pdbx_auth_comp_id 
_struct_site.pdbx_auth_seq_id 
_struct_site.pdbx_auth_ins_code 
_struct_site.pdbx_num_residues 
_struct_site.details 
AC1 Software A FMT 138 ? 6  'BINDING SITE FOR RESIDUE FMT A 138' 
AC2 Software A FMT 139 ? 7  'BINDING SITE FOR RESIDUE FMT A 139' 
AC3 Software A FMT 140 ? 7  'BINDING SITE FOR RESIDUE FMT A 140' 
AC4 Software A FMT 141 ? 5  'BINDING SITE FOR RESIDUE FMT A 141' 
AC5 Software A GOL 142 ? 10 'BINDING SITE FOR RESIDUE GOL A 142' 
# 
loop_
_struct_site_gen.id 
_struct_site_gen.site_id 
_struct_site_gen.pdbx_num_res 
_struct_site_gen.label_comp_id 
_struct_site_gen.label_asym_id 
_struct_site_gen.label_seq_id 
_struct_site_gen.pdbx_auth_ins_code 
_struct_site_gen.auth_comp_id 
_struct_site_gen.auth_asym_id 
_struct_site_gen.auth_seq_id 
_struct_site_gen.label_atom_id 
_struct_site_gen.label_alt_id 
_struct_site_gen.symmetry 
_struct_site_gen.details 
1  AC1 6  LYS A 33  ? LYS A 30  . ? 4_545 ? 
2  AC1 6  ASN A 133 ? ASN A 130 . ? 1_555 ? 
3  AC1 6  LYS A 140 ? LYS A 137 . ? 1_555 ? 
4  AC1 6  HOH G .   ? HOH A 202 . ? 1_555 ? 
5  AC1 6  HOH G .   ? HOH A 274 . ? 1_555 ? 
6  AC1 6  HOH G .   ? HOH A 318 . ? 4_545 ? 
7  AC2 7  ARG A 13  ? ARG A 10  . ? 1_555 ? 
8  AC2 7  GLU A 14  ? GLU A 11  . ? 1_555 ? 
9  AC2 7  ASN A 74  ? ASN A 71  . ? 4_655 ? 
10 AC2 7  ILE A 75  ? ILE A 72  . ? 4_655 ? 
11 AC2 7  TYR A 129 ? TYR A 126 . ? 4_655 ? 
12 AC2 7  HOH G .   ? HOH A 240 . ? 4_655 ? 
13 AC2 7  HOH G .   ? HOH A 314 . ? 1_555 ? 
14 AC3 7  SER A 49  ? SER A 46  . ? 1_555 ? 
15 AC3 7  THR A 50  ? THR A 47  . ? 1_555 ? 
16 AC3 7  ASP A 109 ? ASP A 106 . ? 1_555 ? 
17 AC3 7  ASN A 111 ? ASN A 108 . ? 1_555 ? 
18 AC3 7  ASN A 116 ? ASN A 113 . ? 1_555 ? 
19 AC3 7  HOH G .   ? HOH A 152 . ? 1_555 ? 
20 AC3 7  HOH G .   ? HOH A 293 . ? 1_555 ? 
21 AC4 5  ILE A 8   ? ILE A 5   . ? 5_555 ? 
22 AC4 5  LEU A 79  ? LEU A 76  . ? 1_555 ? 
23 AC4 5  GLU A 81  ? GLU A 78  . ? 1_555 ? 
24 AC4 5  LYS A 84  ? LYS A 81  . ? 1_555 ? 
25 AC4 5  TYR A 86  ? TYR A 83  . ? 1_555 ? 
26 AC5 10 ILE A 16  ? ILE A 13  . ? 1_555 ? 
27 AC5 10 LYS A 30  ? LYS A 27  . ? 1_555 ? 
28 AC5 10 GLU A 45  ? GLU A 42  . ? 1_555 ? 
29 AC5 10 HIS A 47  ? HIS A 44  . ? 1_555 ? 
30 AC5 10 GLU A 52  ? GLU A 49  . ? 1_555 ? 
31 AC5 10 TYR A 106 ? TYR A 103 . ? 1_555 ? 
32 AC5 10 GLN A 108 ? GLN A 105 . ? 1_555 ? 
33 AC5 10 LYS A 136 ? LYS A 133 . ? 4_655 ? 
34 AC5 10 HOH G .   ? HOH A 207 . ? 1_555 ? 
35 AC5 10 HOH G .   ? HOH A 236 . ? 1_555 ? 
# 
_pdbx_entry_details.entry_id                   3D0J 
_pdbx_entry_details.compound_details           ? 
_pdbx_entry_details.source_details             ? 
_pdbx_entry_details.nonpolymer_details         ? 
_pdbx_entry_details.sequence_details           ? 
_pdbx_entry_details.has_ligand_of_interest     ? 
_pdbx_entry_details.has_protein_modification   Y 
# 
loop_
_pdbx_validate_close_contact.id 
_pdbx_validate_close_contact.PDB_model_num 
_pdbx_validate_close_contact.auth_atom_id_1 
_pdbx_validate_close_contact.auth_asym_id_1 
_pdbx_validate_close_contact.auth_comp_id_1 
_pdbx_validate_close_contact.auth_seq_id_1 
_pdbx_validate_close_contact.PDB_ins_code_1 
_pdbx_validate_close_contact.label_alt_id_1 
_pdbx_validate_close_contact.auth_atom_id_2 
_pdbx_validate_close_contact.auth_asym_id_2 
_pdbx_validate_close_contact.auth_comp_id_2 
_pdbx_validate_close_contact.auth_seq_id_2 
_pdbx_validate_close_contact.PDB_ins_code_2 
_pdbx_validate_close_contact.label_alt_id_2 
_pdbx_validate_close_contact.dist 
1 1 O A HOH 231 ? ? O A HOH 253 ? ? 1.95 
2 1 O A SER 46  ? A O A HOH 311 ? ? 2.07 
3 1 O A HOH 178 ? ? O A HOH 236 ? ? 2.10 
4 1 O A ASN 108 ? A O A HOH 299 ? ? 2.11 
5 1 O A HOH 216 ? ? O A HOH 293 ? ? 2.16 
# 
loop_
_pdbx_validate_symm_contact.id 
_pdbx_validate_symm_contact.PDB_model_num 
_pdbx_validate_symm_contact.auth_atom_id_1 
_pdbx_validate_symm_contact.auth_asym_id_1 
_pdbx_validate_symm_contact.auth_comp_id_1 
_pdbx_validate_symm_contact.auth_seq_id_1 
_pdbx_validate_symm_contact.PDB_ins_code_1 
_pdbx_validate_symm_contact.label_alt_id_1 
_pdbx_validate_symm_contact.site_symmetry_1 
_pdbx_validate_symm_contact.auth_atom_id_2 
_pdbx_validate_symm_contact.auth_asym_id_2 
_pdbx_validate_symm_contact.auth_comp_id_2 
_pdbx_validate_symm_contact.auth_seq_id_2 
_pdbx_validate_symm_contact.PDB_ins_code_2 
_pdbx_validate_symm_contact.label_alt_id_2 
_pdbx_validate_symm_contact.site_symmetry_2 
_pdbx_validate_symm_contact.dist 
1 1 ND2 A ASN 130 ? ? 1_555 O A HOH 284 ? ? 4_545 2.10 
2 1 O   A HOH 314 ? ? 1_555 O A HOH 322 ? ? 4_655 2.13 
3 1 O   A HOH 283 ? ? 1_555 O A HOH 315 ? ? 4_655 2.15 
# 
loop_
_pdbx_validate_torsion.id 
_pdbx_validate_torsion.PDB_model_num 
_pdbx_validate_torsion.auth_comp_id 
_pdbx_validate_torsion.auth_asym_id 
_pdbx_validate_torsion.auth_seq_id 
_pdbx_validate_torsion.PDB_ins_code 
_pdbx_validate_torsion.label_alt_id 
_pdbx_validate_torsion.phi 
_pdbx_validate_torsion.psi 
1 1 ASN A 19 ? ? -123.35 -161.98 
2 1 LYS A 21 ? ? -123.96 -53.28  
3 1 ALA A 39 ? ? -144.20 -18.49  
4 1 ALA A 39 ? ? -151.47 -18.49  
5 1 SER A 46 ? B -142.68 29.79   
6 1 ASN A 67 ? ? 51.69   -119.51 
# 
_pdbx_SG_project.id                    1 
_pdbx_SG_project.project_name          'PSI, Protein Structure Initiative' 
_pdbx_SG_project.full_name_of_center   'Midwest Center for Structural Genomics' 
_pdbx_SG_project.initial_of_center     MCSG 
# 
loop_
_pdbx_struct_mod_residue.id 
_pdbx_struct_mod_residue.label_asym_id 
_pdbx_struct_mod_residue.label_comp_id 
_pdbx_struct_mod_residue.label_seq_id 
_pdbx_struct_mod_residue.auth_asym_id 
_pdbx_struct_mod_residue.auth_comp_id 
_pdbx_struct_mod_residue.auth_seq_id 
_pdbx_struct_mod_residue.PDB_ins_code 
_pdbx_struct_mod_residue.parent_comp_id 
_pdbx_struct_mod_residue.details 
1 A MSE 4   A MSE 1   ? MET SELENOMETHIONINE 
2 A MSE 80  A MSE 77  ? MET SELENOMETHIONINE 
3 A MSE 104 A MSE 101 ? MET SELENOMETHIONINE 
4 A MSE 105 A MSE 102 ? MET SELENOMETHIONINE 
5 A MSE 114 A MSE 111 ? MET SELENOMETHIONINE 
# 
loop_
_pdbx_struct_special_symmetry.id 
_pdbx_struct_special_symmetry.PDB_model_num 
_pdbx_struct_special_symmetry.auth_asym_id 
_pdbx_struct_special_symmetry.auth_comp_id 
_pdbx_struct_special_symmetry.auth_seq_id 
_pdbx_struct_special_symmetry.PDB_ins_code 
_pdbx_struct_special_symmetry.label_asym_id 
_pdbx_struct_special_symmetry.label_comp_id 
_pdbx_struct_special_symmetry.label_seq_id 
1 1 A HOH 151 ? G HOH . 
2 1 A HOH 295 ? G HOH . 
# 
_pdbx_refine_tls.id               1 
_pdbx_refine_tls.details          ? 
_pdbx_refine_tls.method           refined 
_pdbx_refine_tls.origin_x         -0.3814 
_pdbx_refine_tls.origin_y         0.0989 
_pdbx_refine_tls.origin_z         -0.1558 
_pdbx_refine_tls.T[1][1]          -0.0472 
_pdbx_refine_tls.T[2][2]          0.0019 
_pdbx_refine_tls.T[3][3]          -0.0359 
_pdbx_refine_tls.T[1][2]          -0.0102 
_pdbx_refine_tls.T[1][3]          0.0207 
_pdbx_refine_tls.T[2][3]          -0.0081 
_pdbx_refine_tls.L[1][1]          0.7710 
_pdbx_refine_tls.L[2][2]          0.1816 
_pdbx_refine_tls.L[3][3]          0.4736 
_pdbx_refine_tls.L[1][2]          0.0886 
_pdbx_refine_tls.L[1][3]          0.4111 
_pdbx_refine_tls.L[2][3]          0.0678 
_pdbx_refine_tls.S[1][1]          0.0224 
_pdbx_refine_tls.S[1][2]          0.1167 
_pdbx_refine_tls.S[1][3]          -0.0510 
_pdbx_refine_tls.S[2][1]          0.0208 
_pdbx_refine_tls.S[2][2]          -0.0138 
_pdbx_refine_tls.S[2][3]          -0.0097 
_pdbx_refine_tls.S[3][1]          -0.0130 
_pdbx_refine_tls.S[3][2]          0.0016 
_pdbx_refine_tls.S[3][3]          -0.0086 
_pdbx_refine_tls.pdbx_refine_id   'X-RAY DIFFRACTION' 
# 
_pdbx_refine_tls_group.id                  1 
_pdbx_refine_tls_group.refine_tls_id       1 
_pdbx_refine_tls_group.beg_auth_asym_id    A 
_pdbx_refine_tls_group.beg_auth_seq_id     0 
_pdbx_refine_tls_group.beg_label_asym_id   A 
_pdbx_refine_tls_group.beg_label_seq_id    3 
_pdbx_refine_tls_group.end_auth_asym_id    A 
_pdbx_refine_tls_group.end_auth_seq_id     137 
_pdbx_refine_tls_group.end_label_asym_id   A 
_pdbx_refine_tls_group.end_label_seq_id    140 
_pdbx_refine_tls_group.selection           ? 
_pdbx_refine_tls_group.pdbx_refine_id      'X-RAY DIFFRACTION' 
_pdbx_refine_tls_group.selection_details   ? 
# 
loop_
_pdbx_unobs_or_zero_occ_residues.id 
_pdbx_unobs_or_zero_occ_residues.PDB_model_num 
_pdbx_unobs_or_zero_occ_residues.polymer_flag 
_pdbx_unobs_or_zero_occ_residues.occupancy_flag 
_pdbx_unobs_or_zero_occ_residues.auth_asym_id 
_pdbx_unobs_or_zero_occ_residues.auth_comp_id 
_pdbx_unobs_or_zero_occ_residues.auth_seq_id 
_pdbx_unobs_or_zero_occ_residues.PDB_ins_code 
_pdbx_unobs_or_zero_occ_residues.label_asym_id 
_pdbx_unobs_or_zero_occ_residues.label_comp_id 
_pdbx_unobs_or_zero_occ_residues.label_seq_id 
1 1 Y 1 A SER -2 ? A SER 1 
2 1 Y 1 A ASN -1 ? A ASN 2 
# 
loop_
_chem_comp_atom.comp_id 
_chem_comp_atom.atom_id 
_chem_comp_atom.type_symbol 
_chem_comp_atom.pdbx_aromatic_flag 
_chem_comp_atom.pdbx_stereo_config 
_chem_comp_atom.pdbx_ordinal 
ALA N    N  N N 1   
ALA CA   C  N S 2   
ALA C    C  N N 3   
ALA O    O  N N 4   
ALA CB   C  N N 5   
ALA OXT  O  N N 6   
ALA H    H  N N 7   
ALA H2   H  N N 8   
ALA HA   H  N N 9   
ALA HB1  H  N N 10  
ALA HB2  H  N N 11  
ALA HB3  H  N N 12  
ALA HXT  H  N N 13  
ARG N    N  N N 14  
ARG CA   C  N S 15  
ARG C    C  N N 16  
ARG O    O  N N 17  
ARG CB   C  N N 18  
ARG CG   C  N N 19  
ARG CD   C  N N 20  
ARG NE   N  N N 21  
ARG CZ   C  N N 22  
ARG NH1  N  N N 23  
ARG NH2  N  N N 24  
ARG OXT  O  N N 25  
ARG H    H  N N 26  
ARG H2   H  N N 27  
ARG HA   H  N N 28  
ARG HB2  H  N N 29  
ARG HB3  H  N N 30  
ARG HG2  H  N N 31  
ARG HG3  H  N N 32  
ARG HD2  H  N N 33  
ARG HD3  H  N N 34  
ARG HE   H  N N 35  
ARG HH11 H  N N 36  
ARG HH12 H  N N 37  
ARG HH21 H  N N 38  
ARG HH22 H  N N 39  
ARG HXT  H  N N 40  
ASN N    N  N N 41  
ASN CA   C  N S 42  
ASN C    C  N N 43  
ASN O    O  N N 44  
ASN CB   C  N N 45  
ASN CG   C  N N 46  
ASN OD1  O  N N 47  
ASN ND2  N  N N 48  
ASN OXT  O  N N 49  
ASN H    H  N N 50  
ASN H2   H  N N 51  
ASN HA   H  N N 52  
ASN HB2  H  N N 53  
ASN HB3  H  N N 54  
ASN HD21 H  N N 55  
ASN HD22 H  N N 56  
ASN HXT  H  N N 57  
ASP N    N  N N 58  
ASP CA   C  N S 59  
ASP C    C  N N 60  
ASP O    O  N N 61  
ASP CB   C  N N 62  
ASP CG   C  N N 63  
ASP OD1  O  N N 64  
ASP OD2  O  N N 65  
ASP OXT  O  N N 66  
ASP H    H  N N 67  
ASP H2   H  N N 68  
ASP HA   H  N N 69  
ASP HB2  H  N N 70  
ASP HB3  H  N N 71  
ASP HD2  H  N N 72  
ASP HXT  H  N N 73  
CYS N    N  N N 74  
CYS CA   C  N R 75  
CYS C    C  N N 76  
CYS O    O  N N 77  
CYS CB   C  N N 78  
CYS SG   S  N N 79  
CYS OXT  O  N N 80  
CYS H    H  N N 81  
CYS H2   H  N N 82  
CYS HA   H  N N 83  
CYS HB2  H  N N 84  
CYS HB3  H  N N 85  
CYS HG   H  N N 86  
CYS HXT  H  N N 87  
FMT C    C  N N 88  
FMT O1   O  N N 89  
FMT O2   O  N N 90  
FMT H    H  N N 91  
FMT HO2  H  N N 92  
GLN N    N  N N 93  
GLN CA   C  N S 94  
GLN C    C  N N 95  
GLN O    O  N N 96  
GLN CB   C  N N 97  
GLN CG   C  N N 98  
GLN CD   C  N N 99  
GLN OE1  O  N N 100 
GLN NE2  N  N N 101 
GLN OXT  O  N N 102 
GLN H    H  N N 103 
GLN H2   H  N N 104 
GLN HA   H  N N 105 
GLN HB2  H  N N 106 
GLN HB3  H  N N 107 
GLN HG2  H  N N 108 
GLN HG3  H  N N 109 
GLN HE21 H  N N 110 
GLN HE22 H  N N 111 
GLN HXT  H  N N 112 
GLU N    N  N N 113 
GLU CA   C  N S 114 
GLU C    C  N N 115 
GLU O    O  N N 116 
GLU CB   C  N N 117 
GLU CG   C  N N 118 
GLU CD   C  N N 119 
GLU OE1  O  N N 120 
GLU OE2  O  N N 121 
GLU OXT  O  N N 122 
GLU H    H  N N 123 
GLU H2   H  N N 124 
GLU HA   H  N N 125 
GLU HB2  H  N N 126 
GLU HB3  H  N N 127 
GLU HG2  H  N N 128 
GLU HG3  H  N N 129 
GLU HE2  H  N N 130 
GLU HXT  H  N N 131 
GLY N    N  N N 132 
GLY CA   C  N N 133 
GLY C    C  N N 134 
GLY O    O  N N 135 
GLY OXT  O  N N 136 
GLY H    H  N N 137 
GLY H2   H  N N 138 
GLY HA2  H  N N 139 
GLY HA3  H  N N 140 
GLY HXT  H  N N 141 
GOL C1   C  N N 142 
GOL O1   O  N N 143 
GOL C2   C  N N 144 
GOL O2   O  N N 145 
GOL C3   C  N N 146 
GOL O3   O  N N 147 
GOL H11  H  N N 148 
GOL H12  H  N N 149 
GOL HO1  H  N N 150 
GOL H2   H  N N 151 
GOL HO2  H  N N 152 
GOL H31  H  N N 153 
GOL H32  H  N N 154 
GOL HO3  H  N N 155 
HIS N    N  N N 156 
HIS CA   C  N S 157 
HIS C    C  N N 158 
HIS O    O  N N 159 
HIS CB   C  N N 160 
HIS CG   C  Y N 161 
HIS ND1  N  Y N 162 
HIS CD2  C  Y N 163 
HIS CE1  C  Y N 164 
HIS NE2  N  Y N 165 
HIS OXT  O  N N 166 
HIS H    H  N N 167 
HIS H2   H  N N 168 
HIS HA   H  N N 169 
HIS HB2  H  N N 170 
HIS HB3  H  N N 171 
HIS HD1  H  N N 172 
HIS HD2  H  N N 173 
HIS HE1  H  N N 174 
HIS HE2  H  N N 175 
HIS HXT  H  N N 176 
HOH O    O  N N 177 
HOH H1   H  N N 178 
HOH H2   H  N N 179 
ILE N    N  N N 180 
ILE CA   C  N S 181 
ILE C    C  N N 182 
ILE O    O  N N 183 
ILE CB   C  N S 184 
ILE CG1  C  N N 185 
ILE CG2  C  N N 186 
ILE CD1  C  N N 187 
ILE OXT  O  N N 188 
ILE H    H  N N 189 
ILE H2   H  N N 190 
ILE HA   H  N N 191 
ILE HB   H  N N 192 
ILE HG12 H  N N 193 
ILE HG13 H  N N 194 
ILE HG21 H  N N 195 
ILE HG22 H  N N 196 
ILE HG23 H  N N 197 
ILE HD11 H  N N 198 
ILE HD12 H  N N 199 
ILE HD13 H  N N 200 
ILE HXT  H  N N 201 
LEU N    N  N N 202 
LEU CA   C  N S 203 
LEU C    C  N N 204 
LEU O    O  N N 205 
LEU CB   C  N N 206 
LEU CG   C  N N 207 
LEU CD1  C  N N 208 
LEU CD2  C  N N 209 
LEU OXT  O  N N 210 
LEU H    H  N N 211 
LEU H2   H  N N 212 
LEU HA   H  N N 213 
LEU HB2  H  N N 214 
LEU HB3  H  N N 215 
LEU HG   H  N N 216 
LEU HD11 H  N N 217 
LEU HD12 H  N N 218 
LEU HD13 H  N N 219 
LEU HD21 H  N N 220 
LEU HD22 H  N N 221 
LEU HD23 H  N N 222 
LEU HXT  H  N N 223 
LYS N    N  N N 224 
LYS CA   C  N S 225 
LYS C    C  N N 226 
LYS O    O  N N 227 
LYS CB   C  N N 228 
LYS CG   C  N N 229 
LYS CD   C  N N 230 
LYS CE   C  N N 231 
LYS NZ   N  N N 232 
LYS OXT  O  N N 233 
LYS H    H  N N 234 
LYS H2   H  N N 235 
LYS HA   H  N N 236 
LYS HB2  H  N N 237 
LYS HB3  H  N N 238 
LYS HG2  H  N N 239 
LYS HG3  H  N N 240 
LYS HD2  H  N N 241 
LYS HD3  H  N N 242 
LYS HE2  H  N N 243 
LYS HE3  H  N N 244 
LYS HZ1  H  N N 245 
LYS HZ2  H  N N 246 
LYS HZ3  H  N N 247 
LYS HXT  H  N N 248 
MSE N    N  N N 249 
MSE CA   C  N S 250 
MSE C    C  N N 251 
MSE O    O  N N 252 
MSE OXT  O  N N 253 
MSE CB   C  N N 254 
MSE CG   C  N N 255 
MSE SE   SE N N 256 
MSE CE   C  N N 257 
MSE H    H  N N 258 
MSE H2   H  N N 259 
MSE HA   H  N N 260 
MSE HXT  H  N N 261 
MSE HB2  H  N N 262 
MSE HB3  H  N N 263 
MSE HG2  H  N N 264 
MSE HG3  H  N N 265 
MSE HE1  H  N N 266 
MSE HE2  H  N N 267 
MSE HE3  H  N N 268 
PHE N    N  N N 269 
PHE CA   C  N S 270 
PHE C    C  N N 271 
PHE O    O  N N 272 
PHE CB   C  N N 273 
PHE CG   C  Y N 274 
PHE CD1  C  Y N 275 
PHE CD2  C  Y N 276 
PHE CE1  C  Y N 277 
PHE CE2  C  Y N 278 
PHE CZ   C  Y N 279 
PHE OXT  O  N N 280 
PHE H    H  N N 281 
PHE H2   H  N N 282 
PHE HA   H  N N 283 
PHE HB2  H  N N 284 
PHE HB3  H  N N 285 
PHE HD1  H  N N 286 
PHE HD2  H  N N 287 
PHE HE1  H  N N 288 
PHE HE2  H  N N 289 
PHE HZ   H  N N 290 
PHE HXT  H  N N 291 
PRO N    N  N N 292 
PRO CA   C  N S 293 
PRO C    C  N N 294 
PRO O    O  N N 295 
PRO CB   C  N N 296 
PRO CG   C  N N 297 
PRO CD   C  N N 298 
PRO OXT  O  N N 299 
PRO H    H  N N 300 
PRO HA   H  N N 301 
PRO HB2  H  N N 302 
PRO HB3  H  N N 303 
PRO HG2  H  N N 304 
PRO HG3  H  N N 305 
PRO HD2  H  N N 306 
PRO HD3  H  N N 307 
PRO HXT  H  N N 308 
SER N    N  N N 309 
SER CA   C  N S 310 
SER C    C  N N 311 
SER O    O  N N 312 
SER CB   C  N N 313 
SER OG   O  N N 314 
SER OXT  O  N N 315 
SER H    H  N N 316 
SER H2   H  N N 317 
SER HA   H  N N 318 
SER HB2  H  N N 319 
SER HB3  H  N N 320 
SER HG   H  N N 321 
SER HXT  H  N N 322 
THR N    N  N N 323 
THR CA   C  N S 324 
THR C    C  N N 325 
THR O    O  N N 326 
THR CB   C  N R 327 
THR OG1  O  N N 328 
THR CG2  C  N N 329 
THR OXT  O  N N 330 
THR H    H  N N 331 
THR H2   H  N N 332 
THR HA   H  N N 333 
THR HB   H  N N 334 
THR HG1  H  N N 335 
THR HG21 H  N N 336 
THR HG22 H  N N 337 
THR HG23 H  N N 338 
THR HXT  H  N N 339 
TRP N    N  N N 340 
TRP CA   C  N S 341 
TRP C    C  N N 342 
TRP O    O  N N 343 
TRP CB   C  N N 344 
TRP CG   C  Y N 345 
TRP CD1  C  Y N 346 
TRP CD2  C  Y N 347 
TRP NE1  N  Y N 348 
TRP CE2  C  Y N 349 
TRP CE3  C  Y N 350 
TRP CZ2  C  Y N 351 
TRP CZ3  C  Y N 352 
TRP CH2  C  Y N 353 
TRP OXT  O  N N 354 
TRP H    H  N N 355 
TRP H2   H  N N 356 
TRP HA   H  N N 357 
TRP HB2  H  N N 358 
TRP HB3  H  N N 359 
TRP HD1  H  N N 360 
TRP HE1  H  N N 361 
TRP HE3  H  N N 362 
TRP HZ2  H  N N 363 
TRP HZ3  H  N N 364 
TRP HH2  H  N N 365 
TRP HXT  H  N N 366 
TYR N    N  N N 367 
TYR CA   C  N S 368 
TYR C    C  N N 369 
TYR O    O  N N 370 
TYR CB   C  N N 371 
TYR CG   C  Y N 372 
TYR CD1  C  Y N 373 
TYR CD2  C  Y N 374 
TYR CE1  C  Y N 375 
TYR CE2  C  Y N 376 
TYR CZ   C  Y N 377 
TYR OH   O  N N 378 
TYR OXT  O  N N 379 
TYR H    H  N N 380 
TYR H2   H  N N 381 
TYR HA   H  N N 382 
TYR HB2  H  N N 383 
TYR HB3  H  N N 384 
TYR HD1  H  N N 385 
TYR HD2  H  N N 386 
TYR HE1  H  N N 387 
TYR HE2  H  N N 388 
TYR HH   H  N N 389 
TYR HXT  H  N N 390 
VAL N    N  N N 391 
VAL CA   C  N S 392 
VAL C    C  N N 393 
VAL O    O  N N 394 
VAL CB   C  N N 395 
VAL CG1  C  N N 396 
VAL CG2  C  N N 397 
VAL OXT  O  N N 398 
VAL H    H  N N 399 
VAL H2   H  N N 400 
VAL HA   H  N N 401 
VAL HB   H  N N 402 
VAL HG11 H  N N 403 
VAL HG12 H  N N 404 
VAL HG13 H  N N 405 
VAL HG21 H  N N 406 
VAL HG22 H  N N 407 
VAL HG23 H  N N 408 
VAL HXT  H  N N 409 
# 
loop_
_chem_comp_bond.comp_id 
_chem_comp_bond.atom_id_1 
_chem_comp_bond.atom_id_2 
_chem_comp_bond.value_order 
_chem_comp_bond.pdbx_aromatic_flag 
_chem_comp_bond.pdbx_stereo_config 
_chem_comp_bond.pdbx_ordinal 
ALA N   CA   sing N N 1   
ALA N   H    sing N N 2   
ALA N   H2   sing N N 3   
ALA CA  C    sing N N 4   
ALA CA  CB   sing N N 5   
ALA CA  HA   sing N N 6   
ALA C   O    doub N N 7   
ALA C   OXT  sing N N 8   
ALA CB  HB1  sing N N 9   
ALA CB  HB2  sing N N 10  
ALA CB  HB3  sing N N 11  
ALA OXT HXT  sing N N 12  
ARG N   CA   sing N N 13  
ARG N   H    sing N N 14  
ARG N   H2   sing N N 15  
ARG CA  C    sing N N 16  
ARG CA  CB   sing N N 17  
ARG CA  HA   sing N N 18  
ARG C   O    doub N N 19  
ARG C   OXT  sing N N 20  
ARG CB  CG   sing N N 21  
ARG CB  HB2  sing N N 22  
ARG CB  HB3  sing N N 23  
ARG CG  CD   sing N N 24  
ARG CG  HG2  sing N N 25  
ARG CG  HG3  sing N N 26  
ARG CD  NE   sing N N 27  
ARG CD  HD2  sing N N 28  
ARG CD  HD3  sing N N 29  
ARG NE  CZ   sing N N 30  
ARG NE  HE   sing N N 31  
ARG CZ  NH1  sing N N 32  
ARG CZ  NH2  doub N N 33  
ARG NH1 HH11 sing N N 34  
ARG NH1 HH12 sing N N 35  
ARG NH2 HH21 sing N N 36  
ARG NH2 HH22 sing N N 37  
ARG OXT HXT  sing N N 38  
ASN N   CA   sing N N 39  
ASN N   H    sing N N 40  
ASN N   H2   sing N N 41  
ASN CA  C    sing N N 42  
ASN CA  CB   sing N N 43  
ASN CA  HA   sing N N 44  
ASN C   O    doub N N 45  
ASN C   OXT  sing N N 46  
ASN CB  CG   sing N N 47  
ASN CB  HB2  sing N N 48  
ASN CB  HB3  sing N N 49  
ASN CG  OD1  doub N N 50  
ASN CG  ND2  sing N N 51  
ASN ND2 HD21 sing N N 52  
ASN ND2 HD22 sing N N 53  
ASN OXT HXT  sing N N 54  
ASP N   CA   sing N N 55  
ASP N   H    sing N N 56  
ASP N   H2   sing N N 57  
ASP CA  C    sing N N 58  
ASP CA  CB   sing N N 59  
ASP CA  HA   sing N N 60  
ASP C   O    doub N N 61  
ASP C   OXT  sing N N 62  
ASP CB  CG   sing N N 63  
ASP CB  HB2  sing N N 64  
ASP CB  HB3  sing N N 65  
ASP CG  OD1  doub N N 66  
ASP CG  OD2  sing N N 67  
ASP OD2 HD2  sing N N 68  
ASP OXT HXT  sing N N 69  
CYS N   CA   sing N N 70  
CYS N   H    sing N N 71  
CYS N   H2   sing N N 72  
CYS CA  C    sing N N 73  
CYS CA  CB   sing N N 74  
CYS CA  HA   sing N N 75  
CYS C   O    doub N N 76  
CYS C   OXT  sing N N 77  
CYS CB  SG   sing N N 78  
CYS CB  HB2  sing N N 79  
CYS CB  HB3  sing N N 80  
CYS SG  HG   sing N N 81  
CYS OXT HXT  sing N N 82  
FMT C   O1   doub N N 83  
FMT C   O2   sing N N 84  
FMT C   H    sing N N 85  
FMT O2  HO2  sing N N 86  
GLN N   CA   sing N N 87  
GLN N   H    sing N N 88  
GLN N   H2   sing N N 89  
GLN CA  C    sing N N 90  
GLN CA  CB   sing N N 91  
GLN CA  HA   sing N N 92  
GLN C   O    doub N N 93  
GLN C   OXT  sing N N 94  
GLN CB  CG   sing N N 95  
GLN CB  HB2  sing N N 96  
GLN CB  HB3  sing N N 97  
GLN CG  CD   sing N N 98  
GLN CG  HG2  sing N N 99  
GLN CG  HG3  sing N N 100 
GLN CD  OE1  doub N N 101 
GLN CD  NE2  sing N N 102 
GLN NE2 HE21 sing N N 103 
GLN NE2 HE22 sing N N 104 
GLN OXT HXT  sing N N 105 
GLU N   CA   sing N N 106 
GLU N   H    sing N N 107 
GLU N   H2   sing N N 108 
GLU CA  C    sing N N 109 
GLU CA  CB   sing N N 110 
GLU CA  HA   sing N N 111 
GLU C   O    doub N N 112 
GLU C   OXT  sing N N 113 
GLU CB  CG   sing N N 114 
GLU CB  HB2  sing N N 115 
GLU CB  HB3  sing N N 116 
GLU CG  CD   sing N N 117 
GLU CG  HG2  sing N N 118 
GLU CG  HG3  sing N N 119 
GLU CD  OE1  doub N N 120 
GLU CD  OE2  sing N N 121 
GLU OE2 HE2  sing N N 122 
GLU OXT HXT  sing N N 123 
GLY N   CA   sing N N 124 
GLY N   H    sing N N 125 
GLY N   H2   sing N N 126 
GLY CA  C    sing N N 127 
GLY CA  HA2  sing N N 128 
GLY CA  HA3  sing N N 129 
GLY C   O    doub N N 130 
GLY C   OXT  sing N N 131 
GLY OXT HXT  sing N N 132 
GOL C1  O1   sing N N 133 
GOL C1  C2   sing N N 134 
GOL C1  H11  sing N N 135 
GOL C1  H12  sing N N 136 
GOL O1  HO1  sing N N 137 
GOL C2  O2   sing N N 138 
GOL C2  C3   sing N N 139 
GOL C2  H2   sing N N 140 
GOL O2  HO2  sing N N 141 
GOL C3  O3   sing N N 142 
GOL C3  H31  sing N N 143 
GOL C3  H32  sing N N 144 
GOL O3  HO3  sing N N 145 
HIS N   CA   sing N N 146 
HIS N   H    sing N N 147 
HIS N   H2   sing N N 148 
HIS CA  C    sing N N 149 
HIS CA  CB   sing N N 150 
HIS CA  HA   sing N N 151 
HIS C   O    doub N N 152 
HIS C   OXT  sing N N 153 
HIS CB  CG   sing N N 154 
HIS CB  HB2  sing N N 155 
HIS CB  HB3  sing N N 156 
HIS CG  ND1  sing Y N 157 
HIS CG  CD2  doub Y N 158 
HIS ND1 CE1  doub Y N 159 
HIS ND1 HD1  sing N N 160 
HIS CD2 NE2  sing Y N 161 
HIS CD2 HD2  sing N N 162 
HIS CE1 NE2  sing Y N 163 
HIS CE1 HE1  sing N N 164 
HIS NE2 HE2  sing N N 165 
HIS OXT HXT  sing N N 166 
HOH O   H1   sing N N 167 
HOH O   H2   sing N N 168 
ILE N   CA   sing N N 169 
ILE N   H    sing N N 170 
ILE N   H2   sing N N 171 
ILE CA  C    sing N N 172 
ILE CA  CB   sing N N 173 
ILE CA  HA   sing N N 174 
ILE C   O    doub N N 175 
ILE C   OXT  sing N N 176 
ILE CB  CG1  sing N N 177 
ILE CB  CG2  sing N N 178 
ILE CB  HB   sing N N 179 
ILE CG1 CD1  sing N N 180 
ILE CG1 HG12 sing N N 181 
ILE CG1 HG13 sing N N 182 
ILE CG2 HG21 sing N N 183 
ILE CG2 HG22 sing N N 184 
ILE CG2 HG23 sing N N 185 
ILE CD1 HD11 sing N N 186 
ILE CD1 HD12 sing N N 187 
ILE CD1 HD13 sing N N 188 
ILE OXT HXT  sing N N 189 
LEU N   CA   sing N N 190 
LEU N   H    sing N N 191 
LEU N   H2   sing N N 192 
LEU CA  C    sing N N 193 
LEU CA  CB   sing N N 194 
LEU CA  HA   sing N N 195 
LEU C   O    doub N N 196 
LEU C   OXT  sing N N 197 
LEU CB  CG   sing N N 198 
LEU CB  HB2  sing N N 199 
LEU CB  HB3  sing N N 200 
LEU CG  CD1  sing N N 201 
LEU CG  CD2  sing N N 202 
LEU CG  HG   sing N N 203 
LEU CD1 HD11 sing N N 204 
LEU CD1 HD12 sing N N 205 
LEU CD1 HD13 sing N N 206 
LEU CD2 HD21 sing N N 207 
LEU CD2 HD22 sing N N 208 
LEU CD2 HD23 sing N N 209 
LEU OXT HXT  sing N N 210 
LYS N   CA   sing N N 211 
LYS N   H    sing N N 212 
LYS N   H2   sing N N 213 
LYS CA  C    sing N N 214 
LYS CA  CB   sing N N 215 
LYS CA  HA   sing N N 216 
LYS C   O    doub N N 217 
LYS C   OXT  sing N N 218 
LYS CB  CG   sing N N 219 
LYS CB  HB2  sing N N 220 
LYS CB  HB3  sing N N 221 
LYS CG  CD   sing N N 222 
LYS CG  HG2  sing N N 223 
LYS CG  HG3  sing N N 224 
LYS CD  CE   sing N N 225 
LYS CD  HD2  sing N N 226 
LYS CD  HD3  sing N N 227 
LYS CE  NZ   sing N N 228 
LYS CE  HE2  sing N N 229 
LYS CE  HE3  sing N N 230 
LYS NZ  HZ1  sing N N 231 
LYS NZ  HZ2  sing N N 232 
LYS NZ  HZ3  sing N N 233 
LYS OXT HXT  sing N N 234 
MSE N   CA   sing N N 235 
MSE N   H    sing N N 236 
MSE N   H2   sing N N 237 
MSE CA  C    sing N N 238 
MSE CA  CB   sing N N 239 
MSE CA  HA   sing N N 240 
MSE C   O    doub N N 241 
MSE C   OXT  sing N N 242 
MSE OXT HXT  sing N N 243 
MSE CB  CG   sing N N 244 
MSE CB  HB2  sing N N 245 
MSE CB  HB3  sing N N 246 
MSE CG  SE   sing N N 247 
MSE CG  HG2  sing N N 248 
MSE CG  HG3  sing N N 249 
MSE SE  CE   sing N N 250 
MSE CE  HE1  sing N N 251 
MSE CE  HE2  sing N N 252 
MSE CE  HE3  sing N N 253 
PHE N   CA   sing N N 254 
PHE N   H    sing N N 255 
PHE N   H2   sing N N 256 
PHE CA  C    sing N N 257 
PHE CA  CB   sing N N 258 
PHE CA  HA   sing N N 259 
PHE C   O    doub N N 260 
PHE C   OXT  sing N N 261 
PHE CB  CG   sing N N 262 
PHE CB  HB2  sing N N 263 
PHE CB  HB3  sing N N 264 
PHE CG  CD1  doub Y N 265 
PHE CG  CD2  sing Y N 266 
PHE CD1 CE1  sing Y N 267 
PHE CD1 HD1  sing N N 268 
PHE CD2 CE2  doub Y N 269 
PHE CD2 HD2  sing N N 270 
PHE CE1 CZ   doub Y N 271 
PHE CE1 HE1  sing N N 272 
PHE CE2 CZ   sing Y N 273 
PHE CE2 HE2  sing N N 274 
PHE CZ  HZ   sing N N 275 
PHE OXT HXT  sing N N 276 
PRO N   CA   sing N N 277 
PRO N   CD   sing N N 278 
PRO N   H    sing N N 279 
PRO CA  C    sing N N 280 
PRO CA  CB   sing N N 281 
PRO CA  HA   sing N N 282 
PRO C   O    doub N N 283 
PRO C   OXT  sing N N 284 
PRO CB  CG   sing N N 285 
PRO CB  HB2  sing N N 286 
PRO CB  HB3  sing N N 287 
PRO CG  CD   sing N N 288 
PRO CG  HG2  sing N N 289 
PRO CG  HG3  sing N N 290 
PRO CD  HD2  sing N N 291 
PRO CD  HD3  sing N N 292 
PRO OXT HXT  sing N N 293 
SER N   CA   sing N N 294 
SER N   H    sing N N 295 
SER N   H2   sing N N 296 
SER CA  C    sing N N 297 
SER CA  CB   sing N N 298 
SER CA  HA   sing N N 299 
SER C   O    doub N N 300 
SER C   OXT  sing N N 301 
SER CB  OG   sing N N 302 
SER CB  HB2  sing N N 303 
SER CB  HB3  sing N N 304 
SER OG  HG   sing N N 305 
SER OXT HXT  sing N N 306 
THR N   CA   sing N N 307 
THR N   H    sing N N 308 
THR N   H2   sing N N 309 
THR CA  C    sing N N 310 
THR CA  CB   sing N N 311 
THR CA  HA   sing N N 312 
THR C   O    doub N N 313 
THR C   OXT  sing N N 314 
THR CB  OG1  sing N N 315 
THR CB  CG2  sing N N 316 
THR CB  HB   sing N N 317 
THR OG1 HG1  sing N N 318 
THR CG2 HG21 sing N N 319 
THR CG2 HG22 sing N N 320 
THR CG2 HG23 sing N N 321 
THR OXT HXT  sing N N 322 
TRP N   CA   sing N N 323 
TRP N   H    sing N N 324 
TRP N   H2   sing N N 325 
TRP CA  C    sing N N 326 
TRP CA  CB   sing N N 327 
TRP CA  HA   sing N N 328 
TRP C   O    doub N N 329 
TRP C   OXT  sing N N 330 
TRP CB  CG   sing N N 331 
TRP CB  HB2  sing N N 332 
TRP CB  HB3  sing N N 333 
TRP CG  CD1  doub Y N 334 
TRP CG  CD2  sing Y N 335 
TRP CD1 NE1  sing Y N 336 
TRP CD1 HD1  sing N N 337 
TRP CD2 CE2  doub Y N 338 
TRP CD2 CE3  sing Y N 339 
TRP NE1 CE2  sing Y N 340 
TRP NE1 HE1  sing N N 341 
TRP CE2 CZ2  sing Y N 342 
TRP CE3 CZ3  doub Y N 343 
TRP CE3 HE3  sing N N 344 
TRP CZ2 CH2  doub Y N 345 
TRP CZ2 HZ2  sing N N 346 
TRP CZ3 CH2  sing Y N 347 
TRP CZ3 HZ3  sing N N 348 
TRP CH2 HH2  sing N N 349 
TRP OXT HXT  sing N N 350 
TYR N   CA   sing N N 351 
TYR N   H    sing N N 352 
TYR N   H2   sing N N 353 
TYR CA  C    sing N N 354 
TYR CA  CB   sing N N 355 
TYR CA  HA   sing N N 356 
TYR C   O    doub N N 357 
TYR C   OXT  sing N N 358 
TYR CB  CG   sing N N 359 
TYR CB  HB2  sing N N 360 
TYR CB  HB3  sing N N 361 
TYR CG  CD1  doub Y N 362 
TYR CG  CD2  sing Y N 363 
TYR CD1 CE1  sing Y N 364 
TYR CD1 HD1  sing N N 365 
TYR CD2 CE2  doub Y N 366 
TYR CD2 HD2  sing N N 367 
TYR CE1 CZ   doub Y N 368 
TYR CE1 HE1  sing N N 369 
TYR CE2 CZ   sing Y N 370 
TYR CE2 HE2  sing N N 371 
TYR CZ  OH   sing N N 372 
TYR OH  HH   sing N N 373 
TYR OXT HXT  sing N N 374 
VAL N   CA   sing N N 375 
VAL N   H    sing N N 376 
VAL N   H2   sing N N 377 
VAL CA  C    sing N N 378 
VAL CA  CB   sing N N 379 
VAL CA  HA   sing N N 380 
VAL C   O    doub N N 381 
VAL C   OXT  sing N N 382 
VAL CB  CG1  sing N N 383 
VAL CB  CG2  sing N N 384 
VAL CB  HB   sing N N 385 
VAL CG1 HG11 sing N N 386 
VAL CG1 HG12 sing N N 387 
VAL CG1 HG13 sing N N 388 
VAL CG2 HG21 sing N N 389 
VAL CG2 HG22 sing N N 390 
VAL CG2 HG23 sing N N 391 
VAL OXT HXT  sing N N 392 
# 
_atom_sites.entry_id                    3D0J 
_atom_sites.fract_transf_matrix[1][1]   0.01500964 
_atom_sites.fract_transf_matrix[1][2]   -0.01165273 
_atom_sites.fract_transf_matrix[1][3]   -0.01075988 
_atom_sites.fract_transf_matrix[2][1]   0.01394611 
_atom_sites.fract_transf_matrix[2][2]   0.00998282 
_atom_sites.fract_transf_matrix[2][3]   -0.01351680 
_atom_sites.fract_transf_matrix[3][1]   0.00571337 
_atom_sites.fract_transf_matrix[3][2]   0.00113921 
_atom_sites.fract_transf_matrix[3][3]   0.00673620 
_atom_sites.fract_transf_vector[1]      0.589678 
_atom_sites.fract_transf_vector[2]      0.003212 
_atom_sites.fract_transf_vector[3]      0.050670 
# 
loop_
_atom_type.symbol 
C  
N  
O  
S  
SE 
# 
loop_
_atom_site.group_PDB 
_atom_site.id 
_atom_site.type_symbol 
_atom_site.label_atom_id 
_atom_site.label_alt_id 
_atom_site.label_comp_id 
_atom_site.label_asym_id 
_atom_site.label_entity_id 
_atom_site.label_seq_id 
_atom_site.pdbx_PDB_ins_code 
_atom_site.Cartn_x 
_atom_site.Cartn_y 
_atom_site.Cartn_z 
_atom_site.occupancy 
_atom_site.B_iso_or_equiv 
_atom_site.pdbx_formal_charge 
_atom_site.auth_seq_id 
_atom_site.auth_comp_id 
_atom_site.auth_asym_id 
_atom_site.auth_atom_id 
_atom_site.pdbx_PDB_model_num 
ATOM   1    N  N   . ALA A 1 3   ? 32.804  9.567   15.669  1.00 36.36  ? 0   ALA A N   1 
ATOM   2    C  CA  . ALA A 1 3   ? 31.698  8.565   15.719  1.00 34.68  ? 0   ALA A CA  1 
ATOM   3    C  C   . ALA A 1 3   ? 30.825  8.538   14.456  1.00 33.45  ? 0   ALA A C   1 
ATOM   4    O  O   . ALA A 1 3   ? 30.593  9.572   13.797  1.00 34.46  ? 0   ALA A O   1 
ATOM   5    C  CB  . ALA A 1 3   ? 30.826  8.766   16.969  1.00 34.63  ? 0   ALA A CB  1 
HETATM 6    N  N   A MSE A 1 4   ? 30.331  7.377   14.062  0.50 33.03  ? 1   MSE A N   1 
HETATM 7    N  N   B MSE A 1 4   ? 30.345  7.316   14.202  0.50 32.18  ? 1   MSE A N   1 
HETATM 8    C  CA  A MSE A 1 4   ? 29.561  7.300   12.826  0.50 31.92  ? 1   MSE A CA  1 
HETATM 9    C  CA  B MSE A 1 4   ? 29.355  7.009   13.202  0.50 29.80  ? 1   MSE A CA  1 
HETATM 10   C  C   A MSE A 1 4   ? 28.112  7.783   13.084  0.50 29.87  ? 1   MSE A C   1 
HETATM 11   C  C   B MSE A 1 4   ? 28.103  7.822   13.430  0.50 28.28  ? 1   MSE A C   1 
HETATM 12   O  O   A MSE A 1 4   ? 27.550  7.494   14.131  0.50 28.81  ? 1   MSE A O   1 
HETATM 13   O  O   B MSE A 1 4   ? 27.743  8.179   14.545  0.50 27.24  ? 1   MSE A O   1 
HETATM 14   C  CB  A MSE A 1 4   ? 29.653  5.858   12.290  0.50 32.53  ? 1   MSE A CB  1 
HETATM 15   C  CB  B MSE A 1 4   ? 28.948  5.511   13.215  0.50 30.63  ? 1   MSE A CB  1 
HETATM 16   C  CG  A MSE A 1 4   ? 28.614  5.383   11.308  0.50 33.68  ? 1   MSE A CG  1 
HETATM 17   C  CG  B MSE A 1 4   ? 27.649  5.196   12.425  0.50 30.58  ? 1   MSE A CG  1 
HETATM 18   SE SE  A MSE A 1 4   ? 28.290  3.450   11.631  0.30 35.37  ? 1   MSE A SE  1 
HETATM 19   SE SE  B MSE A 1 4   ? 26.151  4.259   13.348  0.25 28.25  ? 1   MSE A SE  1 
HETATM 20   C  CE  A MSE A 1 4   ? 30.149  2.837   11.704  0.50 35.07  ? 1   MSE A CE  1 
HETATM 21   C  CE  B MSE A 1 4   ? 24.906  4.264   11.878  0.50 31.25  ? 1   MSE A CE  1 
ATOM   22   N  N   A LYS A 1 5   ? 27.548  8.573   12.169  0.50 27.74  ? 2   LYS A N   1 
ATOM   23   N  N   B LYS A 1 5   ? 27.469  8.092   12.310  0.50 26.73  ? 2   LYS A N   1 
ATOM   24   C  CA  A LYS A 1 5   ? 26.120  8.873   12.244  0.50 25.75  ? 2   LYS A CA  1 
ATOM   25   C  CA  B LYS A 1 5   ? 26.188  8.724   12.245  0.50 25.20  ? 2   LYS A CA  1 
ATOM   26   C  C   A LYS A 1 5   ? 25.331  7.666   11.736  0.50 23.22  ? 2   LYS A C   1 
ATOM   27   C  C   B LYS A 1 5   ? 25.309  7.651   11.644  0.50 22.84  ? 2   LYS A C   1 
ATOM   28   O  O   A LYS A 1 5   ? 25.880  6.789   11.087  0.50 22.57  ? 2   LYS A O   1 
ATOM   29   O  O   B LYS A 1 5   ? 25.767  6.862   10.824  0.50 22.26  ? 2   LYS A O   1 
ATOM   30   C  CB  A LYS A 1 5   ? 25.760  10.129  11.436  0.50 26.57  ? 2   LYS A CB  1 
ATOM   31   C  CB  B LYS A 1 5   ? 26.304  9.923   11.316  0.50 26.00  ? 2   LYS A CB  1 
ATOM   32   C  CG  A LYS A 1 5   ? 26.053  11.440  12.169  0.50 27.85  ? 2   LYS A CG  1 
ATOM   33   C  CG  B LYS A 1 5   ? 27.209  10.985  11.910  0.50 26.97  ? 2   LYS A CG  1 
ATOM   34   C  CD  A LYS A 1 5   ? 25.299  12.588  11.546  0.50 29.82  ? 2   LYS A CD  1 
ATOM   35   C  CD  B LYS A 1 5   ? 27.873  11.816  10.852  0.50 28.68  ? 2   LYS A CD  1 
ATOM   36   C  CE  A LYS A 1 5   ? 23.957  12.792  12.194  0.50 28.42  ? 2   LYS A CE  1 
ATOM   37   C  CE  B LYS A 1 5   ? 28.664  12.926  11.536  0.50 30.13  ? 2   LYS A CE  1 
ATOM   38   N  NZ  A LYS A 1 5   ? 24.017  13.813  13.289  0.50 27.77  ? 2   LYS A NZ  1 
ATOM   39   N  NZ  B LYS A 1 5   ? 29.159  13.927  10.578  0.50 31.02  ? 2   LYS A NZ  1 
ATOM   40   N  N   . PRO A 1 6   ? 24.027  7.625   12.035  1.00 21.30  ? 3   PRO A N   1 
ATOM   41   C  CA  . PRO A 1 6   ? 23.153  6.631   11.377  1.00 19.52  ? 3   PRO A CA  1 
ATOM   42   C  C   . PRO A 1 6   ? 23.038  7.007   9.901   1.00 18.68  ? 3   PRO A C   1 
ATOM   43   O  O   . PRO A 1 6   ? 23.262  8.171   9.531   1.00 19.30  ? 3   PRO A O   1 
ATOM   44   C  CB  . PRO A 1 6   ? 21.804  6.840   12.062  1.00 19.69  ? 3   PRO A CB  1 
ATOM   45   C  CG  . PRO A 1 6   ? 21.859  8.283   12.465  1.00 20.34  ? 3   PRO A CG  1 
ATOM   46   C  CD  . PRO A 1 6   ? 23.285  8.509   12.936  1.00 21.56  ? 3   PRO A CD  1 
ATOM   47   N  N   . ASP A 1 7   ? 22.688  6.040   9.057   1.00 17.52  ? 4   ASP A N   1 
ATOM   48   C  CA  . ASP A 1 7   ? 22.297  6.404   7.688   1.00 16.91  ? 4   ASP A CA  1 
ATOM   49   C  C   . ASP A 1 7   ? 20.921  7.056   7.782   1.00 15.85  ? 4   ASP A C   1 
ATOM   50   O  O   . ASP A 1 7   ? 20.082  6.643   8.593   1.00 17.32  ? 4   ASP A O   1 
ATOM   51   C  CB  . ASP A 1 7   ? 22.254  5.185   6.797   1.00 17.30  ? 4   ASP A CB  1 
ATOM   52   C  CG  . ASP A 1 7   ? 23.570  4.444   6.795   1.00 20.36  ? 4   ASP A CG  1 
ATOM   53   O  OD1 . ASP A 1 7   ? 24.605  5.077   6.433   1.00 22.01  ? 4   ASP A OD1 1 
ATOM   54   O  OD2 . ASP A 1 7   ? 23.580  3.258   7.147   1.00 20.73  ? 4   ASP A OD2 1 
ATOM   55   N  N   . ILE A 1 8   ? 20.700  8.093   6.993   1.00 16.43  ? 5   ILE A N   1 
ATOM   56   C  CA  . ILE A 1 8   ? 19.469  8.881   7.072   1.00 16.85  ? 5   ILE A CA  1 
ATOM   57   C  C   . ILE A 1 8   ? 18.849  8.874   5.687   1.00 17.30  ? 5   ILE A C   1 
ATOM   58   O  O   . ILE A 1 8   ? 19.482  9.297   4.685   1.00 16.82  ? 5   ILE A O   1 
ATOM   59   C  CB  . ILE A 1 8   ? 19.746  10.338  7.472   1.00 16.75  ? 5   ILE A CB  1 
ATOM   60   C  CG1 . ILE A 1 8   ? 20.499  10.379  8.809   1.00 17.21  ? 5   ILE A CG1 1 
ATOM   61   C  CG2 . ILE A 1 8   ? 18.412  11.129  7.540   1.00 17.36  ? 5   ILE A CG2 1 
ATOM   62   C  CD1 . ILE A 1 8   ? 20.874  11.762  9.243   1.00 21.50  ? 5   ILE A CD1 1 
ATOM   63   N  N   . TYR A 1 9   ? 17.621  8.366   5.606   1.00 16.25  ? 6   TYR A N   1 
ATOM   64   C  CA  . TYR A 1 9   ? 16.969  8.190   4.305   1.00 16.53  ? 6   TYR A CA  1 
ATOM   65   C  C   . TYR A 1 9   ? 15.697  9.037   4.214   1.00 16.71  ? 6   TYR A C   1 
ATOM   66   O  O   . TYR A 1 9   ? 14.922  9.168   5.196   1.00 17.09  ? 6   TYR A O   1 
ATOM   67   C  CB  . TYR A 1 9   ? 16.531  6.739   4.165   1.00 18.16  ? 6   TYR A CB  1 
ATOM   68   C  CG  . TYR A 1 9   ? 17.590  5.695   4.435   1.00 19.13  ? 6   TYR A CG  1 
ATOM   69   C  CD1 . TYR A 1 9   ? 18.803  5.700   3.775   1.00 20.08  ? 6   TYR A CD1 1 
ATOM   70   C  CD2 . TYR A 1 9   ? 17.325  4.661   5.344   1.00 21.22  ? 6   TYR A CD2 1 
ATOM   71   C  CE1 . TYR A 1 9   ? 19.769  4.678   4.033   1.00 19.52  ? 6   TYR A CE1 1 
ATOM   72   C  CE2 . TYR A 1 9   ? 18.228  3.660   5.575   1.00 19.90  ? 6   TYR A CE2 1 
ATOM   73   C  CZ  . TYR A 1 9   ? 19.438  3.683   4.942   1.00 19.38  ? 6   TYR A CZ  1 
ATOM   74   O  OH  . TYR A 1 9   ? 20.298  2.647   5.235   1.00 22.23  ? 6   TYR A OH  1 
ATOM   75   N  N   . GLU A 1 10  ? 15.458  9.587   3.016   1.00 16.20  ? 7   GLU A N   1 
ATOM   76   C  CA  . GLU A 1 10  ? 14.226  10.335  2.779   1.00 17.73  ? 7   GLU A CA  1 
ATOM   77   C  C   . GLU A 1 10  ? 13.786  10.051  1.340   1.00 17.84  ? 7   GLU A C   1 
ATOM   78   O  O   . GLU A 1 10  ? 14.602  9.584   0.495   1.00 17.95  ? 7   GLU A O   1 
ATOM   79   C  CB  . GLU A 1 10  ? 14.449  11.846  2.975   1.00 18.99  ? 7   GLU A CB  1 
ATOM   80   C  CG  . GLU A 1 10  ? 15.462  12.369  1.989   1.00 21.75  ? 7   GLU A CG  1 
ATOM   81   C  CD  . GLU A 1 10  ? 15.874  13.833  2.166   1.00 25.44  ? 7   GLU A CD  1 
ATOM   82   O  OE1 . GLU A 1 10  ? 15.299  14.538  3.022   1.00 33.26  ? 7   GLU A OE1 1 
ATOM   83   O  OE2 . GLU A 1 10  ? 16.768  14.239  1.375   1.00 33.86  ? 7   GLU A OE2 1 
ATOM   84   N  N   . ASN A 1 11  ? 12.524  10.364  1.072   1.00 15.68  ? 8   ASN A N   1 
ATOM   85   C  CA  . ASN A 1 11  ? 12.004  10.251  -0.296  1.00 15.50  ? 8   ASN A CA  1 
ATOM   86   C  C   . ASN A 1 11  ? 11.210  11.508  -0.586  1.00 16.30  ? 8   ASN A C   1 
ATOM   87   O  O   . ASN A 1 11  ? 10.178  11.766  0.097   1.00 16.56  ? 8   ASN A O   1 
ATOM   88   C  CB  . ASN A 1 11  ? 11.094  9.013   -0.413  1.00 17.10  ? 8   ASN A CB  1 
ATOM   89   C  CG  . ASN A 1 11  ? 10.434  8.915   -1.783  1.00 17.78  ? 8   ASN A CG  1 
ATOM   90   O  OD1 . ASN A 1 11  ? 10.865  9.597   -2.711  1.00 17.07  ? 8   ASN A OD1 1 
ATOM   91   N  ND2 . ASN A 1 11  ? 9.410   8.069   -1.909  1.00 16.10  ? 8   ASN A ND2 1 
ATOM   92   N  N   . ASN A 1 12  ? 11.699  12.299  -1.554  1.00 17.76  ? 9   ASN A N   1 
ATOM   93   C  CA  . ASN A 1 12  ? 10.949  13.482  -2.003  1.00 18.55  ? 9   ASN A CA  1 
ATOM   94   C  C   . ASN A 1 12  ? 10.366  13.326  -3.384  1.00 19.79  ? 9   ASN A C   1 
ATOM   95   O  O   . ASN A 1 12  ? 9.923   14.316  -3.982  1.00 23.14  ? 9   ASN A O   1 
ATOM   96   C  CB  . ASN A 1 12  ? 11.834  14.738  -1.935  1.00 20.05  ? 9   ASN A CB  1 
ATOM   97   C  CG  . ASN A 1 12  ? 12.247  15.055  -0.499  1.00 23.62  ? 9   ASN A CG  1 
ATOM   98   O  OD1 . ASN A 1 12  ? 13.437  15.133  -0.210  1.00 32.59  ? 9   ASN A OD1 1 
ATOM   99   N  ND2 . ASN A 1 12  ? 11.275  15.137  0.397   1.00 27.73  ? 9   ASN A ND2 1 
ATOM   100  N  N   . ARG A 1 13  ? 10.348  12.101  -3.881  1.00 16.78  ? 10  ARG A N   1 
ATOM   101  C  CA  . ARG A 1 13  ? 9.868   11.807  -5.240  1.00 17.18  ? 10  ARG A CA  1 
ATOM   102  C  C   . ARG A 1 13  ? 8.441   11.270  -5.210  1.00 17.32  ? 10  ARG A C   1 
ATOM   103  O  O   . ARG A 1 13  ? 7.926   10.882  -4.163  1.00 18.57  ? 10  ARG A O   1 
ATOM   104  C  CB  . ARG A 1 13  ? 10.801  10.761  -5.895  1.00 16.99  ? 10  ARG A CB  1 
ATOM   105  C  CG  . ARG A 1 13  ? 12.217  11.221  -6.077  1.00 16.86  ? 10  ARG A CG  1 
ATOM   106  C  CD  . ARG A 1 13  ? 13.064  10.159  -6.794  1.00 18.64  ? 10  ARG A CD  1 
ATOM   107  N  NE  . ARG A 1 13  ? 14.427  10.674  -6.998  1.00 20.84  ? 10  ARG A NE  1 
ATOM   108  C  CZ  . ARG A 1 13  ? 14.807  11.390  -8.052  1.00 22.46  ? 10  ARG A CZ  1 
ATOM   109  N  NH1 . ARG A 1 13  ? 13.954  11.637  -9.049  1.00 21.30  ? 10  ARG A NH1 1 
ATOM   110  N  NH2 . ARG A 1 13  ? 16.072  11.825  -8.124  1.00 26.57  ? 10  ARG A NH2 1 
ATOM   111  N  N   . GLU A 1 14  ? 7.789   11.224  -6.363  1.00 16.57  ? 11  GLU A N   1 
ATOM   112  C  CA  . GLU A 1 14  ? 6.469   10.586  -6.459  1.00 17.51  ? 11  GLU A CA  1 
ATOM   113  C  C   . GLU A 1 14  ? 6.581   9.070   -6.147  1.00 16.26  ? 11  GLU A C   1 
ATOM   114  O  O   . GLU A 1 14  ? 7.541   8.385   -6.528  1.00 18.17  ? 11  GLU A O   1 
ATOM   115  C  CB  . GLU A 1 14  ? 5.947   10.783  -7.888  1.00 18.63  ? 11  GLU A CB  1 
ATOM   116  C  CG  . GLU A 1 14  ? 4.526   10.339  -8.105  1.00 22.71  ? 11  GLU A CG  1 
ATOM   117  C  CD  . GLU A 1 14  ? 3.944   10.937  -9.394  1.00 24.46  ? 11  GLU A CD  1 
ATOM   118  O  OE1 . GLU A 1 14  ? 3.634   12.141  -9.389  1.00 28.70  ? 11  GLU A OE1 1 
ATOM   119  O  OE2 . GLU A 1 14  ? 3.784   10.162  -10.362 1.00 28.01  ? 11  GLU A OE2 1 
ATOM   120  N  N   . GLY A 1 15  ? 5.605   8.541   -5.434  1.00 17.10  ? 12  GLY A N   1 
ATOM   121  C  CA  . GLY A 1 15  ? 5.566   7.115   -5.313  1.00 18.01  ? 12  GLY A CA  1 
ATOM   122  C  C   . GLY A 1 15  ? 6.636   6.536   -4.400  1.00 17.23  ? 12  GLY A C   1 
ATOM   123  O  O   . GLY A 1 15  ? 6.989   7.102   -3.356  1.00 17.23  ? 12  GLY A O   1 
ATOM   124  N  N   . ILE A 1 16  ? 7.158   5.387   -4.793  1.00 17.29  ? 13  ILE A N   1 
ATOM   125  C  CA  . ILE A 1 16  ? 7.966   4.572   -3.885  1.00 16.95  ? 13  ILE A CA  1 
ATOM   126  C  C   . ILE A 1 16  ? 9.458   4.763   -4.080  1.00 16.79  ? 13  ILE A C   1 
ATOM   127  O  O   . ILE A 1 16  ? 9.952   4.803   -5.219  1.00 17.82  ? 13  ILE A O   1 
ATOM   128  C  CB  . ILE A 1 16  ? 7.639   3.079   -4.129  1.00 16.44  ? 13  ILE A CB  1 
ATOM   129  C  CG1 . ILE A 1 16  ? 6.145   2.824   -3.892  1.00 18.83  ? 13  ILE A CG1 1 
ATOM   130  C  CG2 . ILE A 1 16  ? 8.494   2.193   -3.261  1.00 17.93  ? 13  ILE A CG2 1 
ATOM   131  C  CD1 . ILE A 1 16  ? 5.666   1.422   -4.442  1.00 19.62  ? 13  ILE A CD1 1 
ATOM   132  N  N   . LEU A 1 17  ? 10.194  4.865   -2.965  1.00 16.67  ? 14  LEU A N   1 
ATOM   133  C  CA  . LEU A 1 17  ? 11.642  4.789   -2.993  1.00 17.09  ? 14  LEU A CA  1 
ATOM   134  C  C   . LEU A 1 17  ? 12.041  3.770   -1.930  1.00 17.42  ? 14  LEU A C   1 
ATOM   135  O  O   . LEU A 1 17  ? 11.682  3.903   -0.733  1.00 17.89  ? 14  LEU A O   1 
ATOM   136  C  CB  . LEU A 1 17  ? 12.268  6.143   -2.648  1.00 17.81  ? 14  LEU A CB  1 
ATOM   137  C  CG  . LEU A 1 17  ? 13.788  6.175   -2.788  1.00 17.47  ? 14  LEU A CG  1 
ATOM   138  C  CD1 . LEU A 1 17  ? 14.193  6.150   -4.276  1.00 19.68  ? 14  LEU A CD1 1 
ATOM   139  C  CD2 . LEU A 1 17  ? 14.324  7.442   -2.079  1.00 19.13  ? 14  LEU A CD2 1 
ATOM   140  N  N   A CYS A 1 18  ? 12.759  2.750   -2.376  0.50 18.77  ? 15  CYS A N   1 
ATOM   141  N  N   B CYS A 1 18  ? 12.781  2.739   -2.327  0.50 15.97  ? 15  CYS A N   1 
ATOM   142  C  CA  A CYS A 1 18  ? 13.314  1.779   -1.486  0.50 18.68  ? 15  CYS A CA  1 
ATOM   143  C  CA  B CYS A 1 18  ? 13.205  1.751   -1.352  0.50 16.48  ? 15  CYS A CA  1 
ATOM   144  C  C   A CYS A 1 18  ? 14.539  2.423   -0.879  0.50 17.75  ? 15  CYS A C   1 
ATOM   145  C  C   B CYS A 1 18  ? 14.588  2.064   -0.817  0.50 17.23  ? 15  CYS A C   1 
ATOM   146  O  O   A CYS A 1 18  ? 15.435  2.934   -1.610  0.50 17.11  ? 15  CYS A O   1 
ATOM   147  O  O   B CYS A 1 18  ? 15.602  1.998   -1.506  0.50 18.26  ? 15  CYS A O   1 
ATOM   148  C  CB  A CYS A 1 18  ? 13.680  0.519   -2.260  0.50 19.68  ? 15  CYS A CB  1 
ATOM   149  C  CB  B CYS A 1 18  ? 13.049  0.321   -1.864  0.50 16.44  ? 15  CYS A CB  1 
ATOM   150  S  SG  A CYS A 1 18  ? 14.397  -0.789  -1.228  0.50 25.35  ? 15  CYS A SG  1 
ATOM   151  S  SG  B CYS A 1 18  ? 11.348  -0.109  -2.153  0.50 15.59  ? 15  CYS A SG  1 
ATOM   152  N  N   . VAL A 1 19  ? 14.595  2.401   0.454   1.00 17.60  ? 16  VAL A N   1 
ATOM   153  C  CA  . VAL A 1 19  ? 15.720  3.052   1.127   1.00 17.61  ? 16  VAL A CA  1 
ATOM   154  C  C   . VAL A 1 19  ? 16.681  2.145   1.874   1.00 18.84  ? 16  VAL A C   1 
ATOM   155  O  O   . VAL A 1 19  ? 17.858  2.520   2.065   1.00 19.37  ? 16  VAL A O   1 
ATOM   156  C  CB  . VAL A 1 19  ? 15.246  4.210   2.026   1.00 18.37  ? 16  VAL A CB  1 
ATOM   157  C  CG1 . VAL A 1 19  ? 14.498  5.248   1.195   1.00 19.97  ? 16  VAL A CG1 1 
ATOM   158  C  CG2 . VAL A 1 19  ? 14.380  3.688   3.200   1.00 19.29  ? 16  VAL A CG2 1 
ATOM   159  N  N   . TYR A 1 20  ? 16.225  0.965   2.284   1.00 17.79  ? 17  TYR A N   1 
ATOM   160  C  CA  . TYR A 1 20  ? 17.094  0.024   2.999   1.00 17.31  ? 17  TYR A CA  1 
ATOM   161  C  C   . TYR A 1 20  ? 16.761  -1.377  2.493   1.00 17.74  ? 17  TYR A C   1 
ATOM   162  O  O   . TYR A 1 20  ? 15.588  -1.730  2.360   1.00 17.59  ? 17  TYR A O   1 
ATOM   163  C  CB  . TYR A 1 20  ? 16.871  0.082   4.515   1.00 18.63  ? 17  TYR A CB  1 
ATOM   164  C  CG  . TYR A 1 20  ? 17.665  -0.991  5.204   1.00 18.31  ? 17  TYR A CG  1 
ATOM   165  C  CD1 . TYR A 1 20  ? 19.010  -0.761  5.571   1.00 18.30  ? 17  TYR A CD1 1 
ATOM   166  C  CD2 . TYR A 1 20  ? 17.161  -2.274  5.384   1.00 17.90  ? 17  TYR A CD2 1 
ATOM   167  C  CE1 . TYR A 1 20  ? 19.785  -1.791  6.142   1.00 16.64  ? 17  TYR A CE1 1 
ATOM   168  C  CE2 . TYR A 1 20  ? 17.926  -3.296  5.966   1.00 17.14  ? 17  TYR A CE2 1 
ATOM   169  C  CZ  . TYR A 1 20  ? 19.240  -3.040  6.327   1.00 17.75  ? 17  TYR A CZ  1 
ATOM   170  O  OH  . TYR A 1 20  ? 20.004  -4.065  6.877   1.00 18.23  ? 17  TYR A OH  1 
ATOM   171  N  N   A LYS A 1 21  ? 17.803  -2.152  2.194   0.50 18.45  ? 18  LYS A N   1 
ATOM   172  N  N   B LYS A 1 21  ? 17.771  -2.202  2.230   0.50 18.54  ? 18  LYS A N   1 
ATOM   173  C  CA  A LYS A 1 21  ? 17.647  -3.526  1.771   0.50 19.23  ? 18  LYS A CA  1 
ATOM   174  C  CA  B LYS A 1 21  ? 17.505  -3.562  1.788   0.50 19.38  ? 18  LYS A CA  1 
ATOM   175  C  C   A LYS A 1 21  ? 18.766  -4.364  2.376   0.50 18.93  ? 18  LYS A C   1 
ATOM   176  C  C   B LYS A 1 21  ? 18.695  -4.444  2.140   0.50 19.21  ? 18  LYS A C   1 
ATOM   177  O  O   A LYS A 1 21  ? 19.930  -3.919  2.473   0.50 18.14  ? 18  LYS A O   1 
ATOM   178  O  O   B LYS A 1 21  ? 19.845  -4.087  1.854   0.50 18.89  ? 18  LYS A O   1 
ATOM   179  C  CB  A LYS A 1 21  ? 17.706  -3.631  0.227   0.50 19.72  ? 18  LYS A CB  1 
ATOM   180  C  CB  B LYS A 1 21  ? 17.225  -3.574  0.268   0.50 19.88  ? 18  LYS A CB  1 
ATOM   181  C  CG  A LYS A 1 21  ? 17.416  -5.024  -0.312  0.50 21.51  ? 18  LYS A CG  1 
ATOM   182  C  CG  B LYS A 1 21  ? 16.835  -4.920  -0.337  0.50 21.47  ? 18  LYS A CG  1 
ATOM   183  C  CD  A LYS A 1 21  ? 17.328  -5.032  -1.831  0.50 22.28  ? 18  LYS A CD  1 
ATOM   184  C  CD  B LYS A 1 21  ? 16.306  -4.745  -1.766  0.50 22.65  ? 18  LYS A CD  1 
ATOM   185  C  CE  A LYS A 1 21  ? 16.600  -6.273  -2.328  0.50 26.01  ? 18  LYS A CE  1 
ATOM   186  C  CE  B LYS A 1 21  ? 17.304  -4.055  -2.687  0.50 28.05  ? 18  LYS A CE  1 
ATOM   187  N  NZ  A LYS A 1 21  ? 17.016  -6.691  -3.694  0.50 28.80  ? 18  LYS A NZ  1 
ATOM   188  N  NZ  B LYS A 1 21  ? 16.930  -4.277  -4.131  0.50 29.69  ? 18  LYS A NZ  1 
ATOM   189  N  N   . ASN A 1 22  ? 18.419  -5.578  2.778   1.00 18.57  ? 19  ASN A N   1 
ATOM   190  C  CA  . ASN A 1 22  ? 19.461  -6.579  3.059   1.00 19.63  ? 19  ASN A CA  1 
ATOM   191  C  C   . ASN A 1 22  ? 19.035  -7.914  2.448   1.00 20.21  ? 19  ASN A C   1 
ATOM   192  O  O   . ASN A 1 22  ? 18.159  -7.912  1.585   1.00 21.67  ? 19  ASN A O   1 
ATOM   193  C  CB  . ASN A 1 22  ? 19.828  -6.626  4.545   1.00 19.28  ? 19  ASN A CB  1 
ATOM   194  C  CG  . ASN A 1 22  ? 18.681  -7.082  5.434   1.00 18.68  ? 19  ASN A CG  1 
ATOM   195  O  OD1 . ASN A 1 22  ? 17.794  -7.810  4.985   1.00 18.07  ? 19  ASN A OD1 1 
ATOM   196  N  ND2 . ASN A 1 22  ? 18.711  -6.683  6.703   1.00 19.31  ? 19  ASN A ND2 1 
ATOM   197  N  N   A GLU A 1 23  ? 19.633  -9.040  2.829   0.50 20.33  ? 20  GLU A N   1 
ATOM   198  N  N   B GLU A 1 23  ? 19.644  -9.018  2.897   0.50 20.38  ? 20  GLU A N   1 
ATOM   199  C  CA  A GLU A 1 23  ? 19.234  -10.290 2.156   0.50 20.79  ? 20  GLU A CA  1 
ATOM   200  C  CA  B GLU A 1 23  ? 19.351  -10.360 2.353   0.50 21.13  ? 20  GLU A CA  1 
ATOM   201  C  C   A GLU A 1 23  ? 17.902  -10.850 2.677   0.50 20.15  ? 20  GLU A C   1 
ATOM   202  C  C   B GLU A 1 23  ? 18.024  -10.939 2.837   0.50 20.24  ? 20  GLU A C   1 
ATOM   203  O  O   A GLU A 1 23  ? 17.372  -11.834 2.124   0.50 21.08  ? 20  GLU A O   1 
ATOM   204  O  O   B GLU A 1 23  ? 17.630  -12.041 2.437   0.50 21.01  ? 20  GLU A O   1 
ATOM   205  C  CB  A GLU A 1 23  ? 20.360  -11.343 2.180   0.50 21.32  ? 20  GLU A CB  1 
ATOM   206  C  CB  B GLU A 1 23  ? 20.490  -11.342 2.697   0.50 21.34  ? 20  GLU A CB  1 
ATOM   207  C  CG  A GLU A 1 23  ? 21.671  -10.853 1.547   0.50 24.58  ? 20  GLU A CG  1 
ATOM   208  C  CG  B GLU A 1 23  ? 21.858  -10.882 2.215   0.50 26.07  ? 20  GLU A CG  1 
ATOM   209  C  CD  A GLU A 1 23  ? 21.742  -10.972 0.023   0.50 28.91  ? 20  GLU A CD  1 
ATOM   210  C  CD  B GLU A 1 23  ? 22.807  -12.029 1.915   0.50 31.38  ? 20  GLU A CD  1 
ATOM   211  O  OE1 A GLU A 1 23  ? 20.754  -11.378 -0.627  0.50 31.75  ? 20  GLU A OE1 1 
ATOM   212  O  OE1 B GLU A 1 23  ? 22.602  -13.153 2.433   0.50 32.30  ? 20  GLU A OE1 1 
ATOM   213  O  OE2 A GLU A 1 23  ? 22.832  -10.663 -0.528  0.50 31.68  ? 20  GLU A OE2 1 
ATOM   214  O  OE2 B GLU A 1 23  ? 23.771  -11.797 1.147   0.50 34.47  ? 20  GLU A OE2 1 
ATOM   215  N  N   . LYS A 1 24  ? 17.339  -10.199 3.710   1.00 19.87  ? 21  LYS A N   1 
ATOM   216  C  CA  . LYS A 1 24  ? 16.088  -10.668 4.311   1.00 18.64  ? 21  LYS A CA  1 
ATOM   217  C  C   . LYS A 1 24  ? 14.896  -9.730  4.100   1.00 18.65  ? 21  LYS A C   1 
ATOM   218  O  O   . LYS A 1 24  ? 13.835  -10.175 3.630   1.00 19.79  ? 21  LYS A O   1 
ATOM   219  C  CB  . LYS A 1 24  ? 16.258  -10.931 5.810   1.00 19.67  ? 21  LYS A CB  1 
ATOM   220  C  CG  . LYS A 1 24  ? 17.276  -12.039 6.109   1.00 19.24  ? 21  LYS A CG  1 
ATOM   221  C  CD  . LYS A 1 24  ? 17.299  -12.369 7.591   1.00 23.27  ? 21  LYS A CD  1 
ATOM   222  C  CE  . LYS A 1 24  ? 18.392  -13.374 7.899   1.00 25.06  ? 21  LYS A CE  1 
ATOM   223  N  NZ  . LYS A 1 24  ? 18.430  -13.706 9.359   1.00 26.49  ? 21  LYS A NZ  1 
ATOM   224  N  N   . TRP A 1 25  ? 15.076  -8.451  4.467   1.00 17.80  ? 22  TRP A N   1 
ATOM   225  C  CA  . TRP A 1 25  ? 13.954  -7.503  4.347   1.00 17.10  ? 22  TRP A CA  1 
ATOM   226  C  C   . TRP A 1 25  ? 14.336  -6.210  3.675   1.00 17.05  ? 22  TRP A C   1 
ATOM   227  O  O   . TRP A 1 25  ? 15.517  -5.916  3.456   1.00 17.33  ? 22  TRP A O   1 
ATOM   228  C  CB  . TRP A 1 25  ? 13.304  -7.189  5.727   1.00 17.38  ? 22  TRP A CB  1 
ATOM   229  C  CG  . TRP A 1 25  ? 14.141  -6.308  6.657   1.00 17.07  ? 22  TRP A CG  1 
ATOM   230  C  CD1 . TRP A 1 25  ? 14.132  -4.930  6.741   1.00 17.16  ? 22  TRP A CD1 1 
ATOM   231  C  CD2 . TRP A 1 25  ? 15.116  -6.756  7.607   1.00 17.43  ? 22  TRP A CD2 1 
ATOM   232  N  NE1 . TRP A 1 25  ? 15.017  -4.494  7.705   1.00 16.55  ? 22  TRP A NE1 1 
ATOM   233  C  CE2 . TRP A 1 25  ? 15.642  -5.597  8.249   1.00 16.10  ? 22  TRP A CE2 1 
ATOM   234  C  CE3 . TRP A 1 25  ? 15.616  -8.025  7.975   1.00 17.97  ? 22  TRP A CE3 1 
ATOM   235  C  CZ2 . TRP A 1 25  ? 16.642  -5.680  9.221   1.00 17.89  ? 22  TRP A CZ2 1 
ATOM   236  C  CZ3 . TRP A 1 25  ? 16.587  -8.095  8.974   1.00 18.95  ? 22  TRP A CZ3 1 
ATOM   237  C  CH2 . TRP A 1 25  ? 17.097  -6.934  9.566   1.00 18.93  ? 22  TRP A CH2 1 
ATOM   238  N  N   A LEU A 1 26  ? 13.334  -5.436  3.317   0.60 17.36  ? 23  LEU A N   1 
ATOM   239  N  N   B LEU A 1 26  ? 13.307  -5.396  3.454   0.40 16.81  ? 23  LEU A N   1 
ATOM   240  C  CA  A LEU A 1 26  ? 13.603  -4.094  2.857   0.60 18.29  ? 23  LEU A CA  1 
ATOM   241  C  CA  B LEU A 1 26  ? 13.351  -4.188  2.635   0.40 17.10  ? 23  LEU A CA  1 
ATOM   242  C  C   A LEU A 1 26  ? 12.613  -3.134  3.509   0.60 17.48  ? 23  LEU A C   1 
ATOM   243  C  C   B LEU A 1 26  ? 12.454  -3.120  3.282   0.40 16.68  ? 23  LEU A C   1 
ATOM   244  O  O   A LEU A 1 26  ? 11.603  -3.522  4.106   0.60 17.47  ? 23  LEU A O   1 
ATOM   245  O  O   B LEU A 1 26  ? 11.317  -3.453  3.673   0.40 16.28  ? 23  LEU A O   1 
ATOM   246  C  CB  A LEU A 1 26  ? 13.608  -4.021  1.315   0.60 19.00  ? 23  LEU A CB  1 
ATOM   247  C  CB  B LEU A 1 26  ? 12.798  -4.563  1.253   0.40 17.27  ? 23  LEU A CB  1 
ATOM   248  C  CG  A LEU A 1 26  ? 12.342  -4.462  0.581   0.60 19.25  ? 23  LEU A CG  1 
ATOM   249  C  CG  B LEU A 1 26  ? 12.566  -3.518  0.172   0.40 17.96  ? 23  LEU A CG  1 
ATOM   250  C  CD1 A LEU A 1 26  ? 11.306  -3.371  0.662   0.60 20.31  ? 23  LEU A CD1 1 
ATOM   251  C  CD1 B LEU A 1 26  ? 13.918  -3.111  -0.435  0.40 18.31  ? 23  LEU A CD1 1 
ATOM   252  C  CD2 A LEU A 1 26  ? 12.623  -4.812  -0.884  0.60 20.54  ? 23  LEU A CD2 1 
ATOM   253  C  CD2 B LEU A 1 26  ? 11.631  -4.083  -0.892  0.40 17.01  ? 23  LEU A CD2 1 
ATOM   254  N  N   . VAL A 1 27  ? 12.941  -1.863  3.387   1.00 16.98  ? 24  VAL A N   1 
ATOM   255  C  CA  . VAL A 1 27  ? 12.101  -0.760  3.920   1.00 16.22  ? 24  VAL A CA  1 
ATOM   256  C  C   . VAL A 1 27  ? 11.991  0.302   2.850   1.00 17.45  ? 24  VAL A C   1 
ATOM   257  O  O   . VAL A 1 27  ? 13.007  0.713   2.273   1.00 17.46  ? 24  VAL A O   1 
ATOM   258  C  CB  . VAL A 1 27  ? 12.717  -0.116  5.175   1.00 17.18  ? 24  VAL A CB  1 
ATOM   259  C  CG1 . VAL A 1 27  ? 11.757  0.980   5.739   1.00 17.61  ? 24  VAL A CG1 1 
ATOM   260  C  CG2 . VAL A 1 27  ? 13.009  -1.229  6.242   1.00 18.01  ? 24  VAL A CG2 1 
ATOM   261  N  N   . CYS A 1 28  ? 10.747  0.674   2.547   1.00 16.21  ? 25  CYS A N   1 
ATOM   262  C  CA  . CYS A 1 28  ? 10.496  1.682   1.502   1.00 16.26  ? 25  CYS A CA  1 
ATOM   263  C  C   . CYS A 1 28  ? 9.720   2.842   2.103   1.00 16.20  ? 25  CYS A C   1 
ATOM   264  O  O   . CYS A 1 28  ? 8.959   2.673   3.082   1.00 16.98  ? 25  CYS A O   1 
ATOM   265  C  CB  . CYS A 1 28  ? 9.703   1.115   0.315   1.00 17.39  ? 25  CYS A CB  1 
ATOM   266  S  SG  . CYS A 1 28  ? 10.538  -0.385  -0.341  1.00 20.98  ? 25  CYS A SG  1 
ATOM   267  N  N   . ILE A 1 29  ? 9.906   4.021   1.508   1.00 15.71  ? 26  ILE A N   1 
ATOM   268  C  CA  . ILE A 1 29  ? 9.092   5.188   1.846   1.00 16.13  ? 26  ILE A CA  1 
ATOM   269  C  C   . ILE A 1 29  ? 8.220   5.493   0.631   1.00 16.17  ? 26  ILE A C   1 
ATOM   270  O  O   . ILE A 1 29  ? 8.728   5.633   -0.488  1.00 16.02  ? 26  ILE A O   1 
ATOM   271  C  CB  . ILE A 1 29  ? 9.957   6.422   2.163   1.00 15.82  ? 26  ILE A CB  1 
ATOM   272  C  CG1 . ILE A 1 29  ? 10.968  6.129   3.268   1.00 15.39  ? 26  ILE A CG1 1 
ATOM   273  C  CG2 . ILE A 1 29  ? 9.062   7.668   2.488   1.00 16.09  ? 26  ILE A CG2 1 
ATOM   274  C  CD1 . ILE A 1 29  ? 11.972  7.281   3.495   1.00 16.58  ? 26  ILE A CD1 1 
ATOM   275  N  N   . LYS A 1 30  ? 6.906   5.558   0.829   1.00 15.88  ? 27  LYS A N   1 
ATOM   276  C  CA  . LYS A 1 30  ? 5.981   5.773   -0.289  1.00 16.21  ? 27  LYS A CA  1 
ATOM   277  C  C   . LYS A 1 30  ? 5.240   7.091   -0.136  1.00 16.94  ? 27  LYS A C   1 
ATOM   278  O  O   . LYS A 1 30  ? 4.530   7.314   0.872   1.00 17.39  ? 27  LYS A O   1 
ATOM   279  C  CB  . LYS A 1 30  ? 4.959   4.624   -0.364  1.00 16.56  ? 27  LYS A CB  1 
ATOM   280  C  CG  . LYS A 1 30  ? 3.982   4.790   -1.557  1.00 16.88  ? 27  LYS A CG  1 
ATOM   281  C  CD  . LYS A 1 30  ? 3.165   3.493   -1.725  1.00 19.31  ? 27  LYS A CD  1 
ATOM   282  C  CE  . LYS A 1 30  ? 2.008   3.540   -0.741  1.00 23.50  ? 27  LYS A CE  1 
ATOM   283  N  NZ  . LYS A 1 30  ? 1.119   2.376   -0.959  1.00 28.32  ? 27  LYS A NZ  1 
ATOM   284  N  N   . ASN A 1 31  ? 5.365   7.959   -1.132  1.00 16.40  ? 28  ASN A N   1 
ATOM   285  C  CA  . ASN A 1 31  ? 4.599   9.205   -1.227  1.00 17.24  ? 28  ASN A CA  1 
ATOM   286  C  C   . ASN A 1 31  ? 3.427   8.999   -2.168  1.00 16.60  ? 28  ASN A C   1 
ATOM   287  O  O   . ASN A 1 31  ? 3.274   7.920   -2.755  1.00 16.88  ? 28  ASN A O   1 
ATOM   288  C  CB  . ASN A 1 31  ? 5.512   10.284  -1.794  1.00 17.08  ? 28  ASN A CB  1 
ATOM   289  C  CG  . ASN A 1 31  ? 6.610   10.668  -0.822  1.00 17.35  ? 28  ASN A CG  1 
ATOM   290  O  OD1 . ASN A 1 31  ? 6.412   10.557  0.404   1.00 18.51  ? 28  ASN A OD1 1 
ATOM   291  N  ND2 . ASN A 1 31  ? 7.764   11.095  -1.341  1.00 17.06  ? 28  ASN A ND2 1 
ATOM   292  N  N   . TRP A 1 32  ? 2.629   10.035  -2.311  1.00 16.43  ? 29  TRP A N   1 
ATOM   293  C  CA  . TRP A 1 32  ? 1.489   9.968   -3.230  1.00 16.87  ? 29  TRP A CA  1 
ATOM   294  C  C   . TRP A 1 32  ? 1.951   9.610   -4.639  1.00 16.97  ? 29  TRP A C   1 
ATOM   295  O  O   . TRP A 1 32  ? 3.040   10.028  -5.088  1.00 16.70  ? 29  TRP A O   1 
ATOM   296  C  CB  . TRP A 1 32  ? 0.802   11.331  -3.267  1.00 17.49  ? 29  TRP A CB  1 
ATOM   297  C  CG  . TRP A 1 32  ? -0.388  11.417  -4.175  1.00 17.90  ? 29  TRP A CG  1 
ATOM   298  C  CD1 . TRP A 1 32  ? -1.698  11.171  -3.857  1.00 18.47  ? 29  TRP A CD1 1 
ATOM   299  C  CD2 . TRP A 1 32  ? -0.374  11.814  -5.551  1.00 18.65  ? 29  TRP A CD2 1 
ATOM   300  N  NE1 . TRP A 1 32  ? -2.511  11.363  -4.973  1.00 18.32  ? 29  TRP A NE1 1 
ATOM   301  C  CE2 . TRP A 1 32  ? -1.718  11.765  -6.021  1.00 18.64  ? 29  TRP A CE2 1 
ATOM   302  C  CE3 . TRP A 1 32  ? 0.645   12.187  -6.443  1.00 19.67  ? 29  TRP A CE3 1 
ATOM   303  C  CZ2 . TRP A 1 32  ? -2.065  12.114  -7.343  1.00 20.15  ? 29  TRP A CZ2 1 
ATOM   304  C  CZ3 . TRP A 1 32  ? 0.302   12.521  -7.760  1.00 19.53  ? 29  TRP A CZ3 1 
ATOM   305  C  CH2 . TRP A 1 32  ? -1.040  12.465  -8.192  1.00 19.49  ? 29  TRP A CH2 1 
ATOM   306  N  N   A LYS A 1 33  ? 1.139   8.814   -5.335  0.50 17.41  ? 30  LYS A N   1 
ATOM   307  N  N   B LYS A 1 33  ? 1.094   8.853   -5.323  0.50 17.61  ? 30  LYS A N   1 
ATOM   308  C  CA  A LYS A 1 33  ? 1.304   8.595   -6.779  0.50 17.81  ? 30  LYS A CA  1 
ATOM   309  C  CA  B LYS A 1 33  ? 1.248   8.568   -6.743  0.50 18.41  ? 30  LYS A CA  1 
ATOM   310  C  C   A LYS A 1 33  ? -0.103  8.390   -7.335  0.50 17.76  ? 30  LYS A C   1 
ATOM   311  C  C   B LYS A 1 33  ? -0.167  8.498   -7.305  0.50 17.93  ? 30  LYS A C   1 
ATOM   312  O  O   A LYS A 1 33  ? -0.984  7.916   -6.616  0.50 17.30  ? 30  LYS A O   1 
ATOM   313  O  O   B LYS A 1 33  ? -1.118  8.264   -6.564  0.50 17.66  ? 30  LYS A O   1 
ATOM   314  C  CB  A LYS A 1 33  ? 2.232   7.407   -7.102  0.50 18.50  ? 30  LYS A CB  1 
ATOM   315  C  CB  B LYS A 1 33  ? 1.974   7.244   -6.954  0.50 19.04  ? 30  LYS A CB  1 
ATOM   316  C  CG  A LYS A 1 33  ? 1.912   6.087   -6.393  0.50 17.53  ? 30  LYS A CG  1 
ATOM   317  C  CG  B LYS A 1 33  ? 1.349   6.057   -6.243  0.50 22.27  ? 30  LYS A CG  1 
ATOM   318  C  CD  A LYS A 1 33  ? 2.819   4.933   -6.876  0.50 18.75  ? 30  LYS A CD  1 
ATOM   319  C  CD  B LYS A 1 33  ? 2.295   4.867   -6.218  0.50 28.59  ? 30  LYS A CD  1 
ATOM   320  C  CE  A LYS A 1 33  ? 2.741   3.713   -5.934  0.50 20.65  ? 30  LYS A CE  1 
ATOM   321  C  CE  B LYS A 1 33  ? 2.676   4.497   -7.640  0.50 31.62  ? 30  LYS A CE  1 
ATOM   322  N  NZ  A LYS A 1 33  ? 1.457   2.915   -5.952  0.50 16.18  ? 30  LYS A NZ  1 
ATOM   323  N  NZ  B LYS A 1 33  ? 3.409   3.210   -7.746  0.50 36.23  ? 30  LYS A NZ  1 
ATOM   324  N  N   . PRO A 1 34  ? -0.322  8.753   -8.616  1.00 18.09  ? 31  PRO A N   1 
ATOM   325  C  CA  . PRO A 1 34  ? -1.661  8.684   -9.230  1.00 17.70  ? 31  PRO A CA  1 
ATOM   326  C  C   . PRO A 1 34  ? -2.477  7.406   -8.978  1.00 17.56  ? 31  PRO A C   1 
ATOM   327  O  O   . PRO A 1 34  ? -3.695  7.560   -8.698  1.00 18.77  ? 31  PRO A O   1 
ATOM   328  C  CB  . PRO A 1 34  ? -1.367  8.891   -10.731 1.00 18.28  ? 31  PRO A CB  1 
ATOM   329  C  CG  . PRO A 1 34  ? -0.181  9.853   -10.695 1.00 18.87  ? 31  PRO A CG  1 
ATOM   330  C  CD  . PRO A 1 34  ? 0.694   9.301   -9.536  1.00 18.21  ? 31  PRO A CD  1 
ATOM   331  N  N   . ASP A 1 35  ? -1.882  6.197   -9.002  1.00 17.59  ? 32  ASP A N   1 
ATOM   332  C  CA  . ASP A 1 35  ? -2.730  5.019   -8.817  1.00 18.40  ? 32  ASP A CA  1 
ATOM   333  C  C   . ASP A 1 35  ? -3.087  4.716   -7.363  1.00 18.59  ? 32  ASP A C   1 
ATOM   334  O  O   . ASP A 1 35  ? -3.750  3.703   -7.067  1.00 19.50  ? 32  ASP A O   1 
ATOM   335  C  CB  . ASP A 1 35  ? -2.193  3.772   -9.520  1.00 20.01  ? 32  ASP A CB  1 
ATOM   336  C  CG  . ASP A 1 35  ? -1.038  3.090   -8.772  1.00 22.64  ? 32  ASP A CG  1 
ATOM   337  O  OD1 . ASP A 1 35  ? -0.482  3.659   -7.823  1.00 22.36  ? 32  ASP A OD1 1 
ATOM   338  O  OD2 . ASP A 1 35  ? -0.658  1.950   -9.146  1.00 23.21  ? 32  ASP A OD2 1 
ATOM   339  N  N   . ASN A 1 36  ? -2.628  5.591   -6.470  1.00 18.02  ? 33  ASN A N   1 
ATOM   340  C  CA  . ASN A 1 36  ? -3.138  5.568   -5.100  1.00 17.85  ? 33  ASN A CA  1 
ATOM   341  C  C   . ASN A 1 36  ? -4.108  6.722   -4.845  1.00 17.64  ? 33  ASN A C   1 
ATOM   342  O  O   . ASN A 1 36  ? -4.703  6.801   -3.773  1.00 18.05  ? 33  ASN A O   1 
ATOM   343  C  CB  . ASN A 1 36  ? -2.011  5.714   -4.052  1.00 17.18  ? 33  ASN A CB  1 
ATOM   344  C  CG  . ASN A 1 36  ? -1.120  4.465   -3.887  1.00 21.55  ? 33  ASN A CG  1 
ATOM   345  O  OD1 . ASN A 1 36  ? 0.024   4.612   -3.523  1.00 30.18  ? 33  ASN A OD1 1 
ATOM   346  N  ND2 . ASN A 1 36  ? -1.638  3.272   -4.070  1.00 22.47  ? 33  ASN A ND2 1 
ATOM   347  N  N   . ASP A 1 37  ? -4.222  7.677   -5.771  1.00 17.32  ? 34  ASP A N   1 
ATOM   348  C  CA  . ASP A 1 37  ? -5.194  8.743   -5.545  1.00 17.22  ? 34  ASP A CA  1 
ATOM   349  C  C   . ASP A 1 37  ? -6.618  8.200   -5.585  1.00 17.35  ? 34  ASP A C   1 
ATOM   350  O  O   . ASP A 1 37  ? -6.900  7.242   -6.311  1.00 16.67  ? 34  ASP A O   1 
ATOM   351  C  CB  . ASP A 1 37  ? -5.056  9.809   -6.638  1.00 17.88  ? 34  ASP A CB  1 
ATOM   352  C  CG  . ASP A 1 37  ? -5.798  11.073  -6.280  1.00 19.89  ? 34  ASP A CG  1 
ATOM   353  O  OD1 . ASP A 1 37  ? -5.302  11.823  -5.406  1.00 21.62  ? 34  ASP A OD1 1 
ATOM   354  O  OD2 . ASP A 1 37  ? -6.897  11.330  -6.844  1.00 21.16  ? 34  ASP A OD2 1 
ATOM   355  N  N   . ILE A 1 38  ? -7.533  8.853   -4.863  1.00 17.76  ? 35  ILE A N   1 
ATOM   356  C  CA  . ILE A 1 38  ? -8.928  8.407   -4.938  1.00 19.14  ? 35  ILE A CA  1 
ATOM   357  C  C   . ILE A 1 38  ? -9.436  8.342   -6.406  1.00 19.71  ? 35  ILE A C   1 
ATOM   358  O  O   . ILE A 1 38  ? -10.210 7.429   -6.763  1.00 20.54  ? 35  ILE A O   1 
ATOM   359  C  CB  . ILE A 1 38  ? -9.828  9.253   -4.037  1.00 20.17  ? 35  ILE A CB  1 
ATOM   360  C  CG1 . ILE A 1 38  ? -11.181 8.529   -3.869  1.00 23.22  ? 35  ILE A CG1 1 
ATOM   361  C  CG2 . ILE A 1 38  ? -9.863  10.710  -4.502  1.00 21.76  ? 35  ILE A CG2 1 
ATOM   362  C  CD1 . ILE A 1 38  ? -11.866 8.820   -2.650  1.00 26.67  ? 35  ILE A CD1 1 
ATOM   363  N  N   A GLU A 1 39  ? -8.988  9.263   -7.240  0.60 18.65  ? 36  GLU A N   1 
ATOM   364  N  N   B GLU A 1 39  ? -8.967  9.274   -7.236  0.40 19.68  ? 36  GLU A N   1 
ATOM   365  C  CA  A GLU A 1 39  ? -9.436  9.257   -8.637  0.60 19.62  ? 36  GLU A CA  1 
ATOM   366  C  CA  B GLU A 1 39  ? -9.359  9.368   -8.658  0.40 21.17  ? 36  GLU A CA  1 
ATOM   367  C  C   A GLU A 1 39  ? -8.790  8.194   -9.488  0.60 18.83  ? 36  GLU A C   1 
ATOM   368  C  C   B GLU A 1 39  ? -8.591  8.434   -9.588  0.40 19.96  ? 36  GLU A C   1 
ATOM   369  O  O   A GLU A 1 39  ? -9.315  7.855   -10.574 0.60 18.82  ? 36  GLU A O   1 
ATOM   370  O  O   B GLU A 1 39  ? -8.829  8.400   -10.810 0.40 19.43  ? 36  GLU A O   1 
ATOM   371  C  CB  A GLU A 1 39  ? -9.204  10.620  -9.279  0.60 20.14  ? 36  GLU A CB  1 
ATOM   372  C  CB  B GLU A 1 39  ? -9.176  10.807  -9.151  0.40 21.18  ? 36  GLU A CB  1 
ATOM   373  C  CG  A GLU A 1 39  ? -9.890  11.750  -8.555  0.60 22.99  ? 36  GLU A CG  1 
ATOM   374  C  CG  B GLU A 1 39  ? -10.112 11.805  -8.499  0.40 24.15  ? 36  GLU A CG  1 
ATOM   375  C  CD  A GLU A 1 39  ? -11.420 11.629  -8.476  0.60 26.07  ? 36  GLU A CD  1 
ATOM   376  C  CD  B GLU A 1 39  ? -9.957  13.229  -9.030  0.40 25.05  ? 36  GLU A CD  1 
ATOM   377  O  OE1 A GLU A 1 39  ? -12.056 10.871  -9.244  0.60 28.94  ? 36  GLU A OE1 1 
ATOM   378  O  OE1 B GLU A 1 39  ? -9.261  13.430  -10.055 0.40 30.54  ? 36  GLU A OE1 1 
ATOM   379  O  OE2 A GLU A 1 39  ? -11.989 12.344  -7.629  0.60 29.97  ? 36  GLU A OE2 1 
ATOM   380  O  OE2 B GLU A 1 39  ? -10.546 14.150  -8.421  0.40 30.93  ? 36  GLU A OE2 1 
ATOM   381  N  N   . GLY A 1 40  ? -7.631  7.709   -9.023  1.00 18.92  ? 37  GLY A N   1 
ATOM   382  C  CA  . GLY A 1 40  ? -6.776  6.818   -9.806  1.00 18.70  ? 37  GLY A CA  1 
ATOM   383  C  C   . GLY A 1 40  ? -6.816  5.363   -9.371  1.00 19.12  ? 37  GLY A C   1 
ATOM   384  O  O   . GLY A 1 40  ? -6.141  4.545   -9.964  1.00 19.59  ? 37  GLY A O   1 
ATOM   385  N  N   A ILE A 1 41  ? -7.626  5.028   -8.361  0.60 18.76  ? 38  ILE A N   1 
ATOM   386  N  N   B ILE A 1 41  ? -7.561  5.036   -8.322  0.40 19.18  ? 38  ILE A N   1 
ATOM   387  C  CA  A ILE A 1 41  ? -7.736  3.630   -7.924  0.60 18.02  ? 38  ILE A CA  1 
ATOM   388  C  CA  B ILE A 1 41  ? -7.618  3.640   -7.923  0.40 18.88  ? 38  ILE A CA  1 
ATOM   389  C  C   A ILE A 1 41  ? -8.256  2.726   -9.039  0.60 19.31  ? 38  ILE A C   1 
ATOM   390  C  C   B ILE A 1 41  ? -8.155  2.812   -9.103  0.40 19.54  ? 38  ILE A C   1 
ATOM   391  O  O   A ILE A 1 41  ? -9.344  2.950   -9.567  0.60 19.38  ? 38  ILE A O   1 
ATOM   392  O  O   B ILE A 1 41  ? -9.127  3.197   -9.760  0.40 19.13  ? 38  ILE A O   1 
ATOM   393  C  CB  A ILE A 1 41  ? -8.648  3.511   -6.692  0.60 18.50  ? 38  ILE A CB  1 
ATOM   394  C  CB  B ILE A 1 41  ? -8.428  3.452   -6.637  0.40 19.72  ? 38  ILE A CB  1 
ATOM   395  C  CG1 A ILE A 1 41  ? -7.987  4.215   -5.489  0.60 16.67  ? 38  ILE A CG1 1 
ATOM   396  C  CG1 B ILE A 1 41  ? -8.252  2.018   -6.139  0.40 19.99  ? 38  ILE A CG1 1 
ATOM   397  C  CG2 A ILE A 1 41  ? -9.009  2.010   -6.453  0.60 18.56  ? 38  ILE A CG2 1 
ATOM   398  C  CG2 B ILE A 1 41  ? -9.873  3.842   -6.856  0.40 18.80  ? 38  ILE A CG2 1 
ATOM   399  C  CD1 A ILE A 1 41  ? -6.643  3.663   -5.044  0.60 18.37  ? 38  ILE A CD1 1 
ATOM   400  C  CD1 B ILE A 1 41  ? -9.099  1.687   -4.982  0.40 24.36  ? 38  ILE A CD1 1 
ATOM   401  N  N   . ALA A 1 42  ? -7.462  1.719   -9.421  1.00 18.68  ? 39  ALA A N   1 
ATOM   402  C  CA  . ALA A 1 42  ? -7.783  0.932   -10.616 1.00 18.88  ? 39  ALA A CA  1 
ATOM   403  C  C   . ALA A 1 42  ? -7.439  -0.533  -10.512 1.00 18.31  ? 39  ALA A C   1 
ATOM   404  O  O   . ALA A 1 42  ? -7.913  -1.325  -11.317 1.00 19.25  ? 39  ALA A O   1 
ATOM   405  C  CB  . ALA A 1 42  ? -7.046  1.553   -11.844 1.00 20.23  ? 39  ALA A CB  1 
ATOM   406  N  N   . HIS A 1 43  ? -6.567  -0.893  -9.563  1.00 18.00  ? 40  HIS A N   1 
ATOM   407  C  CA  . HIS A 1 43  ? -6.105  -2.281  -9.446  1.00 16.78  ? 40  HIS A CA  1 
ATOM   408  C  C   . HIS A 1 43  ? -5.646  -2.510  -8.040  1.00 17.54  ? 40  HIS A C   1 
ATOM   409  O  O   . HIS A 1 43  ? -5.348  -1.552  -7.308  1.00 17.90  ? 40  HIS A O   1 
ATOM   410  C  CB  . HIS A 1 43  ? -4.917  -2.579  -10.390 1.00 17.86  ? 40  HIS A CB  1 
ATOM   411  C  CG  . HIS A 1 43  ? -3.923  -1.465  -10.470 1.00 19.00  ? 40  HIS A CG  1 
ATOM   412  N  ND1 . HIS A 1 43  ? -3.830  -0.627  -11.566 1.00 21.45  ? 40  HIS A ND1 1 
ATOM   413  C  CD2 . HIS A 1 43  ? -3.027  -1.001  -9.554  1.00 20.87  ? 40  HIS A CD2 1 
ATOM   414  C  CE1 . HIS A 1 43  ? -2.899  0.292   -11.330 1.00 21.76  ? 40  HIS A CE1 1 
ATOM   415  N  NE2 . HIS A 1 43  ? -2.404  0.093   -10.114 1.00 19.81  ? 40  HIS A NE2 1 
ATOM   416  N  N   . LEU A 1 44  ? -5.644  -3.768  -7.639  1.00 16.28  ? 41  LEU A N   1 
ATOM   417  C  CA  . LEU A 1 44  ? -5.082  -4.208  -6.372  1.00 17.41  ? 41  LEU A CA  1 
ATOM   418  C  C   . LEU A 1 44  ? -3.842  -5.043  -6.618  1.00 17.57  ? 41  LEU A C   1 
ATOM   419  O  O   . LEU A 1 44  ? -3.624  -5.511  -7.736  1.00 17.75  ? 41  LEU A O   1 
ATOM   420  C  CB  . LEU A 1 44  ? -6.104  -5.060  -5.595  1.00 17.41  ? 41  LEU A CB  1 
ATOM   421  C  CG  . LEU A 1 44  ? -7.463  -4.392  -5.352  1.00 17.06  ? 41  LEU A CG  1 
ATOM   422  C  CD1 . LEU A 1 44  ? -8.332  -5.340  -4.497  1.00 18.99  ? 41  LEU A CD1 1 
ATOM   423  C  CD2 . LEU A 1 44  ? -7.320  -3.043  -4.620  1.00 17.87  ? 41  LEU A CD2 1 
ATOM   424  N  N   . GLU A 1 45  ? -3.062  -5.274  -5.557  1.00 17.32  ? 42  GLU A N   1 
ATOM   425  C  CA  . GLU A 1 45  ? -1.821  -6.044  -5.649  1.00 17.85  ? 42  GLU A CA  1 
ATOM   426  C  C   . GLU A 1 45  ? -1.935  -7.215  -4.690  1.00 17.53  ? 42  GLU A C   1 
ATOM   427  O  O   . GLU A 1 45  ? -2.679  -7.182  -3.694  1.00 17.19  ? 42  GLU A O   1 
ATOM   428  C  CB  . GLU A 1 45  ? -0.640  -5.146  -5.246  1.00 17.71  ? 42  GLU A CB  1 
ATOM   429  C  CG  . GLU A 1 45  ? 0.757   -5.756  -5.486  1.00 20.73  ? 42  GLU A CG  1 
ATOM   430  C  CD  . GLU A 1 45  ? 1.878   -4.730  -5.215  1.00 20.50  ? 42  GLU A CD  1 
ATOM   431  O  OE1 . GLU A 1 45  ? 1.586   -3.560  -4.874  1.00 24.99  ? 42  GLU A OE1 1 
ATOM   432  O  OE2 . GLU A 1 45  ? 3.036   -5.121  -5.369  1.00 32.85  ? 42  GLU A OE2 1 
ATOM   433  N  N   . ILE A 1 46  ? -1.132  -8.242  -4.943  1.00 18.33  ? 43  ILE A N   1 
ATOM   434  C  CA  . ILE A 1 46  ? -1.096  -9.374  -4.022  1.00 17.98  ? 43  ILE A CA  1 
ATOM   435  C  C   . ILE A 1 46  ? 0.346   -9.876  -3.995  1.00 18.08  ? 43  ILE A C   1 
ATOM   436  O  O   . ILE A 1 46  ? 1.021   -9.920  -5.044  1.00 18.26  ? 43  ILE A O   1 
ATOM   437  C  CB  . ILE A 1 46  ? -2.062  -10.511 -4.461  1.00 18.64  ? 43  ILE A CB  1 
ATOM   438  C  CG1 . ILE A 1 46  ? -2.143  -11.624 -3.404  1.00 18.66  ? 43  ILE A CG1 1 
ATOM   439  C  CG2 . ILE A 1 46  ? -1.645  -11.121 -5.843  1.00 19.08  ? 43  ILE A CG2 1 
ATOM   440  C  CD1 . ILE A 1 46  ? -3.353  -12.606 -3.613  1.00 19.38  ? 43  ILE A CD1 1 
ATOM   441  N  N   . HIS A 1 47  ? 0.815   -10.240 -2.798  1.00 16.96  ? 44  HIS A N   1 
ATOM   442  C  CA  . HIS A 1 47  ? 2.129   -10.871 -2.659  1.00 17.05  ? 44  HIS A CA  1 
ATOM   443  C  C   . HIS A 1 47  ? 1.907   -12.336 -2.309  1.00 18.55  ? 44  HIS A C   1 
ATOM   444  O  O   . HIS A 1 47  ? 1.300   -12.672 -1.288  1.00 19.63  ? 44  HIS A O   1 
ATOM   445  C  CB  . HIS A 1 47  ? 2.911   -10.239 -1.494  1.00 16.94  ? 44  HIS A CB  1 
ATOM   446  C  CG  . HIS A 1 47  ? 3.227   -8.801  -1.708  1.00 18.33  ? 44  HIS A CG  1 
ATOM   447  N  ND1 . HIS A 1 47  ? 3.857   -8.335  -2.847  1.00 20.82  ? 44  HIS A ND1 1 
ATOM   448  C  CD2 . HIS A 1 47  ? 3.031   -7.724  -0.911  1.00 18.76  ? 44  HIS A CD2 1 
ATOM   449  C  CE1 . HIS A 1 47  ? 4.021   -7.022  -2.745  1.00 22.99  ? 44  HIS A CE1 1 
ATOM   450  N  NE2 . HIS A 1 47  ? 3.553   -6.632  -1.575  1.00 21.68  ? 44  HIS A NE2 1 
ATOM   451  N  N   . HIS A 1 48  ? 2.449   -13.221 -3.129  1.00 19.42  ? 45  HIS A N   1 
ATOM   452  C  CA  . HIS A 1 48  ? 2.289   -14.648 -2.824  1.00 19.25  ? 45  HIS A CA  1 
ATOM   453  C  C   . HIS A 1 48  ? 3.221   -15.227 -1.775  1.00 20.51  ? 45  HIS A C   1 
ATOM   454  O  O   . HIS A 1 48  ? 2.938   -16.307 -1.247  1.00 22.55  ? 45  HIS A O   1 
ATOM   455  C  CB  . HIS A 1 48  ? 2.378   -15.468 -4.125  1.00 19.61  ? 45  HIS A CB  1 
ATOM   456  C  CG  . HIS A 1 48  ? 1.396   -15.018 -5.166  1.00 19.32  ? 45  HIS A CG  1 
ATOM   457  N  ND1 . HIS A 1 48  ? 0.031   -15.073 -4.971  1.00 21.37  ? 45  HIS A ND1 1 
ATOM   458  C  CD2 . HIS A 1 48  ? 1.575   -14.487 -6.401  1.00 21.07  ? 45  HIS A CD2 1 
ATOM   459  C  CE1 . HIS A 1 48  ? -0.591  -14.607 -6.042  1.00 23.63  ? 45  HIS A CE1 1 
ATOM   460  N  NE2 . HIS A 1 48  ? 0.322   -14.218 -6.913  1.00 20.64  ? 45  HIS A NE2 1 
ATOM   461  N  N   A SER A 1 49  ? 4.293   -14.508 -1.454  0.50 19.93  ? 46  SER A N   1 
ATOM   462  N  N   B SER A 1 49  ? 4.333   -14.550 -1.485  0.50 20.22  ? 46  SER A N   1 
ATOM   463  C  CA  A SER A 1 49  ? 5.362   -15.101 -0.655  0.50 19.80  ? 46  SER A CA  1 
ATOM   464  C  CA  B SER A 1 49  ? 5.341   -15.130 -0.576  0.50 20.32  ? 46  SER A CA  1 
ATOM   465  C  C   A SER A 1 49  ? 5.829   -14.260 0.529   0.50 19.98  ? 46  SER A C   1 
ATOM   466  C  C   B SER A 1 49  ? 6.008   -14.112 0.351   0.50 19.90  ? 46  SER A C   1 
ATOM   467  O  O   A SER A 1 49  ? 6.702   -14.689 1.281   0.50 19.76  ? 46  SER A O   1 
ATOM   468  O  O   B SER A 1 49  ? 7.176   -14.262 0.745   0.50 18.55  ? 46  SER A O   1 
ATOM   469  C  CB  A SER A 1 49  ? 6.546   -15.422 -1.564  0.50 21.12  ? 46  SER A CB  1 
ATOM   470  C  CB  B SER A 1 49  ? 6.396   -15.907 -1.362  0.50 21.99  ? 46  SER A CB  1 
ATOM   471  O  OG  A SER A 1 49  ? 6.166   -16.369 -2.549  0.50 20.88  ? 46  SER A OG  1 
ATOM   472  O  OG  B SER A 1 49  ? 7.024   -15.057 -2.305  0.50 24.89  ? 46  SER A OG  1 
ATOM   473  N  N   . THR A 1 50  ? 5.258   -13.069 0.684   1.00 19.07  ? 47  THR A N   1 
ATOM   474  C  CA  . THR A 1 50  ? 5.652   -12.172 1.781   1.00 18.53  ? 47  THR A CA  1 
ATOM   475  C  C   . THR A 1 50  ? 4.451   -11.507 2.430   1.00 18.49  ? 47  THR A C   1 
ATOM   476  O  O   . THR A 1 50  ? 3.480   -11.162 1.748   1.00 18.74  ? 47  THR A O   1 
ATOM   477  C  CB  . THR A 1 50  ? 6.683   -11.078 1.353   1.00 19.33  ? 47  THR A CB  1 
ATOM   478  O  OG1 . THR A 1 50  ? 7.161   -10.381 2.523   1.00 18.04  ? 47  THR A OG1 1 
ATOM   479  C  CG2 . THR A 1 50  ? 6.069   -10.043 0.437   1.00 18.56  ? 47  THR A CG2 1 
ATOM   480  N  N   . ASP A 1 51  ? 4.561   -11.323 3.739   1.00 17.41  ? 48  ASP A N   1 
ATOM   481  C  CA  . ASP A 1 51  ? 3.703   -10.397 4.444   1.00 17.63  ? 48  ASP A CA  1 
ATOM   482  C  C   . ASP A 1 51  ? 4.250   -8.973  4.225   1.00 17.46  ? 48  ASP A C   1 
ATOM   483  O  O   . ASP A 1 51  ? 5.431   -8.798  3.872   1.00 17.76  ? 48  ASP A O   1 
ATOM   484  C  CB  . ASP A 1 51  ? 3.677   -10.680 5.952   1.00 17.59  ? 48  ASP A CB  1 
ATOM   485  C  CG  . ASP A 1 51  ? 3.155   -12.072 6.317   1.00 19.72  ? 48  ASP A CG  1 
ATOM   486  O  OD1 . ASP A 1 51  ? 2.499   -12.746 5.485   1.00 20.29  ? 48  ASP A OD1 1 
ATOM   487  O  OD2 . ASP A 1 51  ? 3.403   -12.510 7.476   1.00 20.23  ? 48  ASP A OD2 1 
ATOM   488  N  N   . GLU A 1 52  ? 3.418   -7.956  4.465   1.00 16.99  ? 49  GLU A N   1 
ATOM   489  C  CA  . GLU A 1 52  ? 3.907   -6.579  4.356   1.00 16.56  ? 49  GLU A CA  1 
ATOM   490  C  C   . GLU A 1 52  ? 3.306   -5.723  5.456   1.00 16.04  ? 49  GLU A C   1 
ATOM   491  O  O   . GLU A 1 52  ? 2.115   -5.853  5.761   1.00 16.25  ? 49  GLU A O   1 
ATOM   492  C  CB  . GLU A 1 52  ? 3.513   -6.025  2.983   1.00 17.33  ? 49  GLU A CB  1 
ATOM   493  C  CG  . GLU A 1 52  ? 3.914   -4.550  2.795   1.00 16.96  ? 49  GLU A CG  1 
ATOM   494  C  CD  . GLU A 1 52  ? 3.739   -4.045  1.368   1.00 20.76  ? 49  GLU A CD  1 
ATOM   495  O  OE1 . GLU A 1 52  ? 3.435   -4.853  0.498   1.00 25.16  ? 49  GLU A OE1 1 
ATOM   496  O  OE2 . GLU A 1 52  ? 3.898   -2.825  1.119   1.00 22.73  ? 49  GLU A OE2 1 
ATOM   497  N  N   . GLN A 1 53  ? 4.146   -4.913  6.105   1.00 15.29  ? 50  GLN A N   1 
ATOM   498  C  CA  . GLN A 1 53  ? 3.637   -4.013  7.134   1.00 15.57  ? 50  GLN A CA  1 
ATOM   499  C  C   . GLN A 1 53  ? 3.702   -2.570  6.673   1.00 15.96  ? 50  GLN A C   1 
ATOM   500  O  O   . GLN A 1 53  ? 4.617   -2.191  5.906   1.00 16.46  ? 50  GLN A O   1 
ATOM   501  C  CB  . GLN A 1 53  ? 4.401   -4.147  8.452   1.00 16.29  ? 50  GLN A CB  1 
ATOM   502  C  CG  . GLN A 1 53  ? 4.292   -5.585  9.043   1.00 16.43  ? 50  GLN A CG  1 
ATOM   503  C  CD  . GLN A 1 53  ? 5.241   -6.544  8.371   1.00 16.79  ? 50  GLN A CD  1 
ATOM   504  O  OE1 . GLN A 1 53  ? 6.461   -6.271  8.289   1.00 18.53  ? 50  GLN A OE1 1 
ATOM   505  N  NE2 . GLN A 1 53  ? 4.728   -7.710  7.892   1.00 17.69  ? 50  GLN A NE2 1 
ATOM   506  N  N   . PHE A 1 54  ? 2.724   -1.768  7.119   1.00 15.22  ? 51  PHE A N   1 
ATOM   507  C  CA  . PHE A 1 54  ? 2.586   -0.388  6.664   1.00 16.12  ? 51  PHE A CA  1 
ATOM   508  C  C   . PHE A 1 54  ? 2.519   0.506   7.884   1.00 16.75  ? 51  PHE A C   1 
ATOM   509  O  O   . PHE A 1 54  ? 1.835   0.206   8.862   1.00 16.26  ? 51  PHE A O   1 
ATOM   510  C  CB  . PHE A 1 54  ? 1.250   -0.239  5.906   1.00 18.13  ? 51  PHE A CB  1 
ATOM   511  C  CG  . PHE A 1 54  ? 1.118   -1.140  4.696   1.00 18.64  ? 51  PHE A CG  1 
ATOM   512  C  CD1 . PHE A 1 54  ? 1.420   -0.639  3.423   1.00 23.57  ? 51  PHE A CD1 1 
ATOM   513  C  CD2 . PHE A 1 54  ? 0.740   -2.471  4.826   1.00 20.61  ? 51  PHE A CD2 1 
ATOM   514  C  CE1 . PHE A 1 54  ? 1.279   -1.485  2.273   1.00 23.85  ? 51  PHE A CE1 1 
ATOM   515  C  CE2 . PHE A 1 54  ? 0.610   -3.286  3.682   1.00 21.03  ? 51  PHE A CE2 1 
ATOM   516  C  CZ  . PHE A 1 54  ? 0.853   -2.797  2.450   1.00 23.10  ? 51  PHE A CZ  1 
ATOM   517  N  N   . ILE A 1 55  ? 3.176   1.656   7.783   1.00 16.51  ? 52  ILE A N   1 
ATOM   518  C  CA  . ILE A 1 55  ? 3.226   2.625   8.856   1.00 17.03  ? 52  ILE A CA  1 
ATOM   519  C  C   . ILE A 1 55  ? 2.963   3.972   8.257   1.00 17.63  ? 52  ILE A C   1 
ATOM   520  O  O   . ILE A 1 55  ? 3.742   4.425   7.435   1.00 19.02  ? 52  ILE A O   1 
ATOM   521  C  CB  . ILE A 1 55  ? 4.607   2.632   9.529   1.00 17.26  ? 52  ILE A CB  1 
ATOM   522  C  CG1 . ILE A 1 55  ? 4.866   1.266   10.150  1.00 19.11  ? 52  ILE A CG1 1 
ATOM   523  C  CG2 . ILE A 1 55  ? 4.769   3.793   10.538  1.00 20.27  ? 52  ILE A CG2 1 
ATOM   524  C  CD1 . ILE A 1 55  ? 6.400   1.000   10.508  1.00 21.34  ? 52  ILE A CD1 1 
ATOM   525  N  N   . LEU A 1 56  ? 1.900   4.642   8.704   1.00 16.33  ? 53  LEU A N   1 
ATOM   526  C  CA  . LEU A 1 56  ? 1.544   5.989   8.199   1.00 16.30  ? 53  LEU A CA  1 
ATOM   527  C  C   . LEU A 1 56  ? 2.384   7.033   8.929   1.00 18.33  ? 53  LEU A C   1 
ATOM   528  O  O   . LEU A 1 56  ? 2.377   7.064   10.187  1.00 18.34  ? 53  LEU A O   1 
ATOM   529  C  CB  . LEU A 1 56  ? 0.032   6.243   8.440   1.00 16.00  ? 53  LEU A CB  1 
ATOM   530  C  CG  . LEU A 1 56  ? -0.512  7.594   7.935   1.00 17.40  ? 53  LEU A CG  1 
ATOM   531  C  CD1 . LEU A 1 56  ? -0.342  7.755   6.393   1.00 17.23  ? 53  LEU A CD1 1 
ATOM   532  C  CD2 . LEU A 1 56  ? -1.976  7.701   8.278   1.00 17.81  ? 53  LEU A CD2 1 
ATOM   533  N  N   . SER A 1 57  ? 3.006   7.932   8.155   1.00 16.83  ? 54  SER A N   1 
ATOM   534  C  CA  . SER A 1 57  ? 3.868   8.981   8.716   1.00 17.51  ? 54  SER A CA  1 
ATOM   535  C  C   . SER A 1 57  ? 3.216   10.362  8.656   1.00 17.72  ? 54  SER A C   1 
ATOM   536  O  O   . SER A 1 57  ? 3.227   11.112  9.665   1.00 19.77  ? 54  SER A O   1 
ATOM   537  C  CB  . SER A 1 57  ? 5.214   9.010   7.954   1.00 18.26  ? 54  SER A CB  1 
ATOM   538  O  OG  . SER A 1 57  ? 6.067   9.982   8.572   1.00 19.31  ? 54  SER A OG  1 
ATOM   539  N  N   . ALA A 1 58  ? 2.641   10.707  7.512   1.00 17.62  ? 55  ALA A N   1 
ATOM   540  C  CA  . ALA A 1 58  ? 2.037   12.045  7.288   1.00 17.30  ? 55  ALA A CA  1 
ATOM   541  C  C   . ALA A 1 58  ? 0.749   11.893  6.501   1.00 17.02  ? 55  ALA A C   1 
ATOM   542  O  O   . ALA A 1 58  ? 0.609   10.940  5.718   1.00 17.01  ? 55  ALA A O   1 
ATOM   543  C  CB  . ALA A 1 58  ? 2.991   12.945  6.456   1.00 18.83  ? 55  ALA A CB  1 
ATOM   544  N  N   . GLY A 1 59  ? -0.177  12.839  6.684   1.00 17.28  ? 56  GLY A N   1 
ATOM   545  C  CA  . GLY A 1 59  ? -1.383  12.840  5.879   1.00 16.19  ? 56  GLY A CA  1 
ATOM   546  C  C   . GLY A 1 59  ? -2.301  11.691  6.259   1.00 16.70  ? 56  GLY A C   1 
ATOM   547  O  O   . GLY A 1 59  ? -2.160  11.073  7.327   1.00 18.82  ? 56  GLY A O   1 
ATOM   548  N  N   . LYS A 1 60  ? -3.235  11.444  5.357   1.00 17.10  ? 57  LYS A N   1 
ATOM   549  C  CA  . LYS A 1 60  ? -4.263  10.413  5.582   1.00 17.10  ? 57  LYS A CA  1 
ATOM   550  C  C   . LYS A 1 60  ? -4.085  9.292   4.593   1.00 16.91  ? 57  LYS A C   1 
ATOM   551  O  O   . LYS A 1 60  ? -3.586  9.486   3.465   1.00 17.29  ? 57  LYS A O   1 
ATOM   552  C  CB  . LYS A 1 60  ? -5.672  10.995  5.396   1.00 17.78  ? 57  LYS A CB  1 
ATOM   553  C  CG  . LYS A 1 60  ? -6.049  12.094  6.373   1.00 19.75  ? 57  LYS A CG  1 
ATOM   554  C  CD  . LYS A 1 60  ? -7.331  12.729  5.841   1.00 23.56  ? 57  LYS A CD  1 
ATOM   555  C  CE  . LYS A 1 60  ? -7.809  13.785  6.773   1.00 28.36  ? 57  LYS A CE  1 
ATOM   556  N  NZ  . LYS A 1 60  ? -9.069  14.290  6.126   1.00 31.59  ? 57  LYS A NZ  1 
ATOM   557  N  N   . ALA A 1 61  ? -4.510  8.093   4.991   1.00 16.77  ? 58  ALA A N   1 
ATOM   558  C  CA  . ALA A 1 61  ? -4.447  6.960   4.066   1.00 16.67  ? 58  ALA A CA  1 
ATOM   559  C  C   . ALA A 1 61  ? -5.455  5.917   4.451   1.00 15.90  ? 58  ALA A C   1 
ATOM   560  O  O   . ALA A 1 61  ? -5.783  5.771   5.626   1.00 16.52  ? 58  ALA A O   1 
ATOM   561  C  CB  . ALA A 1 61  ? -3.065  6.329   4.062   1.00 17.21  ? 58  ALA A CB  1 
ATOM   562  N  N   . ILE A 1 62  ? -5.939  5.221   3.428   1.00 15.63  ? 59  ILE A N   1 
ATOM   563  C  CA  . ILE A 1 62  ? -6.813  4.075   3.592   1.00 16.08  ? 59  ILE A CA  1 
ATOM   564  C  C   . ILE A 1 62  ? -6.154  2.847   2.979   1.00 16.56  ? 59  ILE A C   1 
ATOM   565  O  O   . ILE A 1 62  ? -5.540  2.916   1.903   1.00 17.64  ? 59  ILE A O   1 
ATOM   566  C  CB  . ILE A 1 62  ? -8.169  4.358   2.883   1.00 16.18  ? 59  ILE A CB  1 
ATOM   567  C  CG1 . ILE A 1 62  ? -8.903  5.497   3.607   1.00 16.39  ? 59  ILE A CG1 1 
ATOM   568  C  CG2 . ILE A 1 62  ? -9.048  3.110   2.838   1.00 17.86  ? 59  ILE A CG2 1 
ATOM   569  C  CD1 . ILE A 1 62  ? -10.035 6.081   2.755   1.00 18.67  ? 59  ILE A CD1 1 
ATOM   570  N  N   A LEU A 1 63  ? -6.237  1.734   3.691   0.60 17.10  ? 60  LEU A N   1 
ATOM   571  N  N   B LEU A 1 63  ? -6.228  1.745   3.720   0.40 16.97  ? 60  LEU A N   1 
ATOM   572  C  CA  A LEU A 1 63  ? -5.717  0.469   3.180   0.60 17.07  ? 60  LEU A CA  1 
ATOM   573  C  CA  B LEU A 1 63  ? -5.828  0.440   3.209   0.40 17.05  ? 60  LEU A CA  1 
ATOM   574  C  C   A LEU A 1 63  ? -6.906  -0.374  2.712   0.60 17.18  ? 60  LEU A C   1 
ATOM   575  C  C   B LEU A 1 63  ? -7.047  -0.281  2.668   0.40 17.22  ? 60  LEU A C   1 
ATOM   576  O  O   A LEU A 1 63  ? -7.812  -0.675  3.513   0.60 17.35  ? 60  LEU A O   1 
ATOM   577  O  O   B LEU A 1 63  ? -8.076  -0.432  3.360   0.40 16.96  ? 60  LEU A O   1 
ATOM   578  C  CB  A LEU A 1 63  ? -4.967  -0.269  4.295   0.60 17.84  ? 60  LEU A CB  1 
ATOM   579  C  CB  B LEU A 1 63  ? -5.190  -0.424  4.302   0.40 17.14  ? 60  LEU A CB  1 
ATOM   580  C  CG  A LEU A 1 63  ? -4.210  -1.550  3.956   0.60 19.15  ? 60  LEU A CG  1 
ATOM   581  C  CG  B LEU A 1 63  ? -3.689  -0.224  4.491   0.40 18.72  ? 60  LEU A CG  1 
ATOM   582  C  CD1 A LEU A 1 63  ? -3.169  -1.351  2.857   0.60 20.68  ? 60  LEU A CD1 1 
ATOM   583  C  CD1 B LEU A 1 63  ? -3.225  -1.021  5.696   0.40 19.29  ? 60  LEU A CD1 1 
ATOM   584  C  CD2 A LEU A 1 63  ? -3.542  -2.021  5.244   0.60 20.79  ? 60  LEU A CD2 1 
ATOM   585  C  CD2 B LEU A 1 63  ? -2.847  -0.637  3.281   0.40 17.59  ? 60  LEU A CD2 1 
ATOM   586  N  N   . ILE A 1 64  ? -6.949  -0.702  1.417   1.00 17.14  ? 61  ILE A N   1 
ATOM   587  C  CA  . ILE A 1 64  ? -7.937  -1.587  0.857   1.00 17.08  ? 61  ILE A CA  1 
ATOM   588  C  C   . ILE A 1 64  ? -7.396  -2.999  1.059   1.00 17.38  ? 61  ILE A C   1 
ATOM   589  O  O   . ILE A 1 64  ? -6.223  -3.266  0.759   1.00 17.79  ? 61  ILE A O   1 
ATOM   590  C  CB  . ILE A 1 64  ? -8.089  -1.384  -0.696  1.00 17.12  ? 61  ILE A CB  1 
ATOM   591  C  CG1 . ILE A 1 64  ? -8.451  0.072   -0.997  1.00 20.00  ? 61  ILE A CG1 1 
ATOM   592  C  CG2 . ILE A 1 64  ? -9.133  -2.362  -1.280  1.00 18.04  ? 61  ILE A CG2 1 
ATOM   593  C  CD1 . ILE A 1 64  ? -8.229  0.454   -2.476  1.00 18.37  ? 61  ILE A CD1 1 
ATOM   594  N  N   . THR A 1 65  ? -8.268  -3.897  1.519   1.00 17.86  ? 62  THR A N   1 
ATOM   595  C  CA  . THR A 1 65  ? -7.943  -5.321  1.509   1.00 18.12  ? 62  THR A CA  1 
ATOM   596  C  C   . THR A 1 65  ? -9.112  -6.031  0.860   1.00 18.58  ? 62  THR A C   1 
ATOM   597  O  O   . THR A 1 65  ? -10.250 -5.539  0.901   1.00 19.44  ? 62  THR A O   1 
ATOM   598  C  CB  . THR A 1 65  ? -7.618  -5.898  2.878   1.00 18.08  ? 62  THR A CB  1 
ATOM   599  O  OG1 . THR A 1 65  ? -8.645  -5.534  3.804   1.00 17.62  ? 62  THR A OG1 1 
ATOM   600  C  CG2 . THR A 1 65  ? -6.221  -5.386  3.371   1.00 18.10  ? 62  THR A CG2 1 
ATOM   601  N  N   . ALA A 1 66  ? -8.838  -7.169  0.219   1.00 18.05  ? 63  ALA A N   1 
ATOM   602  C  CA  . ALA A 1 66  ? -9.917  -7.835  -0.514  1.00 19.25  ? 63  ALA A CA  1 
ATOM   603  C  C   . ALA A 1 66  ? -9.665  -9.316  -0.656  1.00 20.53  ? 63  ALA A C   1 
ATOM   604  O  O   . ALA A 1 66  ? -8.525  -9.786  -0.588  1.00 19.89  ? 63  ALA A O   1 
ATOM   605  C  CB  . ALA A 1 66  ? -10.095 -7.178  -1.887  1.00 18.61  ? 63  ALA A CB  1 
ATOM   606  N  N   A GLU A 1 67  ? -10.755 -10.057 -0.823  0.50 21.75  ? 64  GLU A N   1 
ATOM   607  N  N   B GLU A 1 67  ? -10.762 -10.043 -0.853  0.50 22.29  ? 64  GLU A N   1 
ATOM   608  C  CA  A GLU A 1 67  ? -10.647 -11.421 -1.325  0.50 23.27  ? 64  GLU A CA  1 
ATOM   609  C  CA  B GLU A 1 67  ? -10.695 -11.440 -1.260  0.50 24.37  ? 64  GLU A CA  1 
ATOM   610  C  C   A GLU A 1 67  ? -11.320 -11.483 -2.685  0.50 23.78  ? 64  GLU A C   1 
ATOM   611  C  C   B GLU A 1 67  ? -11.402 -11.579 -2.619  0.50 24.54  ? 64  GLU A C   1 
ATOM   612  O  O   A GLU A 1 67  ? -12.256 -10.733 -2.981  0.50 23.10  ? 64  GLU A O   1 
ATOM   613  O  O   B GLU A 1 67  ? -12.418 -10.923 -2.869  0.50 24.04  ? 64  GLU A O   1 
ATOM   614  C  CB  A GLU A 1 67  ? -11.277 -12.438 -0.374  0.50 24.24  ? 64  GLU A CB  1 
ATOM   615  C  CB  B GLU A 1 67  ? -11.277 -12.342 -0.155  0.50 25.67  ? 64  GLU A CB  1 
ATOM   616  C  CG  A GLU A 1 67  ? -12.709 -12.149 -0.023  0.50 24.63  ? 64  GLU A CG  1 
ATOM   617  C  CG  B GLU A 1 67  ? -10.180 -12.850 0.815   0.50 28.88  ? 64  GLU A CG  1 
ATOM   618  C  CD  A GLU A 1 67  ? -13.487 -13.405 0.364   0.50 28.22  ? 64  GLU A CD  1 
ATOM   619  C  CD  B GLU A 1 67  ? -10.509 -12.714 2.297   0.50 33.46  ? 64  GLU A CD  1 
ATOM   620  O  OE1 A GLU A 1 67  ? -12.868 -14.409 0.774   0.50 32.90  ? 64  GLU A OE1 1 
ATOM   621  O  OE1 B GLU A 1 67  ? -11.639 -13.076 2.703   0.50 37.36  ? 64  GLU A OE1 1 
ATOM   622  O  OE2 A GLU A 1 67  ? -14.724 -13.378 0.260   0.50 28.66  ? 64  GLU A OE2 1 
ATOM   623  O  OE2 B GLU A 1 67  ? -9.616  -12.267 3.064   0.50 32.96  ? 64  GLU A OE2 1 
ATOM   624  N  N   . LYS A 1 68  ? -10.835 -12.398 -3.503  1.00 25.28  ? 65  LYS A N   1 
ATOM   625  C  CA  . LYS A 1 68  ? -11.355 -12.572 -4.839  1.00 28.72  ? 65  LYS A CA  1 
ATOM   626  C  C   . LYS A 1 68  ? -12.263 -13.783 -4.777  1.00 32.09  ? 65  LYS A C   1 
ATOM   627  O  O   . LYS A 1 68  ? -11.859 -14.851 -4.305  1.00 31.54  ? 65  LYS A O   1 
ATOM   628  C  CB  . LYS A 1 68  ? -10.192 -12.776 -5.818  1.00 29.61  ? 65  LYS A CB  1 
ATOM   629  C  CG  . LYS A 1 68  ? -10.490 -12.423 -7.255  1.00 31.87  ? 65  LYS A CG  1 
ATOM   630  C  CD  . LYS A 1 68  ? -9.262  -12.744 -8.068  1.00 36.13  ? 65  LYS A CD  1 
ATOM   631  C  CE  . LYS A 1 68  ? -9.159  -11.877 -9.279  1.00 38.28  ? 65  LYS A CE  1 
ATOM   632  N  NZ  . LYS A 1 68  ? -8.435  -12.619 -10.334 1.00 39.70  ? 65  LYS A NZ  1 
ATOM   633  N  N   . GLU A 1 69  ? -13.506 -13.595 -5.203  1.00 35.03  ? 66  GLU A N   1 
ATOM   634  C  CA  . GLU A 1 69  ? -14.514 -14.650 -5.170  1.00 39.92  ? 66  GLU A CA  1 
ATOM   635  C  C   . GLU A 1 69  ? -15.077 -14.711 -6.580  1.00 40.91  ? 66  GLU A C   1 
ATOM   636  O  O   . GLU A 1 69  ? -15.625 -13.720 -7.092  1.00 41.18  ? 66  GLU A O   1 
ATOM   637  C  CB  . GLU A 1 69  ? -15.600 -14.298 -4.157  1.00 39.88  ? 66  GLU A CB  1 
ATOM   638  C  CG  . GLU A 1 69  ? -16.640 -15.371 -3.888  1.00 43.51  ? 66  GLU A CG  1 
ATOM   639  C  CD  . GLU A 1 69  ? -17.587 -14.961 -2.760  1.00 44.52  ? 66  GLU A CD  1 
ATOM   640  O  OE1 . GLU A 1 69  ? -18.153 -13.834 -2.822  1.00 48.99  ? 66  GLU A OE1 1 
ATOM   641  O  OE2 . GLU A 1 69  ? -17.760 -15.768 -1.809  1.00 51.23  ? 66  GLU A OE2 1 
ATOM   642  N  N   . ASN A 1 70  ? -14.925 -15.875 -7.207  1.00 42.55  ? 67  ASN A N   1 
ATOM   643  C  CA  . ASN A 1 70  ? -15.143 -16.003 -8.641  1.00 43.92  ? 67  ASN A CA  1 
ATOM   644  C  C   . ASN A 1 70  ? -14.311 -14.915 -9.333  1.00 43.58  ? 67  ASN A C   1 
ATOM   645  O  O   . ASN A 1 70  ? -13.088 -14.877 -9.155  1.00 44.59  ? 67  ASN A O   1 
ATOM   646  C  CB  . ASN A 1 70  ? -16.641 -15.948 -8.953  1.00 44.78  ? 67  ASN A CB  1 
ATOM   647  C  CG  . ASN A 1 70  ? -17.434 -17.012 -8.179  1.00 47.87  ? 67  ASN A CG  1 
ATOM   648  O  OD1 . ASN A 1 70  ? -18.305 -16.687 -7.352  1.00 50.12  ? 67  ASN A OD1 1 
ATOM   649  N  ND2 . ASN A 1 70  ? -17.110 -18.289 -8.422  1.00 49.37  ? 67  ASN A ND2 1 
ATOM   650  N  N   . ASP A 1 71  ? -14.942 -14.006 -10.068 1.00 42.45  ? 68  ASP A N   1 
ATOM   651  C  CA  . ASP A 1 71  ? -14.164 -12.945 -10.714 1.00 40.43  ? 68  ASP A CA  1 
ATOM   652  C  C   . ASP A 1 71  ? -14.387 -11.546 -10.135 1.00 37.49  ? 68  ASP A C   1 
ATOM   653  O  O   . ASP A 1 71  ? -14.079 -10.551 -10.804 1.00 38.69  ? 68  ASP A O   1 
ATOM   654  C  CB  . ASP A 1 71  ? -14.403 -12.944 -12.234 1.00 42.43  ? 68  ASP A CB  1 
ATOM   655  C  CG  . ASP A 1 71  ? -13.264 -13.611 -13.006 1.00 45.99  ? 68  ASP A CG  1 
ATOM   656  O  OD1 . ASP A 1 71  ? -12.174 -12.985 -13.134 1.00 49.92  ? 68  ASP A OD1 1 
ATOM   657  O  OD2 . ASP A 1 71  ? -13.459 -14.760 -13.483 1.00 50.27  ? 68  ASP A OD2 1 
ATOM   658  N  N   A LYS A 1 72  ? -14.875 -11.486 -8.893  0.50 35.27  ? 69  LYS A N   1 
ATOM   659  N  N   B LYS A 1 72  ? -14.958 -11.460 -8.932  0.50 35.11  ? 69  LYS A N   1 
ATOM   660  C  CA  A LYS A 1 72  ? -15.220 -10.229 -8.220  0.50 32.39  ? 69  LYS A CA  1 
ATOM   661  C  CA  B LYS A 1 72  ? -15.145 -10.165 -8.274  0.50 32.10  ? 69  LYS A CA  1 
ATOM   662  C  C   A LYS A 1 72  ? -14.525 -10.111 -6.859  0.50 29.34  ? 69  LYS A C   1 
ATOM   663  C  C   B LYS A 1 72  ? -14.362 -10.100 -6.966  0.50 29.20  ? 69  LYS A C   1 
ATOM   664  O  O   A LYS A 1 72  ? -14.334 -11.113 -6.160  0.50 28.53  ? 69  LYS A O   1 
ATOM   665  O  O   B LYS A 1 72  ? -13.934 -11.119 -6.424  0.50 28.93  ? 69  LYS A O   1 
ATOM   666  C  CB  A LYS A 1 72  ? -16.738 -10.122 -8.028  0.50 33.11  ? 69  LYS A CB  1 
ATOM   667  C  CB  B LYS A 1 72  ? -16.634 -9.826  -8.052  0.50 32.27  ? 69  LYS A CB  1 
ATOM   668  C  CG  A LYS A 1 72  ? -17.576 -10.238 -9.309  0.50 35.22  ? 69  LYS A CG  1 
ATOM   669  C  CG  B LYS A 1 72  ? -17.264 -10.344 -6.751  0.50 31.56  ? 69  LYS A CG  1 
ATOM   670  C  CD  A LYS A 1 72  ? -17.334 -9.067  -10.262 0.50 38.16  ? 69  LYS A CD  1 
ATOM   671  C  CD  B LYS A 1 72  ? -18.494 -9.534  -6.358  0.50 33.56  ? 69  LYS A CD  1 
ATOM   672  C  CE  A LYS A 1 72  ? -17.948 -9.329  -11.630 0.50 39.07  ? 69  LYS A CE  1 
ATOM   673  C  CE  B LYS A 1 72  ? -19.043 -9.978  -5.002  0.50 35.97  ? 69  LYS A CE  1 
ATOM   674  N  NZ  A LYS A 1 72  ? -17.425 -8.352  -12.625 0.50 40.06  ? 69  LYS A NZ  1 
ATOM   675  N  NZ  B LYS A 1 72  ? -19.901 -8.934  -4.335  0.50 39.07  ? 69  LYS A NZ  1 
ATOM   676  N  N   . PHE A 1 73  ? -14.178 -8.886  -6.472  1.00 26.19  ? 70  PHE A N   1 
ATOM   677  C  CA  . PHE A 1 73  ? -13.537 -8.674  -5.178  1.00 23.01  ? 70  PHE A CA  1 
ATOM   678  C  C   . PHE A 1 73  ? -14.575 -8.355  -4.119  1.00 22.56  ? 70  PHE A C   1 
ATOM   679  O  O   . PHE A 1 73  ? -15.469 -7.538  -4.365  1.00 23.23  ? 70  PHE A O   1 
ATOM   680  C  CB  . PHE A 1 73  ? -12.568 -7.492  -5.288  1.00 20.77  ? 70  PHE A CB  1 
ATOM   681  C  CG  . PHE A 1 73  ? -11.277 -7.827  -6.000  1.00 21.12  ? 70  PHE A CG  1 
ATOM   682  C  CD1 . PHE A 1 73  ? -10.349 -8.697  -5.418  1.00 19.24  ? 70  PHE A CD1 1 
ATOM   683  C  CD2 . PHE A 1 73  ? -11.000 -7.253  -7.223  1.00 21.62  ? 70  PHE A CD2 1 
ATOM   684  C  CE1 . PHE A 1 73  ? -9.160  -8.970  -6.029  1.00 21.26  ? 70  PHE A CE1 1 
ATOM   685  C  CE2 . PHE A 1 73  ? -9.778  -7.522  -7.876  1.00 22.84  ? 70  PHE A CE2 1 
ATOM   686  C  CZ  . PHE A 1 73  ? -8.877  -8.410  -7.275  1.00 21.71  ? 70  PHE A CZ  1 
ATOM   687  N  N   . ASN A 1 74  ? -14.420 -8.976  -2.958  1.00 21.12  ? 71  ASN A N   1 
ATOM   688  C  CA  . ASN A 1 74  ? -15.126 -8.548  -1.736  1.00 20.80  ? 71  ASN A CA  1 
ATOM   689  C  C   . ASN A 1 74  ? -14.161 -7.592  -1.048  1.00 20.55  ? 71  ASN A C   1 
ATOM   690  O  O   . ASN A 1 74  ? -13.043 -8.006  -0.706  1.00 22.73  ? 71  ASN A O   1 
ATOM   691  C  CB  . ASN A 1 74  ? -15.410 -9.749  -0.850  1.00 20.81  ? 71  ASN A CB  1 
ATOM   692  C  CG  . ASN A 1 74  ? -16.421 -10.684 -1.474  1.00 25.44  ? 71  ASN A CG  1 
ATOM   693  O  OD1 . ASN A 1 74  ? -17.310 -10.233 -2.217  1.00 27.61  ? 71  ASN A OD1 1 
ATOM   694  N  ND2 . ASN A 1 74  ? -16.279 -11.995 -1.215  1.00 30.25  ? 71  ASN A ND2 1 
ATOM   695  N  N   . ILE A 1 75  ? -14.567 -6.346  -0.837  1.00 18.59  ? 72  ILE A N   1 
ATOM   696  C  CA  . ILE A 1 75  ? -13.635 -5.261  -0.476  1.00 18.13  ? 72  ILE A CA  1 
ATOM   697  C  C   . ILE A 1 75  ? -13.841 -4.777  0.979   1.00 19.08  ? 72  ILE A C   1 
ATOM   698  O  O   . ILE A 1 75  ? -14.998 -4.663  1.467   1.00 20.00  ? 72  ILE A O   1 
ATOM   699  C  CB  . ILE A 1 75  ? -13.811 -4.109  -1.473  1.00 18.07  ? 72  ILE A CB  1 
ATOM   700  C  CG1 . ILE A 1 75  ? -13.306 -4.541  -2.858  1.00 20.24  ? 72  ILE A CG1 1 
ATOM   701  C  CG2 . ILE A 1 75  ? -13.164 -2.802  -0.971  1.00 20.77  ? 72  ILE A CG2 1 
ATOM   702  C  CD1 . ILE A 1 75  ? -13.963 -3.821  -3.961  1.00 22.60  ? 72  ILE A CD1 1 
ATOM   703  N  N   A GLU A 1 76  ? -12.737 -4.518  1.666   0.60 18.87  ? 73  GLU A N   1 
ATOM   704  N  N   B GLU A 1 76  ? -12.726 -4.531  1.671   0.40 18.68  ? 73  GLU A N   1 
ATOM   705  C  CA  A GLU A 1 76  ? -12.749 -3.882  2.976   0.60 19.16  ? 73  GLU A CA  1 
ATOM   706  C  CA  B GLU A 1 76  ? -12.686 -3.931  3.017   0.40 18.66  ? 73  GLU A CA  1 
ATOM   707  C  C   A GLU A 1 76  ? -11.897 -2.619  2.842   0.60 18.09  ? 73  GLU A C   1 
ATOM   708  C  C   B GLU A 1 76  ? -11.831 -2.655  2.941   0.40 17.88  ? 73  GLU A C   1 
ATOM   709  O  O   A GLU A 1 76  ? -10.895 -2.588  2.081   0.60 17.76  ? 73  GLU A O   1 
ATOM   710  O  O   B GLU A 1 76  ? -10.749 -2.648  2.327   0.40 17.48  ? 73  GLU A O   1 
ATOM   711  C  CB  A GLU A 1 76  ? -12.126 -4.823  4.018   0.60 20.14  ? 73  GLU A CB  1 
ATOM   712  C  CB  B GLU A 1 76  ? -12.020 -4.894  4.019   0.40 19.15  ? 73  GLU A CB  1 
ATOM   713  C  CG  A GLU A 1 76  ? -11.921 -4.214  5.393   0.60 23.37  ? 73  GLU A CG  1 
ATOM   714  C  CG  B GLU A 1 76  ? -12.874 -6.073  4.491   0.40 21.05  ? 73  GLU A CG  1 
ATOM   715  C  CD  A GLU A 1 76  ? -13.221 -4.007  6.161   0.60 29.19  ? 73  GLU A CD  1 
ATOM   716  C  CD  B GLU A 1 76  ? -13.745 -5.756  5.718   0.40 22.89  ? 73  GLU A CD  1 
ATOM   717  O  OE1 A GLU A 1 76  ? -14.304 -4.472  5.707   0.60 32.28  ? 73  GLU A OE1 1 
ATOM   718  O  OE1 B GLU A 1 76  ? -14.345 -6.690  6.284   0.40 25.52  ? 73  GLU A OE1 1 
ATOM   719  O  OE2 A GLU A 1 76  ? -13.135 -3.381  7.242   0.60 32.34  ? 73  GLU A OE2 1 
ATOM   720  O  OE2 B GLU A 1 76  ? -13.836 -4.581  6.125   0.40 25.17  ? 73  GLU A OE2 1 
ATOM   721  N  N   . LEU A 1 77  ? -12.296 -1.584  3.584   1.00 17.46  ? 74  LEU A N   1 
ATOM   722  C  CA  . LEU A 1 77  ? -11.499 -0.350  3.695   1.00 16.79  ? 74  LEU A CA  1 
ATOM   723  C  C   . LEU A 1 77  ? -11.157 -0.128  5.142   1.00 17.12  ? 74  LEU A C   1 
ATOM   724  O  O   . LEU A 1 77  ? -12.057 -0.232  6.001   1.00 18.05  ? 74  LEU A O   1 
ATOM   725  C  CB  . LEU A 1 77  ? -12.267 0.868   3.195   1.00 17.08  ? 74  LEU A CB  1 
ATOM   726  C  CG  . LEU A 1 77  ? -12.780 0.769   1.765   1.00 19.68  ? 74  LEU A CG  1 
ATOM   727  C  CD1 . LEU A 1 77  ? -13.442 2.092   1.406   1.00 21.69  ? 74  LEU A CD1 1 
ATOM   728  C  CD2 . LEU A 1 77  ? -11.631 0.468   0.772   1.00 20.67  ? 74  LEU A CD2 1 
ATOM   729  N  N   . THR A 1 78  ? -9.898  0.212   5.410   1.00 16.43  ? 75  THR A N   1 
ATOM   730  C  CA  . THR A 1 78  ? -9.437  0.487   6.790   1.00 15.99  ? 75  THR A CA  1 
ATOM   731  C  C   . THR A 1 78  ? -8.740  1.841   6.781   1.00 15.43  ? 75  THR A C   1 
ATOM   732  O  O   . THR A 1 78  ? -7.720  2.021   6.090   1.00 17.08  ? 75  THR A O   1 
ATOM   733  C  CB  . THR A 1 78  ? -8.459  -0.580  7.215   1.00 18.10  ? 75  THR A CB  1 
ATOM   734  O  OG1 . THR A 1 78  ? -9.130  -1.862  7.197   1.00 18.81  ? 75  THR A OG1 1 
ATOM   735  C  CG2 . THR A 1 78  ? -7.961  -0.305  8.640   1.00 19.52  ? 75  THR A CG2 1 
ATOM   736  N  N   . LEU A 1 79  ? -9.283  2.795   7.544   1.00 16.06  ? 76  LEU A N   1 
ATOM   737  C  CA  . LEU A 1 79  ? -8.618  4.104   7.654   1.00 16.46  ? 76  LEU A CA  1 
ATOM   738  C  C   . LEU A 1 79  ? -7.378  3.935   8.555   1.00 16.23  ? 76  LEU A C   1 
ATOM   739  O  O   . LEU A 1 79  ? -7.512  3.516   9.723   1.00 18.78  ? 76  LEU A O   1 
ATOM   740  C  CB  . LEU A 1 79  ? -9.594  5.114   8.297   1.00 16.37  ? 76  LEU A CB  1 
ATOM   741  C  CG  . LEU A 1 79  ? -9.123  6.559   8.443   1.00 17.37  ? 76  LEU A CG  1 
ATOM   742  C  CD1 . LEU A 1 79  ? -8.798  7.239   7.092   1.00 17.46  ? 76  LEU A CD1 1 
ATOM   743  C  CD2 . LEU A 1 79  ? -10.159 7.373   9.223   1.00 17.44  ? 76  LEU A CD2 1 
HETATM 744  N  N   . MSE A 1 80  ? -6.195  4.233   8.016   1.00 17.05  ? 77  MSE A N   1 
HETATM 745  C  CA  . MSE A 1 80  ? -4.984  4.114   8.832   1.00 17.35  ? 77  MSE A CA  1 
HETATM 746  C  C   . MSE A 1 80  ? -4.857  5.209   9.870   1.00 17.54  ? 77  MSE A C   1 
HETATM 747  O  O   . MSE A 1 80  ? -5.211  6.381   9.634   1.00 17.87  ? 77  MSE A O   1 
HETATM 748  C  CB  . MSE A 1 80  ? -3.733  4.109   7.931   1.00 17.15  ? 77  MSE A CB  1 
HETATM 749  C  CG  . MSE A 1 80  ? -3.707  2.933   7.058   1.00 18.39  ? 77  MSE A CG  1 
HETATM 750  SE SE  . MSE A 1 80  ? -2.062  3.082   5.900   0.65 23.14  ? 77  MSE A SE  1 
HETATM 751  C  CE  . MSE A 1 80  ? -0.756  2.485   7.215   1.00 20.64  ? 77  MSE A CE  1 
ATOM   752  N  N   A GLU A 1 81  ? -4.340  4.807   11.034  0.60 18.87  ? 78  GLU A N   1 
ATOM   753  N  N   B GLU A 1 81  ? -4.417  4.806   11.065  0.40 18.01  ? 78  GLU A N   1 
ATOM   754  C  CA  A GLU A 1 81  ? -4.041  5.725   12.119  0.60 20.00  ? 78  GLU A CA  1 
ATOM   755  C  CA  B GLU A 1 81  ? -4.150  5.741   12.147  0.40 18.35  ? 78  GLU A CA  1 
ATOM   756  C  C   A GLU A 1 81  ? -2.545  5.841   12.320  0.60 18.60  ? 78  GLU A C   1 
ATOM   757  C  C   B GLU A 1 81  ? -2.660  5.855   12.383  0.40 17.43  ? 78  GLU A C   1 
ATOM   758  O  O   A GLU A 1 81  ? -1.819  4.835   12.323  0.60 18.57  ? 78  GLU A O   1 
ATOM   759  O  O   B GLU A 1 81  ? -1.933  4.855   12.389  0.40 17.46  ? 78  GLU A O   1 
ATOM   760  C  CB  A GLU A 1 81  ? -4.668  5.204   13.407  0.60 19.45  ? 78  GLU A CB  1 
ATOM   761  C  CB  B GLU A 1 81  ? -4.810  5.270   13.442  0.40 18.28  ? 78  GLU A CB  1 
ATOM   762  C  CG  A GLU A 1 81  ? -6.191  5.167   13.318  0.60 22.13  ? 78  GLU A CG  1 
ATOM   763  C  CG  B GLU A 1 81  ? -4.714  6.272   14.602  0.40 19.29  ? 78  GLU A CG  1 
ATOM   764  C  CD  A GLU A 1 81  ? -6.888  4.622   14.569  0.60 24.43  ? 78  GLU A CD  1 
ATOM   765  C  CD  B GLU A 1 81  ? -5.626  5.916   15.767  0.40 20.25  ? 78  GLU A CD  1 
ATOM   766  O  OE1 A GLU A 1 81  ? -6.387  4.842   15.697  0.60 29.15  ? 78  GLU A OE1 1 
ATOM   767  O  OE1 B GLU A 1 81  ? -6.838  5.705   15.525  0.40 24.72  ? 78  GLU A OE1 1 
ATOM   768  O  OE2 A GLU A 1 81  ? -7.954  3.973   14.418  0.60 30.97  ? 78  GLU A OE2 1 
ATOM   769  O  OE2 B GLU A 1 81  ? -5.141  5.880   16.928  0.40 22.71  ? 78  GLU A OE2 1 
ATOM   770  N  N   A LYS A 1 82  ? -2.075  7.068   12.496  0.60 18.42  ? 79  LYS A N   1 
ATOM   771  N  N   B LYS A 1 82  ? -2.204  7.078   12.601  0.40 17.38  ? 79  LYS A N   1 
ATOM   772  C  CA  A LYS A 1 82  ? -0.690  7.280   12.870  0.60 18.51  ? 79  LYS A CA  1 
ATOM   773  C  CA  B LYS A 1 82  ? -0.830  7.292   12.981  0.40 17.77  ? 79  LYS A CA  1 
ATOM   774  C  C   A LYS A 1 82  ? -0.508  6.703   14.286  0.60 18.11  ? 79  LYS A C   1 
ATOM   775  C  C   B LYS A 1 82  ? -0.596  6.549   14.301  0.40 17.44  ? 79  LYS A C   1 
ATOM   776  O  O   A LYS A 1 82  ? -1.339  6.924   15.188  0.60 18.72  ? 79  LYS A O   1 
ATOM   777  O  O   B LYS A 1 82  ? -1.476  6.499   15.168  0.40 17.75  ? 79  LYS A O   1 
ATOM   778  C  CB  A LYS A 1 82  ? -0.347  8.769   12.857  0.60 18.81  ? 79  LYS A CB  1 
ATOM   779  C  CB  B LYS A 1 82  ? -0.564  8.792   13.138  0.40 17.82  ? 79  LYS A CB  1 
ATOM   780  C  CG  A LYS A 1 82  ? -0.208  9.337   11.457  0.60 18.90  ? 79  LYS A CG  1 
ATOM   781  C  CG  B LYS A 1 82  ? -0.671  9.546   11.816  0.40 18.10  ? 79  LYS A CG  1 
ATOM   782  C  CD  A LYS A 1 82  ? 0.084   10.835  11.509  0.60 20.64  ? 79  LYS A CD  1 
ATOM   783  C  CD  B LYS A 1 82  ? -0.425  11.035  12.023  0.40 20.55  ? 79  LYS A CD  1 
ATOM   784  C  CE  A LYS A 1 82  ? -0.177  11.464  10.160  0.60 21.42  ? 79  LYS A CE  1 
ATOM   785  C  CE  B LYS A 1 82  ? -0.451  11.776  10.706  0.40 23.59  ? 79  LYS A CE  1 
ATOM   786  N  NZ  A LYS A 1 82  ? -1.623  11.686  9.913   0.60 23.36  ? 79  LYS A NZ  1 
ATOM   787  N  NZ  B LYS A 1 82  ? -0.071  13.194  10.924  0.40 25.44  ? 79  LYS A NZ  1 
ATOM   788  N  N   . GLY A 1 83  ? 0.587   5.961   14.435  1.00 17.31  ? 80  GLY A N   1 
ATOM   789  C  CA  . GLY A 1 83  ? 0.973   5.300   15.683  1.00 17.58  ? 80  GLY A CA  1 
ATOM   790  C  C   . GLY A 1 83  ? 0.726   3.805   15.673  1.00 17.40  ? 80  GLY A C   1 
ATOM   791  O  O   . GLY A 1 83  ? 1.192   3.081   16.564  1.00 18.34  ? 80  GLY A O   1 
ATOM   792  N  N   . LYS A 1 84  ? -0.015  3.344   14.675  1.00 16.76  ? 81  LYS A N   1 
ATOM   793  C  CA  . LYS A 1 84  ? -0.277  1.899   14.521  1.00 16.39  ? 81  LYS A CA  1 
ATOM   794  C  C   . LYS A 1 84  ? 0.545   1.282   13.386  1.00 16.76  ? 81  LYS A C   1 
ATOM   795  O  O   . LYS A 1 84  ? 1.100   2.007   12.524  1.00 18.19  ? 81  LYS A O   1 
ATOM   796  C  CB  . LYS A 1 84  ? -1.776  1.638   14.287  1.00 17.48  ? 81  LYS A CB  1 
ATOM   797  C  CG  . LYS A 1 84  ? -2.632  2.105   15.484  1.00 18.67  ? 81  LYS A CG  1 
ATOM   798  C  CD  . LYS A 1 84  ? -4.063  1.615   15.324  1.00 22.19  ? 81  LYS A CD  1 
ATOM   799  C  CE  . LYS A 1 84  ? -4.916  2.090   16.482  1.00 28.66  ? 81  LYS A CE  1 
ATOM   800  N  NZ  . LYS A 1 84  ? -6.300  1.539   16.211  1.00 32.70  ? 81  LYS A NZ  1 
ATOM   801  N  N   . VAL A 1 85  ? 0.645   -0.055  13.431  1.00 16.21  ? 82  VAL A N   1 
ATOM   802  C  CA  . VAL A 1 85  ? 1.288   -0.789  12.358  1.00 15.81  ? 82  VAL A CA  1 
ATOM   803  C  C   . VAL A 1 85  ? 0.221   -1.719  11.770  1.00 16.70  ? 82  VAL A C   1 
ATOM   804  O  O   . VAL A 1 85  ? -0.551  -2.329  12.536  1.00 17.45  ? 82  VAL A O   1 
ATOM   805  C  CB  . VAL A 1 85  ? 2.460   -1.622  12.874  1.00 16.74  ? 82  VAL A CB  1 
ATOM   806  C  CG1 . VAL A 1 85  ? 3.090   -2.447  11.748  1.00 17.88  ? 82  VAL A CG1 1 
ATOM   807  C  CG2 . VAL A 1 85  ? 3.548   -0.699  13.465  1.00 17.90  ? 82  VAL A CG2 1 
ATOM   808  N  N   . TYR A 1 86  ? 0.156   -1.795  10.432  1.00 15.64  ? 83  TYR A N   1 
ATOM   809  C  CA  . TYR A 1 86  ? -0.830  -2.635  9.729   1.00 17.07  ? 83  TYR A CA  1 
ATOM   810  C  C   . TYR A 1 86  ? -0.088  -3.724  9.022   1.00 17.74  ? 83  TYR A C   1 
ATOM   811  O  O   . TYR A 1 86  ? 0.936   -3.483  8.392   1.00 18.97  ? 83  TYR A O   1 
ATOM   812  C  CB  . TYR A 1 86  ? -1.622  -1.777  8.711   1.00 16.66  ? 83  TYR A CB  1 
ATOM   813  C  CG  . TYR A 1 86  ? -2.409  -0.725  9.463   1.00 15.88  ? 83  TYR A CG  1 
ATOM   814  C  CD1 . TYR A 1 86  ? -3.745  -0.919  9.760   1.00 16.34  ? 83  TYR A CD1 1 
ATOM   815  C  CD2 . TYR A 1 86  ? -1.808  0.485   9.890   1.00 16.28  ? 83  TYR A CD2 1 
ATOM   816  C  CE1 . TYR A 1 86  ? -4.472  0.021   10.492  1.00 14.73  ? 83  TYR A CE1 1 
ATOM   817  C  CE2 . TYR A 1 86  ? -2.547  1.413   10.635  1.00 15.61  ? 83  TYR A CE2 1 
ATOM   818  C  CZ  . TYR A 1 86  ? -3.881  1.154   10.955  1.00 14.83  ? 83  TYR A CZ  1 
ATOM   819  O  OH  . TYR A 1 86  ? -4.613  2.076   11.698  1.00 17.74  ? 83  TYR A OH  1 
ATOM   820  N  N   . ASN A 1 87  ? -0.626  -4.938  9.100   1.00 16.15  ? 84  ASN A N   1 
ATOM   821  C  CA  . ASN A 1 87  ? -0.008  -6.052  8.381   1.00 16.28  ? 84  ASN A CA  1 
ATOM   822  C  C   . ASN A 1 87  ? -0.981  -6.645  7.379   1.00 16.88  ? 84  ASN A C   1 
ATOM   823  O  O   . ASN A 1 87  ? -2.114  -6.980  7.743   1.00 16.54  ? 84  ASN A O   1 
ATOM   824  C  CB  . ASN A 1 87  ? 0.400   -7.144  9.397   1.00 16.99  ? 84  ASN A CB  1 
ATOM   825  C  CG  . ASN A 1 87  ? 0.925   -8.413  8.722   1.00 18.96  ? 84  ASN A CG  1 
ATOM   826  O  OD1 . ASN A 1 87  ? 1.921   -8.380  8.026   1.00 17.98  ? 84  ASN A OD1 1 
ATOM   827  N  ND2 . ASN A 1 87  ? 0.256   -9.544  8.950   1.00 18.13  ? 84  ASN A ND2 1 
ATOM   828  N  N   . VAL A 1 88  ? -0.520  -6.782  6.139   1.00 16.41  ? 85  VAL A N   1 
ATOM   829  C  CA  . VAL A 1 88  ? -1.266  -7.503  5.094   1.00 16.80  ? 85  VAL A CA  1 
ATOM   830  C  C   . VAL A 1 88  ? -0.551  -8.836  4.903   1.00 17.60  ? 85  VAL A C   1 
ATOM   831  O  O   . VAL A 1 88  ? 0.560   -8.855  4.389   1.00 16.72  ? 85  VAL A O   1 
ATOM   832  C  CB  . VAL A 1 88  ? -1.285  -6.703  3.761   1.00 16.61  ? 85  VAL A CB  1 
ATOM   833  C  CG1 . VAL A 1 88  ? -1.956  -7.554  2.668   1.00 17.54  ? 85  VAL A CG1 1 
ATOM   834  C  CG2 . VAL A 1 88  ? -2.072  -5.415  3.957   1.00 18.60  ? 85  VAL A CG2 1 
ATOM   835  N  N   . PRO A 1 89  ? -1.171  -9.945  5.321   1.00 17.46  ? 86  PRO A N   1 
ATOM   836  C  CA  . PRO A 1 89  ? -0.471  -11.231 5.144   1.00 18.21  ? 86  PRO A CA  1 
ATOM   837  C  C   . PRO A 1 89  ? -0.366  -11.592 3.654   1.00 17.75  ? 86  PRO A C   1 
ATOM   838  O  O   . PRO A 1 89  ? -1.193  -11.140 2.829   1.00 17.90  ? 86  PRO A O   1 
ATOM   839  C  CB  . PRO A 1 89  ? -1.386  -12.264 5.830   1.00 19.26  ? 86  PRO A CB  1 
ATOM   840  C  CG  . PRO A 1 89  ? -2.427  -11.499 6.501   1.00 22.10  ? 86  PRO A CG  1 
ATOM   841  C  CD  . PRO A 1 89  ? -2.480  -10.079 6.003   1.00 19.36  ? 86  PRO A CD  1 
ATOM   842  N  N   . ALA A 1 90  ? 0.599   -12.447 3.332   1.00 17.81  ? 87  ALA A N   1 
ATOM   843  C  CA  . ALA A 1 90  ? 0.708   -12.989 1.986   1.00 17.60  ? 87  ALA A CA  1 
ATOM   844  C  C   . ALA A 1 90  ? -0.624  -13.590 1.539   1.00 17.75  ? 87  ALA A C   1 
ATOM   845  O  O   . ALA A 1 90  ? -1.389  -14.156 2.381   1.00 18.42  ? 87  ALA A O   1 
ATOM   846  C  CB  . ALA A 1 90  ? 1.740   -14.094 1.989   1.00 17.36  ? 87  ALA A CB  1 
ATOM   847  N  N   . GLU A 1 91  ? -0.897  -13.436 0.238   1.00 17.80  ? 88  GLU A N   1 
ATOM   848  C  CA  . GLU A 1 91  ? -2.117  -13.952 -0.393  1.00 19.04  ? 88  GLU A CA  1 
ATOM   849  C  C   . GLU A 1 91  ? -3.383  -13.166 -0.054  1.00 19.36  ? 88  GLU A C   1 
ATOM   850  O  O   . GLU A 1 91  ? -4.521  -13.624 -0.308  1.00 21.60  ? 88  GLU A O   1 
ATOM   851  C  CB  . GLU A 1 91  ? -2.334  -15.449 -0.110  1.00 19.33  ? 88  GLU A CB  1 
ATOM   852  C  CG  . GLU A 1 91  ? -1.140  -16.329 -0.446  1.00 21.26  ? 88  GLU A CG  1 
ATOM   853  C  CD  . GLU A 1 91  ? -0.897  -16.484 -1.960  1.00 23.31  ? 88  GLU A CD  1 
ATOM   854  O  OE1 . GLU A 1 91  ? -1.493  -15.751 -2.777  1.00 24.66  ? 88  GLU A OE1 1 
ATOM   855  O  OE2 . GLU A 1 91  ? -0.058  -17.332 -2.323  1.00 27.27  ? 88  GLU A OE2 1 
ATOM   856  N  N   . CYS A 1 92  ? -3.203  -11.965 0.469   1.00 19.41  ? 89  CYS A N   1 
ATOM   857  C  CA  . CYS A 1 92  ? -4.331  -11.060 0.669   1.00 18.30  ? 89  CYS A CA  1 
ATOM   858  C  C   . CYS A 1 92  ? -4.185  -9.918  -0.346  1.00 17.59  ? 89  CYS A C   1 
ATOM   859  O  O   . CYS A 1 92  ? -3.144  -9.245  -0.369  1.00 18.82  ? 89  CYS A O   1 
ATOM   860  C  CB  . CYS A 1 92  ? -4.297  -10.498 2.089   1.00 18.57  ? 89  CYS A CB  1 
ATOM   861  S  SG  . CYS A 1 92  ? -5.715  -9.370  2.443   1.00 22.65  ? 89  CYS A SG  1 
ATOM   862  N  N   . TRP A 1 93  ? -5.228  -9.661  -1.138  1.00 16.71  ? 90  TRP A N   1 
ATOM   863  C  CA  . TRP A 1 93  ? -5.168  -8.528  -2.076  1.00 16.83  ? 90  TRP A CA  1 
ATOM   864  C  C   . TRP A 1 93  ? -5.225  -7.209  -1.304  1.00 17.61  ? 90  TRP A C   1 
ATOM   865  O  O   . TRP A 1 93  ? -5.939  -7.104  -0.313  1.00 17.54  ? 90  TRP A O   1 
ATOM   866  C  CB  . TRP A 1 93  ? -6.395  -8.593  -3.004  1.00 17.22  ? 90  TRP A CB  1 
ATOM   867  C  CG  . TRP A 1 93  ? -6.322  -9.716  -3.961  1.00 17.28  ? 90  TRP A CG  1 
ATOM   868  C  CD1 . TRP A 1 93  ? -6.893  -10.962 -3.825  1.00 18.03  ? 90  TRP A CD1 1 
ATOM   869  C  CD2 . TRP A 1 93  ? -5.636  -9.715  -5.229  1.00 17.06  ? 90  TRP A CD2 1 
ATOM   870  N  NE1 . TRP A 1 93  ? -6.590  -11.748 -4.958  1.00 18.99  ? 90  TRP A NE1 1 
ATOM   871  C  CE2 . TRP A 1 93  ? -5.846  -10.990 -5.832  1.00 19.05  ? 90  TRP A CE2 1 
ATOM   872  C  CE3 . TRP A 1 93  ? -4.895  -8.746  -5.923  1.00 18.33  ? 90  TRP A CE3 1 
ATOM   873  C  CZ2 . TRP A 1 93  ? -5.303  -11.327 -7.087  1.00 18.83  ? 90  TRP A CZ2 1 
ATOM   874  C  CZ3 . TRP A 1 93  ? -4.319  -9.083  -7.164  1.00 18.94  ? 90  TRP A CZ3 1 
ATOM   875  C  CH2 . TRP A 1 93  ? -4.523  -10.374 -7.734  1.00 17.89  ? 90  TRP A CH2 1 
ATOM   876  N  N   . PHE A 1 94  ? -4.499  -6.198  -1.772  1.00 16.25  ? 91  PHE A N   1 
ATOM   877  C  CA  . PHE A 1 94  ? -4.523  -4.928  -1.045  1.00 16.00  ? 91  PHE A CA  1 
ATOM   878  C  C   . PHE A 1 94  ? -4.140  -3.803  -1.975  1.00 16.50  ? 91  PHE A C   1 
ATOM   879  O  O   . PHE A 1 94  ? -3.595  -4.020  -3.084  1.00 16.78  ? 91  PHE A O   1 
ATOM   880  C  CB  . PHE A 1 94  ? -3.483  -4.966  0.096   1.00 16.42  ? 91  PHE A CB  1 
ATOM   881  C  CG  . PHE A 1 94  ? -2.060  -4.928  -0.404  1.00 15.99  ? 91  PHE A CG  1 
ATOM   882  C  CD1 . PHE A 1 94  ? -1.337  -3.694  -0.469  1.00 17.05  ? 91  PHE A CD1 1 
ATOM   883  C  CD2 . PHE A 1 94  ? -1.444  -6.090  -0.829  1.00 18.78  ? 91  PHE A CD2 1 
ATOM   884  C  CE1 . PHE A 1 94  ? -0.036  -3.672  -1.001  1.00 16.59  ? 91  PHE A CE1 1 
ATOM   885  C  CE2 . PHE A 1 94  ? -0.152  -6.083  -1.372  1.00 17.42  ? 91  PHE A CE2 1 
ATOM   886  C  CZ  . PHE A 1 94  ? 0.550   -4.877  -1.443  1.00 17.25  ? 91  PHE A CZ  1 
ATOM   887  N  N   . TYR A 1 95  ? -4.380  -2.577  -1.509  1.00 16.04  ? 92  TYR A N   1 
ATOM   888  C  CA  . TYR A 1 95  ? -3.744  -1.403  -2.129  1.00 17.12  ? 92  TYR A CA  1 
ATOM   889  C  C   . TYR A 1 95  ? -4.005  -0.232  -1.216  1.00 17.96  ? 92  TYR A C   1 
ATOM   890  O  O   . TYR A 1 95  ? -4.775  -0.336  -0.286  1.00 20.58  ? 92  TYR A O   1 
ATOM   891  C  CB  . TYR A 1 95  ? -4.285  -1.103  -3.552  1.00 18.45  ? 92  TYR A CB  1 
ATOM   892  C  CG  . TYR A 1 95  ? -3.193  -0.726  -4.530  1.00 18.66  ? 92  TYR A CG  1 
ATOM   893  C  CD1 . TYR A 1 95  ? -2.113  -1.581  -4.709  1.00 19.74  ? 92  TYR A CD1 1 
ATOM   894  C  CD2 . TYR A 1 95  ? -3.243  0.481   -5.232  1.00 19.52  ? 92  TYR A CD2 1 
ATOM   895  C  CE1 . TYR A 1 95  ? -1.061  -1.261  -5.609  1.00 19.65  ? 92  TYR A CE1 1 
ATOM   896  C  CE2 . TYR A 1 95  ? -2.203  0.823   -6.124  1.00 18.72  ? 92  TYR A CE2 1 
ATOM   897  C  CZ  . TYR A 1 95  ? -1.128  -0.060  -6.283  1.00 20.62  ? 92  TYR A CZ  1 
ATOM   898  O  OH  . TYR A 1 95  ? -0.088  0.269   -7.190  1.00 22.21  ? 92  TYR A OH  1 
ATOM   899  N  N   A SER A 1 96  ? -3.350  0.890   -1.479  0.60 17.85  ? 93  SER A N   1 
ATOM   900  N  N   B SER A 1 96  ? -3.388  0.905   -1.470  0.40 17.96  ? 93  SER A N   1 
ATOM   901  C  CA  A SER A 1 96  ? -3.534  2.080   -0.655  0.60 17.20  ? 93  SER A CA  1 
ATOM   902  C  CA  B SER A 1 96  ? -3.639  2.032   -0.591  0.40 17.36  ? 93  SER A CA  1 
ATOM   903  C  C   A SER A 1 96  ? -4.348  3.131   -1.398  0.60 17.09  ? 93  SER A C   1 
ATOM   904  C  C   B SER A 1 96  ? -4.230  3.204   -1.351  0.40 17.15  ? 93  SER A C   1 
ATOM   905  O  O   A SER A 1 96  ? -4.295  3.216   -2.628  0.60 17.78  ? 93  SER A O   1 
ATOM   906  O  O   B SER A 1 96  ? -3.932  3.421   -2.537  0.40 17.22  ? 93  SER A O   1 
ATOM   907  C  CB  A SER A 1 96  ? -2.174  2.740   -0.377  0.60 17.61  ? 93  SER A CB  1 
ATOM   908  C  CB  B SER A 1 96  ? -2.344  2.485   0.074   0.40 18.28  ? 93  SER A CB  1 
ATOM   909  O  OG  A SER A 1 96  ? -1.292  1.896   0.328   0.60 17.19  ? 93  SER A OG  1 
ATOM   910  O  OG  B SER A 1 96  ? -1.350  2.714   -0.905  0.40 18.94  ? 93  SER A OG  1 
ATOM   911  N  N   . ILE A 1 97  ? -5.045  3.972   -0.632  1.00 16.44  ? 94  ILE A N   1 
ATOM   912  C  CA  . ILE A 1 97  ? -5.595  5.236   -1.149  1.00 16.59  ? 94  ILE A CA  1 
ATOM   913  C  C   . ILE A 1 97  ? -4.967  6.349   -0.320  1.00 16.37  ? 94  ILE A C   1 
ATOM   914  O  O   . ILE A 1 97  ? -4.987  6.311   0.903   1.00 16.97  ? 94  ILE A O   1 
ATOM   915  C  CB  . ILE A 1 97  ? -7.105  5.322   -0.969  1.00 16.73  ? 94  ILE A CB  1 
ATOM   916  C  CG1 . ILE A 1 97  ? -7.749  3.986   -1.324  1.00 18.48  ? 94  ILE A CG1 1 
ATOM   917  C  CG2 . ILE A 1 97  ? -7.676  6.443   -1.871  1.00 16.97  ? 94  ILE A CG2 1 
ATOM   918  C  CD1 . ILE A 1 97  ? -9.314  3.939   -1.090  1.00 17.80  ? 94  ILE A CD1 1 
ATOM   919  N  N   . THR A 1 98  ? -4.351  7.319   -0.997  1.00 15.49  ? 95  THR A N   1 
ATOM   920  C  CA  . THR A 1 98  ? -3.592  8.350   -0.305  1.00 16.39  ? 95  THR A CA  1 
ATOM   921  C  C   . THR A 1 98  ? -3.890  9.723   -0.878  1.00 16.27  ? 95  THR A C   1 
ATOM   922  O  O   . THR A 1 98  ? -4.591  9.815   -1.893  1.00 17.78  ? 95  THR A O   1 
ATOM   923  C  CB  . THR A 1 98  ? -2.059  8.062   -0.400  1.00 16.82  ? 95  THR A CB  1 
ATOM   924  O  OG1 . THR A 1 98  ? -1.643  8.140   -1.766  1.00 17.49  ? 95  THR A OG1 1 
ATOM   925  C  CG2 . THR A 1 98  ? -1.749  6.667   0.103   1.00 16.73  ? 95  THR A CG2 1 
ATOM   926  N  N   . GLN A 1 99  ? -3.383  10.758  -0.214  1.00 16.84  ? 96  GLN A N   1 
ATOM   927  C  CA  . GLN A 1 99  ? -3.605  12.131  -0.639  1.00 17.55  ? 96  GLN A CA  1 
ATOM   928  C  C   . GLN A 1 99  ? -2.259  12.746  -0.943  1.00 17.89  ? 96  GLN A C   1 
ATOM   929  O  O   . GLN A 1 99  ? -1.198  12.114  -0.685  1.00 17.09  ? 96  GLN A O   1 
ATOM   930  C  CB  . GLN A 1 99  ? -4.351  12.873  0.474   1.00 17.09  ? 96  GLN A CB  1 
ATOM   931  C  CG  . GLN A 1 99  ? -5.758  12.299  0.666   1.00 19.07  ? 96  GLN A CG  1 
ATOM   932  C  CD  . GLN A 1 99  ? -6.615  13.150  1.624   1.00 17.48  ? 96  GLN A CD  1 
ATOM   933  O  OE1 . GLN A 1 99  ? -6.114  13.783  2.554   1.00 19.87  ? 96  GLN A OE1 1 
ATOM   934  N  NE2 . GLN A 1 99  ? -7.919  13.184  1.352   1.00 20.07  ? 96  GLN A NE2 1 
ATOM   935  N  N   . LYS A 1 100 ? -2.273  13.958  -1.518  1.00 18.24  ? 97  LYS A N   1 
ATOM   936  C  CA  . LYS A 1 100 ? -1.014  14.465  -2.064  1.00 19.40  ? 97  LYS A CA  1 
ATOM   937  C  C   . LYS A 1 100 ? 0.071   14.654  -1.019  1.00 18.81  ? 97  LYS A C   1 
ATOM   938  O  O   . LYS A 1 100 ? 1.271   14.577  -1.351  1.00 20.39  ? 97  LYS A O   1 
ATOM   939  C  CB  . LYS A 1 100 ? -1.230  15.728  -2.896  1.00 20.14  ? 97  LYS A CB  1 
ATOM   940  C  CG  . LYS A 1 100 ? -1.707  15.311  -4.306  1.00 25.10  ? 97  LYS A CG  1 
ATOM   941  C  CD  . LYS A 1 100 ? -1.244  16.246  -5.407  1.00 35.39  ? 97  LYS A CD  1 
ATOM   942  C  CE  . LYS A 1 100 ? -1.771  15.765  -6.737  1.00 37.85  ? 97  LYS A CE  1 
ATOM   943  N  NZ  . LYS A 1 100 ? -3.249  15.664  -6.635  1.00 43.07  ? 97  LYS A NZ  1 
ATOM   944  N  N   . ASP A 1 101 ? -0.323  14.874  0.234   1.00 18.77  ? 98  ASP A N   1 
ATOM   945  C  CA  . ASP A 1 101 ? 0.659   15.054  1.314   1.00 18.97  ? 98  ASP A CA  1 
ATOM   946  C  C   . ASP A 1 101 ? 0.892   13.809  2.174   1.00 19.71  ? 98  ASP A C   1 
ATOM   947  O  O   . ASP A 1 101 ? 1.525   13.880  3.228   1.00 20.13  ? 98  ASP A O   1 
ATOM   948  C  CB  . ASP A 1 101 ? 0.271   16.213  2.229   1.00 21.14  ? 98  ASP A CB  1 
ATOM   949  C  CG  . ASP A 1 101 ? -1.099  16.044  2.868   1.00 24.80  ? 98  ASP A CG  1 
ATOM   950  O  OD1 . ASP A 1 101 ? -1.902  15.173  2.459   1.00 24.17  ? 98  ASP A OD1 1 
ATOM   951  O  OD2 . ASP A 1 101 ? -1.406  16.859  3.786   1.00 30.33  ? 98  ASP A OD2 1 
ATOM   952  N  N   . THR A 1 102 ? 0.366   12.680  1.737   1.00 17.06  ? 99  THR A N   1 
ATOM   953  C  CA  . THR A 1 102 ? 0.540   11.417  2.479   1.00 17.20  ? 99  THR A CA  1 
ATOM   954  C  C   . THR A 1 102 ? 1.947   10.841  2.333   1.00 17.58  ? 99  THR A C   1 
ATOM   955  O  O   . THR A 1 102 ? 2.504   10.818  1.221   1.00 17.93  ? 99  THR A O   1 
ATOM   956  C  CB  . THR A 1 102 ? -0.475  10.399  1.970   1.00 16.57  ? 99  THR A CB  1 
ATOM   957  O  OG1 . THR A 1 102 ? -1.804  10.921  2.155   1.00 17.53  ? 99  THR A OG1 1 
ATOM   958  C  CG2 . THR A 1 102 ? -0.352  9.054   2.749   1.00 16.80  ? 99  THR A CG2 1 
ATOM   959  N  N   . LYS A 1 103 ? 2.484   10.297  3.435   1.00 17.25  ? 100 LYS A N   1 
ATOM   960  C  CA  . LYS A 1 103 ? 3.735   9.557   3.390   1.00 16.04  ? 100 LYS A CA  1 
ATOM   961  C  C   . LYS A 1 103 ? 3.584   8.336   4.292   1.00 17.48  ? 100 LYS A C   1 
ATOM   962  O  O   . LYS A 1 103 ? 3.096   8.495   5.430   1.00 17.08  ? 100 LYS A O   1 
ATOM   963  C  CB  . LYS A 1 103 ? 4.852   10.442  3.933   1.00 17.08  ? 100 LYS A CB  1 
ATOM   964  C  CG  . LYS A 1 103 ? 6.252   9.806   3.783   1.00 18.18  ? 100 LYS A CG  1 
ATOM   965  C  CD  . LYS A 1 103 ? 7.360   10.702  4.367   1.00 17.54  ? 100 LYS A CD  1 
ATOM   966  C  CE  . LYS A 1 103 ? 7.535   12.004  3.614   1.00 17.74  ? 100 LYS A CE  1 
ATOM   967  N  NZ  . LYS A 1 103 ? 8.189   11.848  2.238   1.00 17.79  ? 100 LYS A NZ  1 
HETATM 968  N  N   . MSE A 1 104 ? 3.959   7.161   3.794   1.00 16.61  ? 101 MSE A N   1 
HETATM 969  C  CA  . MSE A 1 104 ? 3.977   5.973   4.641   1.00 18.76  ? 101 MSE A CA  1 
HETATM 970  C  C   . MSE A 1 104 ? 5.222   5.177   4.398   1.00 18.07  ? 101 MSE A C   1 
HETATM 971  O  O   . MSE A 1 104 ? 5.917   5.398   3.403   1.00 18.20  ? 101 MSE A O   1 
HETATM 972  C  CB  . MSE A 1 104 ? 2.742   5.107   4.419   1.00 21.04  ? 101 MSE A CB  1 
HETATM 973  C  CG  . MSE A 1 104 ? 2.743   4.441   3.125   1.00 20.27  ? 101 MSE A CG  1 
HETATM 974  SE SE  . MSE A 1 104 ? 1.095   3.251   3.011   0.65 25.94  ? 101 MSE A SE  1 
HETATM 975  C  CE  . MSE A 1 104 ? 0.060   4.621   2.672   1.00 12.83  ? 101 MSE A CE  1 
HETATM 976  N  N   . MSE A 1 105 ? 5.556   4.297   5.339   1.00 16.39  ? 102 MSE A N   1 
HETATM 977  C  CA  . MSE A 1 105 ? 6.672   3.391   5.117   1.00 16.00  ? 102 MSE A CA  1 
HETATM 978  C  C   . MSE A 1 105 ? 6.119   1.998   5.049   1.00 16.24  ? 102 MSE A C   1 
HETATM 979  O  O   . MSE A 1 105 ? 5.055   1.709   5.623   1.00 16.92  ? 102 MSE A O   1 
HETATM 980  C  CB  . MSE A 1 105 ? 7.667   3.455   6.275   1.00 17.84  ? 102 MSE A CB  1 
HETATM 981  C  CG  . MSE A 1 105 ? 8.564   4.697   6.286   1.00 18.81  ? 102 MSE A CG  1 
HETATM 982  SE SE  . MSE A 1 105 ? 7.504   6.302   6.779   0.65 22.03  ? 102 MSE A SE  1 
HETATM 983  C  CE  . MSE A 1 105 ? 9.034   7.450   7.215   1.00 19.82  ? 102 MSE A CE  1 
ATOM   984  N  N   . TYR A 1 106 ? 6.801   1.131   4.313   1.00 15.94  ? 103 TYR A N   1 
ATOM   985  C  CA  . TYR A 1 106 ? 6.409   -0.284  4.364   1.00 15.84  ? 103 TYR A CA  1 
ATOM   986  C  C   . TYR A 1 106 ? 7.617   -1.189  4.443   1.00 16.88  ? 103 TYR A C   1 
ATOM   987  O  O   . TYR A 1 106 ? 8.743   -0.776  4.105   1.00 15.69  ? 103 TYR A O   1 
ATOM   988  C  CB  . TYR A 1 106 ? 5.500   -0.652  3.191   1.00 17.37  ? 103 TYR A CB  1 
ATOM   989  C  CG  . TYR A 1 106 ? 6.093   -0.673  1.789   1.00 17.47  ? 103 TYR A CG  1 
ATOM   990  C  CD1 . TYR A 1 106 ? 6.874   -1.738  1.356   1.00 18.62  ? 103 TYR A CD1 1 
ATOM   991  C  CD2 . TYR A 1 106 ? 5.753   0.332   0.866   1.00 18.38  ? 103 TYR A CD2 1 
ATOM   992  C  CE1 . TYR A 1 106 ? 7.345   -1.818  0.001   1.00 19.35  ? 103 TYR A CE1 1 
ATOM   993  C  CE2 . TYR A 1 106 ? 6.198   0.273   -0.453  1.00 18.20  ? 103 TYR A CE2 1 
ATOM   994  C  CZ  . TYR A 1 106 ? 6.973   -0.805  -0.876  1.00 18.96  ? 103 TYR A CZ  1 
ATOM   995  O  OH  . TYR A 1 106 ? 7.399   -0.887  -2.191  1.00 20.37  ? 103 TYR A OH  1 
ATOM   996  N  N   . VAL A 1 107 ? 7.358   -2.385  4.980   1.00 16.69  ? 104 VAL A N   1 
ATOM   997  C  CA  . VAL A 1 107 ? 8.388   -3.388  5.200   1.00 16.04  ? 104 VAL A CA  1 
ATOM   998  C  C   . VAL A 1 107 ? 7.909   -4.674  4.557   1.00 17.16  ? 104 VAL A C   1 
ATOM   999  O  O   . VAL A 1 107 ? 6.756   -5.068  4.719   1.00 16.81  ? 104 VAL A O   1 
ATOM   1000 C  CB  . VAL A 1 107 ? 8.608   -3.637  6.724   1.00 17.67  ? 104 VAL A CB  1 
ATOM   1001 C  CG1 . VAL A 1 107 ? 9.791   -4.609  6.933   1.00 17.38  ? 104 VAL A CG1 1 
ATOM   1002 C  CG2 . VAL A 1 107 ? 8.927   -2.304  7.438   1.00 17.95  ? 104 VAL A CG2 1 
ATOM   1003 N  N   . GLN A 1 108 ? 8.787   -5.311  3.795   1.00 17.82  ? 105 GLN A N   1 
ATOM   1004 C  CA  . GLN A 1 108 ? 8.463   -6.651  3.219   1.00 18.01  ? 105 GLN A CA  1 
ATOM   1005 C  C   . GLN A 1 108 ? 9.766   -7.436  2.952   1.00 16.91  ? 105 GLN A C   1 
ATOM   1006 O  O   . GLN A 1 108 ? 10.851  -6.935  3.183   1.00 17.32  ? 105 GLN A O   1 
ATOM   1007 C  CB  . GLN A 1 108 ? 7.682   -6.535  1.893   1.00 18.57  ? 105 GLN A CB  1 
ATOM   1008 C  CG  . GLN A 1 108 ? 8.530   -5.853  0.822   1.00 19.50  ? 105 GLN A CG  1 
ATOM   1009 C  CD  . GLN A 1 108 ? 7.837   -5.672  -0.508  1.00 24.12  ? 105 GLN A CD  1 
ATOM   1010 O  OE1 . GLN A 1 108 ? 6.686   -5.188  -0.589  1.00 30.18  ? 105 GLN A OE1 1 
ATOM   1011 N  NE2 . GLN A 1 108 ? 8.524   -6.055  -1.547  1.00 32.65  ? 105 GLN A NE2 1 
ATOM   1012 N  N   . ASP A 1 109 ? 9.639   -8.670  2.450   1.00 17.22  ? 106 ASP A N   1 
ATOM   1013 C  CA  . ASP A 1 109 ? 10.787  -9.519  2.163   1.00 18.82  ? 106 ASP A CA  1 
ATOM   1014 C  C   . ASP A 1 109 ? 11.613  -8.877  1.054   1.00 20.82  ? 106 ASP A C   1 
ATOM   1015 O  O   . ASP A 1 109 ? 11.057  -8.247  0.151   1.00 22.83  ? 106 ASP A O   1 
ATOM   1016 C  CB  . ASP A 1 109 ? 10.250  -10.877 1.688   1.00 18.66  ? 106 ASP A CB  1 
ATOM   1017 C  CG  . ASP A 1 109 ? 11.328  -11.943 1.659   1.00 22.39  ? 106 ASP A CG  1 
ATOM   1018 O  OD1 . ASP A 1 109 ? 12.270  -11.839 0.823   1.00 24.76  ? 106 ASP A OD1 1 
ATOM   1019 O  OD2 . ASP A 1 109 ? 11.190  -12.894 2.443   1.00 24.55  ? 106 ASP A OD2 1 
ATOM   1020 N  N   . SER A 1 110 ? 12.932  -8.987  1.134   1.00 21.00  ? 107 SER A N   1 
ATOM   1021 C  CA  . SER A 1 110 ? 13.795  -8.312  0.146   1.00 22.62  ? 107 SER A CA  1 
ATOM   1022 C  C   . SER A 1 110 ? 13.773  -8.947  -1.215  1.00 25.40  ? 107 SER A C   1 
ATOM   1023 O  O   . SER A 1 110 ? 14.279  -8.362  -2.182  1.00 26.13  ? 107 SER A O   1 
ATOM   1024 C  CB  . SER A 1 110 ? 15.230  -8.182  0.629   1.00 22.48  ? 107 SER A CB  1 
ATOM   1025 O  OG  . SER A 1 110 ? 15.731  -9.442  0.961   1.00 22.98  ? 107 SER A OG  1 
ATOM   1026 N  N   A ASN A 1 111 ? 13.179  -10.127 -1.332  0.50 26.61  ? 108 ASN A N   1 
ATOM   1027 N  N   B ASN A 1 111 ? 13.234  -10.143 -1.275  0.50 26.28  ? 108 ASN A N   1 
ATOM   1028 C  CA  A ASN A 1 111 ? 12.973  -10.733 -2.661  0.50 29.51  ? 108 ASN A CA  1 
ATOM   1029 C  CA  B ASN A 1 111 ? 12.878  -10.676 -2.554  0.50 28.95  ? 108 ASN A CA  1 
ATOM   1030 C  C   A ASN A 1 111 ? 11.749  -10.095 -3.339  0.50 30.95  ? 108 ASN A C   1 
ATOM   1031 C  C   B ASN A 1 111 ? 11.669  -9.845  -2.986  0.50 30.33  ? 108 ASN A C   1 
ATOM   1032 O  O   A ASN A 1 111 ? 10.670  -10.687 -3.361  0.50 32.22  ? 108 ASN A O   1 
ATOM   1033 O  O   B ASN A 1 111 ? 10.541  -10.030 -2.481  0.50 29.59  ? 108 ASN A O   1 
ATOM   1034 C  CB  A ASN A 1 111 ? 12.763  -12.246 -2.546  0.50 29.55  ? 108 ASN A CB  1 
ATOM   1035 C  CB  B ASN A 1 111 ? 12.547  -12.152 -2.429  0.50 28.89  ? 108 ASN A CB  1 
ATOM   1036 C  CG  A ASN A 1 111 ? 13.830  -12.938 -1.724  0.50 31.43  ? 108 ASN A CG  1 
ATOM   1037 C  CG  B ASN A 1 111 ? 12.087  -12.734 -3.724  0.50 30.71  ? 108 ASN A CG  1 
ATOM   1038 O  OD1 A ASN A 1 111 ? 15.028  -12.708 -1.908  0.50 34.49  ? 108 ASN A OD1 1 
ATOM   1039 O  OD1 B ASN A 1 111 ? 11.141  -12.238 -4.327  0.50 30.02  ? 108 ASN A OD1 1 
ATOM   1040 N  ND2 A ASN A 1 111 ? 13.395  -13.817 -0.822  0.50 34.01  ? 108 ASN A ND2 1 
ATOM   1041 N  ND2 B ASN A 1 111 ? 12.773  -13.779 -4.182  0.50 30.38  ? 108 ASN A ND2 1 
ATOM   1042 N  N   . CYS A 1 112 ? 11.927  -8.883  -3.870  0.70 31.56  ? 109 CYS A N   1 
ATOM   1043 C  CA  . CYS A 1 112 ? 10.846  -8.041  -4.400  0.70 33.74  ? 109 CYS A CA  1 
ATOM   1044 C  C   . CYS A 1 112 ? 10.702  -8.098  -5.923  0.70 35.48  ? 109 CYS A C   1 
ATOM   1045 O  O   . CYS A 1 112 ? 10.249  -7.130  -6.558  0.70 36.54  ? 109 CYS A O   1 
ATOM   1046 C  CB  . CYS A 1 112 ? 11.035  -6.592  -3.935  0.70 34.26  ? 109 CYS A CB  1 
ATOM   1047 S  SG  . CYS A 1 112 ? 12.632  -5.935  -4.423  0.70 38.38  ? 109 CYS A SG  1 
ATOM   1048 N  N   . SER A 1 113 ? 11.073  -9.229  -6.519  0.80 36.18  ? 110 SER A N   1 
ATOM   1049 C  CA  . SER A 1 113 ? 10.678  -9.490  -7.894  0.80 37.26  ? 110 SER A CA  1 
ATOM   1050 C  C   . SER A 1 113 ? 9.151   -9.626  -7.940  0.80 37.37  ? 110 SER A C   1 
ATOM   1051 O  O   . SER A 1 113 ? 8.518   -10.050 -6.976  0.80 38.31  ? 110 SER A O   1 
ATOM   1052 C  CB  . SER A 1 113 ? 11.328  -10.762 -8.415  0.80 37.70  ? 110 SER A CB  1 
ATOM   1053 O  OG  . SER A 1 113 ? 10.666  -11.890 -7.888  0.80 40.92  ? 110 SER A OG  1 
HETATM 1054 N  N   . MSE A 1 114 ? 8.563   -9.239  -9.061  1.00 36.61  ? 111 MSE A N   1 
HETATM 1055 C  CA  . MSE A 1 114 ? 7.165   -9.492  -9.335  1.00 33.90  ? 111 MSE A CA  1 
HETATM 1056 C  C   . MSE A 1 114 ? 6.935   -10.937 -9.761  1.00 32.87  ? 111 MSE A C   1 
HETATM 1057 O  O   . MSE A 1 114 ? 5.831   -11.302 -10.156 1.00 33.52  ? 111 MSE A O   1 
HETATM 1058 C  CB  . MSE A 1 114 ? 6.687   -8.551  -10.436 1.00 34.29  ? 111 MSE A CB  1 
HETATM 1059 C  CG  . MSE A 1 114 ? 6.651   -7.101  -9.992  1.00 32.36  ? 111 MSE A CG  1 
HETATM 1060 SE SE  . MSE A 1 114 ? 5.279   -6.816  -8.675  0.55 31.57  ? 111 MSE A SE  1 
HETATM 1061 C  CE  . MSE A 1 114 ? 3.770   -7.746  -9.453  1.00 33.03  ? 111 MSE A CE  1 
ATOM   1062 N  N   . ASP A 1 115 ? 7.982   -11.762 -9.700  1.00 30.98  ? 112 ASP A N   1 
ATOM   1063 C  CA  . ASP A 1 115 ? 7.826   -13.189 -9.905  1.00 29.39  ? 112 ASP A CA  1 
ATOM   1064 C  C   . ASP A 1 115 ? 6.839   -13.792 -8.921  1.00 27.19  ? 112 ASP A C   1 
ATOM   1065 O  O   . ASP A 1 115 ? 6.194   -14.785 -9.236  1.00 28.38  ? 112 ASP A O   1 
ATOM   1066 C  CB  . ASP A 1 115 ? 9.168   -13.906 -9.697  1.00 31.04  ? 112 ASP A CB  1 
ATOM   1067 C  CG  . ASP A 1 115 ? 10.169  -13.611 -10.803 1.00 36.35  ? 112 ASP A CG  1 
ATOM   1068 O  OD1 . ASP A 1 115 ? 9.724   -13.482 -11.976 1.00 42.16  ? 112 ASP A OD1 1 
ATOM   1069 O  OD2 . ASP A 1 115 ? 11.391  -13.528 -10.496 1.00 40.44  ? 112 ASP A OD2 1 
ATOM   1070 N  N   A ASN A 1 116 ? 6.749   -13.213 -7.722  0.50 25.45  ? 113 ASN A N   1 
ATOM   1071 N  N   B ASN A 1 116 ? 6.721   -13.211 -7.734  0.50 24.89  ? 113 ASN A N   1 
ATOM   1072 C  CA  A ASN A 1 116 ? 5.927   -13.804 -6.670  0.50 24.21  ? 113 ASN A CA  1 
ATOM   1073 C  CA  B ASN A 1 116 ? 5.885   -13.833 -6.721  0.50 23.18  ? 113 ASN A CA  1 
ATOM   1074 C  C   A ASN A 1 116 ? 4.780   -12.897 -6.236  0.50 22.98  ? 113 ASN A C   1 
ATOM   1075 C  C   B ASN A 1 116 ? 4.826   -12.861 -6.209  0.50 22.41  ? 113 ASN A C   1 
ATOM   1076 O  O   A ASN A 1 116 ? 4.207   -13.108 -5.175  0.50 22.33  ? 113 ASN A O   1 
ATOM   1077 O  O   B ASN A 1 116 ? 4.375   -12.982 -5.074  0.50 22.05  ? 113 ASN A O   1 
ATOM   1078 C  CB  A ASN A 1 116 ? 6.766   -14.167 -5.439  0.50 25.01  ? 113 ASN A CB  1 
ATOM   1079 C  CB  B ASN A 1 116 ? 6.749   -14.349 -5.573  0.50 23.36  ? 113 ASN A CB  1 
ATOM   1080 C  CG  A ASN A 1 116 ? 7.891   -15.125 -5.754  0.50 26.25  ? 113 ASN A CG  1 
ATOM   1081 C  CG  B ASN A 1 116 ? 7.739   -13.301 -5.084  0.50 22.01  ? 113 ASN A CG  1 
ATOM   1082 O  OD1 A ASN A 1 116 ? 7.793   -15.937 -6.675  0.50 30.22  ? 113 ASN A OD1 1 
ATOM   1083 O  OD1 B ASN A 1 116 ? 7.351   -12.165 -4.793  0.50 23.04  ? 113 ASN A OD1 1 
ATOM   1084 N  ND2 A ASN A 1 116 ? 8.966   -15.037 -4.987  0.50 29.34  ? 113 ASN A ND2 1 
ATOM   1085 N  ND2 B ASN A 1 116 ? 9.027   -13.673 -4.995  0.50 23.83  ? 113 ASN A ND2 1 
ATOM   1086 N  N   . SER A 1 117 ? 4.467   -11.899 -7.065  1.00 21.10  ? 114 SER A N   1 
ATOM   1087 C  CA  . SER A 1 117 ? 3.364   -10.978 -6.793  1.00 20.32  ? 114 SER A CA  1 
ATOM   1088 C  C   . SER A 1 117 ? 2.549   -10.777 -8.072  1.00 20.03  ? 114 SER A C   1 
ATOM   1089 O  O   . SER A 1 117 ? 2.983   -11.147 -9.174  1.00 21.17  ? 114 SER A O   1 
ATOM   1090 C  CB  . SER A 1 117 ? 3.875   -9.638  -6.267  1.00 20.76  ? 114 SER A CB  1 
ATOM   1091 O  OG  . SER A 1 117 ? 4.711   -9.795  -5.115  1.00 22.22  ? 114 SER A OG  1 
ATOM   1092 N  N   . ASP A 1 118 ? 1.368   -10.189 -7.945  1.00 18.98  ? 115 ASP A N   1 
ATOM   1093 C  CA  . ASP A 1 118 ? 0.528   -9.927  -9.105  1.00 18.98  ? 115 ASP A CA  1 
ATOM   1094 C  C   . ASP A 1 118 ? -0.311  -8.678  -8.877  1.00 17.82  ? 115 ASP A C   1 
ATOM   1095 O  O   . ASP A 1 118 ? -0.502  -8.272  -7.719  1.00 18.84  ? 115 ASP A O   1 
ATOM   1096 C  CB  . ASP A 1 118 ? -0.428  -11.087 -9.357  1.00 18.47  ? 115 ASP A CB  1 
ATOM   1097 C  CG  . ASP A 1 118 ? 0.245   -12.277 -10.055 1.00 23.99  ? 115 ASP A CG  1 
ATOM   1098 O  OD1 . ASP A 1 118 ? 0.588   -12.146 -11.255 1.00 25.51  ? 115 ASP A OD1 1 
ATOM   1099 O  OD2 . ASP A 1 118 ? 0.428   -13.330 -9.395  1.00 24.80  ? 115 ASP A OD2 1 
ATOM   1100 N  N   . PHE A 1 119 ? -0.796  -8.078  -9.963  1.00 16.98  ? 116 PHE A N   1 
ATOM   1101 C  CA  . PHE A 1 119 ? -1.825  -7.041  -9.899  1.00 17.39  ? 116 PHE A CA  1 
ATOM   1102 C  C   . PHE A 1 119 ? -3.086  -7.555  -10.589 1.00 17.52  ? 116 PHE A C   1 
ATOM   1103 O  O   . PHE A 1 119 ? -3.015  -8.445  -11.444 1.00 17.46  ? 116 PHE A O   1 
ATOM   1104 C  CB  . PHE A 1 119 ? -1.402  -5.748  -10.618 1.00 18.11  ? 116 PHE A CB  1 
ATOM   1105 C  CG  . PHE A 1 119 ? -0.327  -4.989  -9.894  1.00 17.20  ? 116 PHE A CG  1 
ATOM   1106 C  CD1 . PHE A 1 119 ? -0.636  -3.996  -8.966  1.00 17.33  ? 116 PHE A CD1 1 
ATOM   1107 C  CD2 . PHE A 1 119 ? 1.022   -5.287  -10.145 1.00 19.04  ? 116 PHE A CD2 1 
ATOM   1108 C  CE1 . PHE A 1 119 ? 0.402   -3.313  -8.296  1.00 20.51  ? 116 PHE A CE1 1 
ATOM   1109 C  CE2 . PHE A 1 119 ? 2.048   -4.618  -9.463  1.00 20.22  ? 116 PHE A CE2 1 
ATOM   1110 C  CZ  . PHE A 1 119 ? 1.738   -3.634  -8.560  1.00 20.12  ? 116 PHE A CZ  1 
ATOM   1111 N  N   . CYS A 1 120 ? -4.240  -7.007  -10.237 1.00 17.45  ? 117 CYS A N   1 
ATOM   1112 C  CA  . CYS A 1 120 ? -5.477  -7.356  -10.922 1.00 17.73  ? 117 CYS A CA  1 
ATOM   1113 C  C   . CYS A 1 120 ? -6.355  -6.120  -10.980 1.00 18.47  ? 117 CYS A C   1 
ATOM   1114 O  O   . CYS A 1 120 ? -6.465  -5.387  -9.972  1.00 17.83  ? 117 CYS A O   1 
ATOM   1115 C  CB  . CYS A 1 120 ? -6.187  -8.491  -10.153 1.00 18.30  ? 117 CYS A CB  1 
ATOM   1116 S  SG  . CYS A 1 120 ? -7.691  -9.034  -10.976 0.85 21.04  ? 117 CYS A SG  1 
ATOM   1117 N  N   . ASP A 1 121 ? -6.964  -5.856  -12.135 1.00 18.02  ? 118 ASP A N   1 
ATOM   1118 C  CA  . ASP A 1 121 ? -7.837  -4.707  -12.258 1.00 18.36  ? 118 ASP A CA  1 
ATOM   1119 C  C   . ASP A 1 121 ? -9.102  -4.856  -11.417 1.00 19.09  ? 118 ASP A C   1 
ATOM   1120 O  O   . ASP A 1 121 ? -9.655  -5.957  -11.283 1.00 20.85  ? 118 ASP A O   1 
ATOM   1121 C  CB  . ASP A 1 121 ? -8.293  -4.574  -13.712 1.00 18.48  ? 118 ASP A CB  1 
ATOM   1122 C  CG  . ASP A 1 121 ? -7.199  -4.076  -14.647 1.00 22.48  ? 118 ASP A CG  1 
ATOM   1123 O  OD1 . ASP A 1 121 ? -6.074  -3.697  -14.215 1.00 23.19  ? 118 ASP A OD1 1 
ATOM   1124 O  OD2 . ASP A 1 121 ? -7.536  -4.027  -15.857 1.00 24.90  ? 118 ASP A OD2 1 
ATOM   1125 N  N   . LEU A 1 122 ? -9.572  -3.728  -10.911 1.00 18.88  ? 119 LEU A N   1 
ATOM   1126 C  CA  . LEU A 1 122 ? -10.873 -3.641  -10.317 1.00 19.10  ? 119 LEU A CA  1 
ATOM   1127 C  C   . LEU A 1 122 ? -11.874 -3.375  -11.434 1.00 20.26  ? 119 LEU A C   1 
ATOM   1128 O  O   . LEU A 1 122 ? -11.546 -2.722  -12.429 1.00 21.26  ? 119 LEU A O   1 
ATOM   1129 C  CB  . LEU A 1 122 ? -10.886 -2.460  -9.352  1.00 19.71  ? 119 LEU A CB  1 
ATOM   1130 C  CG  . LEU A 1 122 ? -10.015 -2.613  -8.098  1.00 18.36  ? 119 LEU A CG  1 
ATOM   1131 C  CD1 . LEU A 1 122 ? -9.758  -1.233  -7.488  1.00 20.58  ? 119 LEU A CD1 1 
ATOM   1132 C  CD2 . LEU A 1 122 ? -10.766 -3.457  -7.074  1.00 21.72  ? 119 LEU A CD2 1 
ATOM   1133 N  N   . SER A 1 123 ? -13.106 -3.844  -11.238 1.00 20.30  ? 120 SER A N   1 
ATOM   1134 C  CA  . SER A 1 123 ? -14.175 -3.525  -12.202 1.00 21.25  ? 120 SER A CA  1 
ATOM   1135 C  C   . SER A 1 123 ? -14.622 -2.062  -12.033 1.00 21.59  ? 120 SER A C   1 
ATOM   1136 O  O   . SER A 1 123 ? -14.306 -1.424  -11.006 1.00 20.17  ? 120 SER A O   1 
ATOM   1137 C  CB  . SER A 1 123 ? -15.382 -4.428  -11.931 1.00 21.57  ? 120 SER A CB  1 
ATOM   1138 O  OG  . SER A 1 123 ? -16.012 -4.045  -10.720 1.00 21.76  ? 120 SER A OG  1 
ATOM   1139 N  N   A LYS A 1 124 ? -15.503 -1.598  -12.929 0.50 21.41  ? 121 LYS A N   1 
ATOM   1140 N  N   B LYS A 1 124 ? -15.233 -1.506  -13.083 0.50 21.52  ? 121 LYS A N   1 
ATOM   1141 C  CA  A LYS A 1 124 ? -16.121 -0.267  -12.798 0.50 22.09  ? 121 LYS A CA  1 
ATOM   1142 C  CA  B LYS A 1 124 ? -15.651 -0.106  -13.083 0.50 21.79  ? 121 LYS A CA  1 
ATOM   1143 C  C   A LYS A 1 124 ? -16.952 -0.086  -11.524 0.50 20.42  ? 121 LYS A C   1 
ATOM   1144 C  C   B LYS A 1 124 ? -16.484 0.083   -11.825 0.50 20.76  ? 121 LYS A C   1 
ATOM   1145 O  O   A LYS A 1 124 ? -16.832 0.949   -10.848 0.50 19.79  ? 121 LYS A O   1 
ATOM   1146 O  O   B LYS A 1 124 ? -16.383 1.087   -11.129 0.50 20.80  ? 121 LYS A O   1 
ATOM   1147 C  CB  A LYS A 1 124 ? -16.972 0.090   -14.037 0.50 22.57  ? 121 LYS A CB  1 
ATOM   1148 C  CB  B LYS A 1 124 ? -16.490 0.206   -14.345 0.50 22.61  ? 121 LYS A CB  1 
ATOM   1149 C  CG  A LYS A 1 124 ? -16.771 1.557   -14.482 0.50 25.93  ? 121 LYS A CG  1 
ATOM   1150 C  CG  B LYS A 1 124 ? -17.703 1.128   -14.074 0.50 23.67  ? 121 LYS A CG  1 
ATOM   1151 C  CD  A LYS A 1 124 ? -17.651 1.965   -15.678 0.50 25.36  ? 121 LYS A CD  1 
ATOM   1152 C  CD  B LYS A 1 124 ? -18.594 1.321   -15.304 0.50 24.37  ? 121 LYS A CD  1 
ATOM   1153 C  CE  A LYS A 1 124 ? -17.117 1.473   -17.026 0.50 30.01  ? 121 LYS A CE  1 
ATOM   1154 C  CE  B LYS A 1 124 ? -19.556 2.482   -15.091 0.50 27.57  ? 121 LYS A CE  1 
ATOM   1155 N  NZ  A LYS A 1 124 ? -17.861 2.103   -18.191 0.50 30.02  ? 121 LYS A NZ  1 
ATOM   1156 N  NZ  B LYS A 1 124 ? -20.718 2.122   -14.216 0.50 28.82  ? 121 LYS A NZ  1 
ATOM   1157 N  N   A GLU A 1 125 ? -17.805 -1.054  -11.189 0.60 19.59  ? 122 GLU A N   1 
ATOM   1158 N  N   B GLU A 1 125 ? -17.278 -0.944  -11.517 0.40 20.17  ? 122 GLU A N   1 
ATOM   1159 C  CA  A GLU A 1 125 ? -18.588 -0.941  -9.949  0.60 19.69  ? 122 GLU A CA  1 
ATOM   1160 C  CA  B GLU A 1 125 ? -18.248 -0.957  -10.415 0.40 21.19  ? 122 GLU A CA  1 
ATOM   1161 C  C   A GLU A 1 125 ? -17.609 -0.943  -8.785  0.60 18.94  ? 122 GLU A C   1 
ATOM   1162 C  C   B GLU A 1 125 ? -17.555 -0.907  -9.029  0.40 19.75  ? 122 GLU A C   1 
ATOM   1163 O  O   A GLU A 1 125 ? -17.823 -0.217  -7.809  0.60 18.66  ? 122 GLU A O   1 
ATOM   1164 O  O   B GLU A 1 125 ? -17.930 -0.119  -8.152  0.40 20.30  ? 122 GLU A O   1 
ATOM   1165 C  CB  A GLU A 1 125 ? -19.603 -2.082  -9.748  0.60 19.99  ? 122 GLU A CB  1 
ATOM   1166 C  CB  B GLU A 1 125 ? -19.192 -2.189  -10.591 0.40 21.02  ? 122 GLU A CB  1 
ATOM   1167 C  CG  A GLU A 1 125 ? -20.204 -2.134  -8.328  0.60 20.98  ? 122 GLU A CG  1 
ATOM   1168 C  CG  B GLU A 1 125 ? -18.860 -3.485  -9.780  0.40 23.64  ? 122 GLU A CG  1 
ATOM   1169 C  CD  A GLU A 1 125 ? -21.265 -3.203  -8.166  0.60 21.63  ? 122 GLU A CD  1 
ATOM   1170 C  CD  B GLU A 1 125 ? -18.871 -4.829  -10.575 0.40 24.09  ? 122 GLU A CD  1 
ATOM   1171 O  OE1 A GLU A 1 125 ? -22.269 -3.123  -8.882  0.60 19.71  ? 122 GLU A OE1 1 
ATOM   1172 O  OE1 B GLU A 1 125 ? -18.087 -5.728  -10.181 0.40 25.59  ? 122 GLU A OE1 1 
ATOM   1173 O  OE2 A GLU A 1 125 ? -21.116 -4.085  -7.283  0.60 27.62  ? 122 GLU A OE2 1 
ATOM   1174 O  OE2 B GLU A 1 125 ? -19.643 -5.012  -11.561 0.40 27.94  ? 122 GLU A OE2 1 
ATOM   1175 N  N   . GLU A 1 126 ? -16.552 -1.765  -8.849  1.00 19.08  ? 123 GLU A N   1 
ATOM   1176 C  CA  . GLU A 1 126 ? -15.677 -1.805  -7.678  1.00 18.73  ? 123 GLU A CA  1 
ATOM   1177 C  C   . GLU A 1 126 ? -14.970 -0.489  -7.446  1.00 18.15  ? 123 GLU A C   1 
ATOM   1178 O  O   . GLU A 1 126 ? -14.836 -0.038  -6.312  1.00 17.99  ? 123 GLU A O   1 
ATOM   1179 C  CB  . GLU A 1 126 ? -14.658 -2.950  -7.812  1.00 18.57  ? 123 GLU A CB  1 
ATOM   1180 C  CG  . GLU A 1 126 ? -15.348 -4.294  -7.640  1.00 18.38  ? 123 GLU A CG  1 
ATOM   1181 C  CD  . GLU A 1 126 ? -14.592 -5.484  -8.170  1.00 23.86  ? 123 GLU A CD  1 
ATOM   1182 O  OE1 . GLU A 1 126 ? -13.559 -5.327  -8.884  1.00 22.43  ? 123 GLU A OE1 1 
ATOM   1183 O  OE2 . GLU A 1 126 ? -15.090 -6.594  -7.846  1.00 26.13  ? 123 GLU A OE2 1 
ATOM   1184 N  N   . ILE A 1 127 ? -14.488 0.121   -8.537  1.00 17.91  ? 124 ILE A N   1 
ATOM   1185 C  CA  . ILE A 1 127 ? -13.845 1.437   -8.412  1.00 17.65  ? 124 ILE A CA  1 
ATOM   1186 C  C   . ILE A 1 127 ? -14.848 2.466   -7.851  1.00 17.13  ? 124 ILE A C   1 
ATOM   1187 O  O   . ILE A 1 127 ? -14.513 3.161   -6.890  1.00 17.30  ? 124 ILE A O   1 
ATOM   1188 C  CB  . ILE A 1 127 ? -13.275 1.885   -9.753  1.00 18.60  ? 124 ILE A CB  1 
ATOM   1189 C  CG1 . ILE A 1 127 ? -12.103 0.974   -10.066 1.00 18.46  ? 124 ILE A CG1 1 
ATOM   1190 C  CG2 . ILE A 1 127 ? -12.800 3.305   -9.701  1.00 19.31  ? 124 ILE A CG2 1 
ATOM   1191 C  CD1 . ILE A 1 127 ? -11.644 1.068   -11.548 1.00 20.44  ? 124 ILE A CD1 1 
ATOM   1192 N  N   . GLU A 1 128 ? -16.075 2.524   -8.412  1.00 18.39  ? 125 GLU A N   1 
ATOM   1193 C  CA  . GLU A 1 128 ? -17.045 3.497   -7.932  1.00 20.00  ? 125 GLU A CA  1 
ATOM   1194 C  C   . GLU A 1 128 ? -17.393 3.241   -6.477  1.00 18.15  ? 125 GLU A C   1 
ATOM   1195 O  O   . GLU A 1 128 ? -17.551 4.175   -5.693  1.00 18.91  ? 125 GLU A O   1 
ATOM   1196 C  CB  . GLU A 1 128 ? -18.350 3.420   -8.741  1.00 20.94  ? 125 GLU A CB  1 
ATOM   1197 C  CG  . GLU A 1 128 ? -18.221 3.915   -10.131 1.00 23.65  ? 125 GLU A CG  1 
ATOM   1198 C  CD  . GLU A 1 128 ? -19.517 3.754   -10.943 1.00 25.57  ? 125 GLU A CD  1 
ATOM   1199 O  OE1 . GLU A 1 128 ? -20.567 3.293   -10.404 1.00 30.78  ? 125 GLU A OE1 1 
ATOM   1200 O  OE2 . GLU A 1 128 ? -19.459 4.077   -12.155 1.00 32.76  ? 125 GLU A OE2 1 
ATOM   1201 N  N   . TYR A 1 129 ? -17.546 1.969   -6.111  1.00 17.26  ? 126 TYR A N   1 
ATOM   1202 C  CA  . TYR A 1 129 ? -17.854 1.585   -4.733  1.00 17.84  ? 126 TYR A CA  1 
ATOM   1203 C  C   . TYR A 1 129 ? -16.745 2.058   -3.781  1.00 18.04  ? 126 TYR A C   1 
ATOM   1204 O  O   . TYR A 1 129 ? -16.994 2.662   -2.708  1.00 18.35  ? 126 TYR A O   1 
ATOM   1205 C  CB  . TYR A 1 129 ? -17.960 0.073   -4.680  1.00 18.21  ? 126 TYR A CB  1 
ATOM   1206 C  CG  . TYR A 1 129 ? -18.102 -0.490  -3.301  1.00 18.38  ? 126 TYR A CG  1 
ATOM   1207 C  CD1 . TYR A 1 129 ? -19.269 -0.300  -2.538  1.00 18.41  ? 126 TYR A CD1 1 
ATOM   1208 C  CD2 . TYR A 1 129 ? -17.068 -1.247  -2.748  1.00 20.53  ? 126 TYR A CD2 1 
ATOM   1209 C  CE1 . TYR A 1 129 ? -19.377 -0.834  -1.264  1.00 17.58  ? 126 TYR A CE1 1 
ATOM   1210 C  CE2 . TYR A 1 129 ? -17.179 -1.785  -1.475  1.00 19.51  ? 126 TYR A CE2 1 
ATOM   1211 C  CZ  . TYR A 1 129 ? -18.327 -1.584  -0.718  1.00 18.04  ? 126 TYR A CZ  1 
ATOM   1212 O  OH  . TYR A 1 129 ? -18.466 -2.169  0.533   1.00 20.25  ? 126 TYR A OH  1 
ATOM   1213 N  N   . ILE A 1 130 ? -15.494 1.764   -4.148  1.00 16.52  ? 127 ILE A N   1 
ATOM   1214 C  CA  . ILE A 1 130 ? -14.403 2.236   -3.313  1.00 17.09  ? 127 ILE A CA  1 
ATOM   1215 C  C   . ILE A 1 130 ? -14.392 3.758   -3.226  1.00 16.91  ? 127 ILE A C   1 
ATOM   1216 O  O   . ILE A 1 130 ? -14.193 4.306   -2.134  1.00 18.49  ? 127 ILE A O   1 
ATOM   1217 C  CB  . ILE A 1 130 ? -13.042 1.715   -3.866  1.00 17.07  ? 127 ILE A CB  1 
ATOM   1218 C  CG1 . ILE A 1 130 ? -12.980 0.179   -3.638  1.00 17.50  ? 127 ILE A CG1 1 
ATOM   1219 C  CG2 . ILE A 1 130 ? -11.890 2.485   -3.228  1.00 18.07  ? 127 ILE A CG2 1 
ATOM   1220 C  CD1 . ILE A 1 130 ? -11.834 -0.529  -4.466  1.00 19.29  ? 127 ILE A CD1 1 
ATOM   1221 N  N   . GLN A 1 131 ? -14.564 4.463   -4.358  1.00 16.81  ? 128 GLN A N   1 
ATOM   1222 C  CA  . GLN A 1 131 ? -14.520 5.927   -4.336  1.00 16.26  ? 128 GLN A CA  1 
ATOM   1223 C  C   . GLN A 1 131 ? -15.637 6.511   -3.425  1.00 16.96  ? 128 GLN A C   1 
ATOM   1224 O  O   . GLN A 1 131 ? -15.391 7.422   -2.640  1.00 17.72  ? 128 GLN A O   1 
ATOM   1225 C  CB  . GLN A 1 131 ? -14.654 6.483   -5.743  1.00 17.36  ? 128 GLN A CB  1 
ATOM   1226 C  CG  . GLN A 1 131 ? -13.388 6.209   -6.554  1.00 17.32  ? 128 GLN A CG  1 
ATOM   1227 C  CD  . GLN A 1 131 ? -13.493 6.589   -8.028  1.00 18.14  ? 128 GLN A CD  1 
ATOM   1228 O  OE1 . GLN A 1 131 ? -14.574 6.544   -8.629  1.00 21.38  ? 128 GLN A OE1 1 
ATOM   1229 N  NE2 . GLN A 1 131 ? -12.334 6.889   -8.643  1.00 20.80  ? 128 GLN A NE2 1 
ATOM   1230 N  N   . THR A 1 132 ? -16.855 5.987   -3.565  1.00 16.48  ? 129 THR A N   1 
ATOM   1231 C  CA  . THR A 1 132 ? -17.974 6.470   -2.751  1.00 16.57  ? 129 THR A CA  1 
ATOM   1232 C  C   . THR A 1 132 ? -17.634 6.366   -1.269  1.00 17.80  ? 129 THR A C   1 
ATOM   1233 O  O   . THR A 1 132 ? -17.817 7.310   -0.505  1.00 18.56  ? 129 THR A O   1 
ATOM   1234 C  CB  . THR A 1 132 ? -19.211 5.656   -3.068  1.00 18.12  ? 129 THR A CB  1 
ATOM   1235 O  OG1 . THR A 1 132 ? -19.632 5.993   -4.391  1.00 18.40  ? 129 THR A OG1 1 
ATOM   1236 C  CG2 . THR A 1 132 ? -20.345 6.013   -2.072  1.00 17.65  ? 129 THR A CG2 1 
ATOM   1237 N  N   . ASN A 1 133 ? -17.158 5.202   -0.860  1.00 17.31  ? 130 ASN A N   1 
ATOM   1238 C  CA  . ASN A 1 133 ? -16.946 4.951   0.583   1.00 17.08  ? 130 ASN A CA  1 
ATOM   1239 C  C   . ASN A 1 133 ? -15.656 5.571   1.084   1.00 17.38  ? 130 ASN A C   1 
ATOM   1240 O  O   . ASN A 1 133 ? -15.599 6.072   2.213   1.00 18.85  ? 130 ASN A O   1 
ATOM   1241 C  CB  . ASN A 1 133 ? -17.026 3.439   0.870   1.00 17.47  ? 130 ASN A CB  1 
ATOM   1242 C  CG  . ASN A 1 133 ? -18.441 2.897   0.631   1.00 20.14  ? 130 ASN A CG  1 
ATOM   1243 O  OD1 . ASN A 1 133 ? -18.755 2.286   -0.406  1.00 20.33  ? 130 ASN A OD1 1 
ATOM   1244 N  ND2 . ASN A 1 133 ? -19.310 3.169   1.561   1.00 16.52  ? 130 ASN A ND2 1 
ATOM   1245 N  N   . ALA A 1 134 ? -14.629 5.594   0.237   1.00 17.14  ? 131 ALA A N   1 
ATOM   1246 C  CA  . ALA A 1 134 ? -13.360 6.207   0.648   1.00 17.67  ? 131 ALA A CA  1 
ATOM   1247 C  C   . ALA A 1 134 ? -13.445 7.716   0.792   1.00 17.75  ? 131 ALA A C   1 
ATOM   1248 O  O   . ALA A 1 134 ? -12.809 8.279   1.689   1.00 18.61  ? 131 ALA A O   1 
ATOM   1249 C  CB  . ALA A 1 134 ? -12.219 5.840   -0.326  1.00 18.35  ? 131 ALA A CB  1 
ATOM   1250 N  N   A ARG A 1 135 ? -14.222 8.382   -0.067  0.50 17.68  ? 132 ARG A N   1 
ATOM   1251 N  N   B ARG A 1 135 ? -14.225 8.391   -0.053  0.50 17.86  ? 132 ARG A N   1 
ATOM   1252 C  CA  A ARG A 1 135 ? -14.442 9.826   0.090   0.50 18.19  ? 132 ARG A CA  1 
ATOM   1253 C  CA  B ARG A 1 135 ? -14.361 9.845   0.107   0.50 18.71  ? 132 ARG A CA  1 
ATOM   1254 C  C   A ARG A 1 135 ? -14.864 10.097  1.520   0.50 17.60  ? 132 ARG A C   1 
ATOM   1255 C  C   B ARG A 1 135 ? -14.958 10.186  1.471   0.50 17.99  ? 132 ARG A C   1 
ATOM   1256 O  O   A ARG A 1 135 ? -14.287 10.962  2.185   0.50 17.24  ? 132 ARG A O   1 
ATOM   1257 O  O   B ARG A 1 135 ? -14.598 11.217  2.042   0.50 18.42  ? 132 ARG A O   1 
ATOM   1258 C  CB  A ARG A 1 135 ? -15.518 10.372  -0.872  0.50 18.84  ? 132 ARG A CB  1 
ATOM   1259 C  CB  B ARG A 1 135 ? -15.172 10.513  -1.019  0.50 18.84  ? 132 ARG A CB  1 
ATOM   1260 C  CG  A ARG A 1 135 ? -14.972 10.867  -2.195  0.50 20.89  ? 132 ARG A CG  1 
ATOM   1261 C  CG  B ARG A 1 135 ? -14.575 10.375  -2.414  0.50 21.43  ? 132 ARG A CG  1 
ATOM   1262 C  CD  A ARG A 1 135 ? -16.041 11.549  -3.078  0.50 19.82  ? 132 ARG A CD  1 
ATOM   1263 C  CD  B ARG A 1 135 ? -15.447 11.050  -3.489  0.50 21.61  ? 132 ARG A CD  1 
ATOM   1264 N  NE  A ARG A 1 135 ? -17.066 10.619  -3.565  0.50 21.02  ? 132 ARG A NE  1 
ATOM   1265 N  NE  B ARG A 1 135 ? -15.232 10.450  -4.808  0.50 25.33  ? 132 ARG A NE  1 
ATOM   1266 C  CZ  A ARG A 1 135 ? -17.007 9.939   -4.707  0.50 20.55  ? 132 ARG A CZ  1 
ATOM   1267 C  CZ  B ARG A 1 135 ? -14.285 10.832  -5.660  0.50 25.64  ? 132 ARG A CZ  1 
ATOM   1268 N  NH1 A ARG A 1 135 ? -15.945 10.025  -5.496  0.50 19.77  ? 132 ARG A NH1 1 
ATOM   1269 N  NH1 B ARG A 1 135 ? -13.464 11.822  -5.344  0.50 23.49  ? 132 ARG A NH1 1 
ATOM   1270 N  NH2 A ARG A 1 135 ? -18.002 9.143   -5.058  0.50 20.94  ? 132 ARG A NH2 1 
ATOM   1271 N  NH2 B ARG A 1 135 ? -14.178 10.231  -6.841  0.50 28.27  ? 132 ARG A NH2 1 
ATOM   1272 N  N   . LYS A 1 136 ? -15.838 9.323   1.996   1.00 17.30  ? 133 LYS A N   1 
ATOM   1273 C  CA  . LYS A 1 136 ? -16.423 9.543   3.334   1.00 16.20  ? 133 LYS A CA  1 
ATOM   1274 C  C   . LYS A 1 136 ? -15.393 9.161   4.403   1.00 16.60  ? 133 LYS A C   1 
ATOM   1275 O  O   . LYS A 1 136 ? -15.159 9.904   5.353   1.00 16.64  ? 133 LYS A O   1 
ATOM   1276 C  CB  . LYS A 1 136 ? -17.685 8.732   3.470   1.00 17.03  ? 133 LYS A CB  1 
ATOM   1277 C  CG  . LYS A 1 136 ? -18.764 9.266   2.539   1.00 20.14  ? 133 LYS A CG  1 
ATOM   1278 C  CD  . LYS A 1 136 ? -19.923 8.323   2.530   1.00 23.30  ? 133 LYS A CD  1 
ATOM   1279 C  CE  . LYS A 1 136 ? -20.977 8.753   1.497   1.00 25.56  ? 133 LYS A CE  1 
ATOM   1280 N  NZ  . LYS A 1 136 ? -21.755 9.858   2.154   1.00 29.92  ? 133 LYS A NZ  1 
ATOM   1281 N  N   . LEU A 1 137 ? -14.750 8.010   4.189   1.00 16.81  ? 134 LEU A N   1 
ATOM   1282 C  CA  . LEU A 1 137 ? -13.871 7.459   5.219   1.00 16.98  ? 134 LEU A CA  1 
ATOM   1283 C  C   . LEU A 1 137 ? -12.711 8.397   5.486   1.00 17.23  ? 134 LEU A C   1 
ATOM   1284 O  O   . LEU A 1 137 ? -12.267 8.509   6.634   1.00 17.59  ? 134 LEU A O   1 
ATOM   1285 C  CB  . LEU A 1 137 ? -13.418 6.047   4.815   1.00 17.81  ? 134 LEU A CB  1 
ATOM   1286 C  CG  . LEU A 1 137 ? -12.517 5.274   5.793   1.00 18.22  ? 134 LEU A CG  1 
ATOM   1287 C  CD1 . LEU A 1 137 ? -13.206 5.243   7.167   1.00 18.14  ? 134 LEU A CD1 1 
ATOM   1288 C  CD2 . LEU A 1 137 ? -12.223 3.877   5.233   1.00 17.26  ? 134 LEU A CD2 1 
ATOM   1289 N  N   . PHE A 1 138 ? -12.207 9.075   4.434   1.00 17.07  ? 135 PHE A N   1 
ATOM   1290 C  CA  . PHE A 1 138 ? -11.099 10.014  4.636   1.00 18.73  ? 135 PHE A CA  1 
ATOM   1291 C  C   . PHE A 1 138 ? -11.403 11.104  5.653   1.00 19.99  ? 135 PHE A C   1 
ATOM   1292 O  O   . PHE A 1 138 ? -10.481 11.611  6.301   1.00 21.34  ? 135 PHE A O   1 
ATOM   1293 C  CB  . PHE A 1 138 ? -10.703 10.690  3.300   1.00 18.10  ? 135 PHE A CB  1 
ATOM   1294 C  CG  . PHE A 1 138 ? -9.618  9.982   2.542   1.00 17.50  ? 135 PHE A CG  1 
ATOM   1295 C  CD1 . PHE A 1 138 ? -9.778  9.717   1.184   1.00 16.88  ? 135 PHE A CD1 1 
ATOM   1296 C  CD2 . PHE A 1 138 ? -8.433  9.597   3.168   1.00 17.33  ? 135 PHE A CD2 1 
ATOM   1297 C  CE1 . PHE A 1 138 ? -8.733  9.101   0.439   1.00 18.86  ? 135 PHE A CE1 1 
ATOM   1298 C  CE2 . PHE A 1 138 ? -7.413  8.986   2.414   1.00 19.25  ? 135 PHE A CE2 1 
ATOM   1299 C  CZ  . PHE A 1 138 ? -7.582  8.742   1.080   1.00 17.67  ? 135 PHE A CZ  1 
ATOM   1300 N  N   . GLU A 1 139 ? -12.692 11.387  5.870   1.00 18.92  ? 136 GLU A N   1 
ATOM   1301 C  CA  . GLU A 1 139 ? -13.076 12.471  6.742   1.00 19.71  ? 136 GLU A CA  1 
ATOM   1302 C  C   . GLU A 1 139 ? -13.553 11.994  8.107   1.00 17.95  ? 136 GLU A C   1 
ATOM   1303 O  O   . GLU A 1 139 ? -13.925 12.816  8.913   1.00 18.66  ? 136 GLU A O   1 
ATOM   1304 C  CB  . GLU A 1 139 ? -14.162 13.286  6.070   1.00 19.85  ? 136 GLU A CB  1 
ATOM   1305 C  CG  . GLU A 1 139 ? -13.855 13.762  4.629   1.00 23.35  ? 136 GLU A CG  1 
ATOM   1306 C  CD  . GLU A 1 139 ? -12.522 14.505  4.496   1.00 30.03  ? 136 GLU A CD  1 
ATOM   1307 O  OE1 . GLU A 1 139 ? -12.028 15.157  5.466   1.00 30.29  ? 136 GLU A OE1 1 
ATOM   1308 O  OE2 . GLU A 1 139 ? -11.962 14.453  3.362   1.00 33.04  ? 136 GLU A OE2 1 
ATOM   1309 N  N   . LYS A 1 140 ? -13.528 10.683  8.363   1.00 17.80  ? 137 LYS A N   1 
ATOM   1310 C  CA  . LYS A 1 140 ? -14.101 10.181  9.648   1.00 19.28  ? 137 LYS A CA  1 
ATOM   1311 C  C   . LYS A 1 140 ? -13.084 10.193  10.775  1.00 21.74  ? 137 LYS A C   1 
ATOM   1312 O  O   . LYS A 1 140 ? -11.850 10.378  10.548  1.00 21.57  ? 137 LYS A O   1 
ATOM   1313 C  CB  . LYS A 1 140 ? -14.634 8.752   9.477   1.00 18.37  ? 137 LYS A CB  1 
ATOM   1314 C  CG  . LYS A 1 140 ? -15.878 8.660   8.595   1.00 18.79  ? 137 LYS A CG  1 
ATOM   1315 C  CD  . LYS A 1 140 ? -16.348 7.234   8.412   1.00 19.32  ? 137 LYS A CD  1 
ATOM   1316 C  CE  . LYS A 1 140 ? -17.593 7.252   7.494   1.00 21.12  ? 137 LYS A CE  1 
ATOM   1317 N  NZ  . LYS A 1 140 ? -18.017 5.866   7.144   1.00 22.33  ? 137 LYS A NZ  1 
ATOM   1318 O  OXT . LYS A 1 140 ? -13.482 10.041  11.959  1.00 23.13  ? 137 LYS A OXT 1 
HETATM 1319 C  C   . FMT B 2 .   ? -15.997 3.225   5.504   1.00 38.02  ? 138 FMT A C   1 
HETATM 1320 O  O1  . FMT B 2 .   ? -16.675 4.210   5.086   1.00 39.13  ? 138 FMT A O1  1 
HETATM 1321 O  O2  . FMT B 2 .   ? -15.791 2.154   4.883   1.00 37.23  ? 138 FMT A O2  1 
HETATM 1322 C  C   . FMT C 2 .   ? 10.027  11.740  -9.349  1.00 25.45  ? 139 FMT A C   1 
HETATM 1323 O  O1  . FMT C 2 .   ? 9.243   12.371  -8.599  1.00 24.04  ? 139 FMT A O1  1 
HETATM 1324 O  O2  . FMT C 2 .   ? 11.184  12.144  -9.662  1.00 24.48  ? 139 FMT A O2  1 
HETATM 1325 C  C   . FMT D 2 .   ? 8.787   -12.639 -1.163  1.00 50.97  ? 140 FMT A C   1 
HETATM 1326 O  O1  . FMT D 2 .   ? 9.453   -13.684 -1.300  1.00 50.25  ? 140 FMT A O1  1 
HETATM 1327 O  O2  . FMT D 2 .   ? 8.326   -11.893 -2.046  1.00 50.86  ? 140 FMT A O2  1 
HETATM 1328 C  C   . FMT E 2 .   ? -7.804  1.200   12.087  1.00 29.26  ? 141 FMT A C   1 
HETATM 1329 O  O1  . FMT E 2 .   ? -6.800  1.412   12.771  1.00 24.41  ? 141 FMT A O1  1 
HETATM 1330 O  O2  . FMT E 2 .   ? -8.869  0.740   12.587  1.00 31.69  ? 141 FMT A O2  1 
HETATM 1331 C  C1  . GOL F 3 .   ? 3.279   -0.419  -2.566  1.00 37.84  ? 142 GOL A C1  1 
HETATM 1332 O  O1  . GOL F 3 .   ? 2.744   0.028   -1.338  1.00 37.71  ? 142 GOL A O1  1 
HETATM 1333 C  C2  . GOL F 3 .   ? 3.275   -1.943  -2.498  1.00 37.97  ? 142 GOL A C2  1 
HETATM 1334 O  O2  . GOL F 3 .   ? 3.498   -2.067  -1.161  1.00 24.64  ? 142 GOL A O2  1 
HETATM 1335 C  C3  . GOL F 3 .   ? 4.454   -2.694  -3.113  1.00 39.40  ? 142 GOL A C3  1 
HETATM 1336 O  O3  . GOL F 3 .   ? 4.727   -3.941  -2.467  1.00 32.04  ? 142 GOL A O3  1 
HETATM 1337 O  O   . HOH G 4 .   ? -5.466  8.412   7.850   1.00 16.63  ? 143 HOH A O   1 
HETATM 1338 O  O   . HOH G 4 .   ? 1.430   -9.247  1.638   1.00 16.31  ? 144 HOH A O   1 
HETATM 1339 O  O   . HOH G 4 .   ? 0.061   3.715   10.721  1.00 18.97  ? 145 HOH A O   1 
HETATM 1340 O  O   . HOH G 4 .   ? 4.018   12.602  -4.610  1.00 21.61  ? 146 HOH A O   1 
HETATM 1341 O  O   . HOH G 4 .   ? -3.714  13.891  3.818   1.00 19.96  ? 147 HOH A O   1 
HETATM 1342 O  O   . HOH G 4 .   ? 0.578   2.488   19.150  1.00 15.84  ? 148 HOH A O   1 
HETATM 1343 O  O   . HOH G 4 .   ? 6.127   12.693  7.872   1.00 22.76  ? 149 HOH A O   1 
HETATM 1344 O  O   . HOH G 4 .   ? 0.747   6.794   -2.187  1.00 19.56  ? 150 HOH A O   1 
HETATM 1345 O  O   . HOH G 4 .   ? 3.772   10.884  12.174  0.50 20.64  ? 151 HOH A O   1 
HETATM 1346 O  O   . HOH G 4 .   ? 5.544   -12.135 -2.583  1.00 22.65  ? 152 HOH A O   1 
HETATM 1347 O  O   . HOH G 4 .   ? -8.773  -2.882  4.739   1.00 17.31  ? 153 HOH A O   1 
HETATM 1348 O  O   . HOH G 4 .   ? -11.601 2.078   9.089   1.00 21.14  ? 154 HOH A O   1 
HETATM 1349 O  O   . HOH G 4 .   ? -0.524  -9.985  -0.321  1.00 16.76  ? 155 HOH A O   1 
HETATM 1350 O  O   . HOH G 4 .   ? -6.847  10.865  -2.928  1.00 18.68  ? 156 HOH A O   1 
HETATM 1351 O  O   . HOH G 4 .   ? -12.641 13.043  1.017   1.00 24.11  ? 157 HOH A O   1 
HETATM 1352 O  O   . HOH G 4 .   ? -4.858  1.391   -8.133  1.00 19.75  ? 158 HOH A O   1 
HETATM 1353 O  O   . HOH G 4 .   ? 14.132  11.868  -2.929  1.00 23.93  ? 159 HOH A O   1 
HETATM 1354 O  O   . HOH G 4 .   ? -2.157  -9.157  -13.474 1.00 17.03  ? 160 HOH A O   1 
HETATM 1355 O  O   . HOH G 4 .   ? -13.876 13.588  11.637  1.00 22.13  ? 161 HOH A O   1 
HETATM 1356 O  O   . HOH G 4 .   ? -8.718  12.268  -1.359  1.00 22.63  ? 162 HOH A O   1 
HETATM 1357 O  O   . HOH G 4 .   ? 17.625  8.788   1.090   1.00 23.99  ? 163 HOH A O   1 
HETATM 1358 O  O   . HOH G 4 .   ? 13.918  2.706   -4.918  1.00 18.76  ? 164 HOH A O   1 
HETATM 1359 O  O   . HOH G 4 .   ? 3.046   12.480  -0.779  1.00 17.91  ? 165 HOH A O   1 
HETATM 1360 O  O   . HOH G 4 .   ? 2.920   8.646   12.394  1.00 22.36  ? 166 HOH A O   1 
HETATM 1361 O  O   . HOH G 4 .   ? -4.309  -3.878  -16.367 1.00 24.71  ? 167 HOH A O   1 
HETATM 1362 O  O   . HOH G 4 .   ? -9.913  11.221  8.852   1.00 22.64  ? 168 HOH A O   1 
HETATM 1363 O  O   . HOH G 4 .   ? 6.712   -12.712 5.168   1.00 22.76  ? 169 HOH A O   1 
HETATM 1364 O  O   . HOH G 4 .   ? -18.897 9.714   -1.413  1.00 24.24  ? 170 HOH A O   1 
HETATM 1365 O  O   . HOH G 4 .   ? -18.655 -3.189  -13.180 1.00 28.50  ? 171 HOH A O   1 
HETATM 1366 O  O   . HOH G 4 .   ? 8.550   -3.112  -3.016  1.00 25.13  ? 172 HOH A O   1 
HETATM 1367 O  O   . HOH G 4 .   ? -4.849  15.015  -2.340  1.00 25.72  ? 173 HOH A O   1 
HETATM 1368 O  O   . HOH G 4 .   ? -3.678  -4.621  -13.036 1.00 20.43  ? 174 HOH A O   1 
HETATM 1369 O  O   . HOH G 4 .   ? -14.884 15.494  8.936   1.00 19.19  ? 175 HOH A O   1 
HETATM 1370 O  O   . HOH G 4 .   ? -20.925 8.517   -4.640  1.00 26.04  ? 176 HOH A O   1 
HETATM 1371 O  O   . HOH G 4 .   ? -11.407 12.006  -1.120  1.00 25.92  ? 177 HOH A O   1 
HETATM 1372 O  O   . HOH G 4 .   ? -0.388  0.806   -2.912  1.00 28.41  ? 178 HOH A O   1 
HETATM 1373 O  O   . HOH G 4 .   ? -21.564 2.815   -7.992  1.00 29.79  ? 179 HOH A O   1 
HETATM 1374 O  O   . HOH G 4 .   ? 0.791   5.830   -10.252 1.00 22.04  ? 180 HOH A O   1 
HETATM 1375 O  O   . HOH G 4 .   ? 2.181   5.293   12.307  1.00 24.24  ? 181 HOH A O   1 
HETATM 1376 O  O   . HOH G 4 .   ? -6.348  -7.416  -14.458 1.00 25.13  ? 182 HOH A O   1 
HETATM 1377 O  O   . HOH G 4 .   ? -14.094 1.524   7.788   1.00 29.21  ? 183 HOH A O   1 
HETATM 1378 O  O   . HOH G 4 .   ? 22.934  9.240   5.509   1.00 24.15  ? 184 HOH A O   1 
HETATM 1379 O  O   . HOH G 4 .   ? 2.554   14.793  -3.768  1.00 25.64  ? 185 HOH A O   1 
HETATM 1380 O  O   . HOH G 4 .   ? -7.437  10.041  9.207   1.00 24.50  ? 186 HOH A O   1 
HETATM 1381 O  O   . HOH G 4 .   ? 22.493  2.556   3.637   1.00 29.35  ? 187 HOH A O   1 
HETATM 1382 O  O   . HOH G 4 .   ? -15.396 3.415   -12.279 1.00 28.74  ? 188 HOH A O   1 
HETATM 1383 O  O   . HOH G 4 .   ? 11.184  13.813  3.886   1.00 28.64  ? 189 HOH A O   1 
HETATM 1384 O  O   . HOH G 4 .   ? 3.154   0.650   -7.295  1.00 27.47  ? 190 HOH A O   1 
HETATM 1385 O  O   . HOH G 4 .   ? -4.264  15.489  6.011   1.00 29.29  ? 191 HOH A O   1 
HETATM 1386 O  O   . HOH G 4 .   ? -0.637  -15.689 4.536   1.00 26.70  ? 192 HOH A O   1 
HETATM 1387 O  O   . HOH G 4 .   ? -21.410 9.645   -2.459  1.00 26.90  ? 193 HOH A O   1 
HETATM 1388 O  O   . HOH G 4 .   ? -3.975  9.256   12.226  1.00 27.93  ? 194 HOH A O   1 
HETATM 1389 O  O   . HOH G 4 .   ? -8.922  4.459   11.862  1.00 28.19  ? 195 HOH A O   1 
HETATM 1390 O  O   . HOH G 4 .   ? 1.743   7.033   0.615   1.00 25.79  ? 196 HOH A O   1 
HETATM 1391 O  O   . HOH G 4 .   ? 0.465   14.860  8.721   1.00 32.35  ? 197 HOH A O   1 
HETATM 1392 O  O   . HOH G 4 .   ? 20.494  1.741   1.744   1.00 26.39  ? 198 HOH A O   1 
HETATM 1393 O  O   . HOH G 4 .   ? 1.077   -12.520 8.951   1.00 25.79  ? 199 HOH A O   1 
HETATM 1394 O  O   . HOH G 4 .   ? 16.311  10.661  -1.361  1.00 27.27  ? 200 HOH A O   1 
HETATM 1395 O  O   . HOH G 4 .   ? -2.353  5.541   17.411  1.00 32.04  ? 201 HOH A O   1 
HETATM 1396 O  O   . HOH G 4 .   ? -18.920 4.977   3.587   1.00 31.10  ? 202 HOH A O   1 
HETATM 1397 O  O   . HOH G 4 .   ? 21.091  -9.655  5.300   1.00 35.64  ? 203 HOH A O   1 
HETATM 1398 O  O   . HOH G 4 .   ? 22.452  -7.253  7.044   1.00 38.31  ? 204 HOH A O   1 
HETATM 1399 O  O   . HOH G 4 .   ? -9.771  4.851   -11.566 1.00 27.70  ? 205 HOH A O   1 
HETATM 1400 O  O   . HOH G 4 .   ? -9.264  -1.107  -13.658 1.00 28.53  ? 206 HOH A O   1 
HETATM 1401 O  O   . HOH G 4 .   ? 2.893   -1.222  -5.214  1.00 35.15  ? 207 HOH A O   1 
HETATM 1402 O  O   . HOH G 4 .   ? 8.190   14.386  1.053   1.00 31.53  ? 208 HOH A O   1 
HETATM 1403 O  O   . HOH G 4 .   ? -5.209  -1.046  -13.972 1.00 28.52  ? 209 HOH A O   1 
HETATM 1404 O  O   . HOH G 4 .   ? -12.179 -7.086  -10.392 1.00 31.74  ? 210 HOH A O   1 
HETATM 1405 O  O   . HOH G 4 .   ? -4.366  -6.101  4.809   1.00 243.54 ? 211 HOH A O   1 
HETATM 1406 O  O   . HOH G 4 .   ? 19.045  4.416   0.476   1.00 26.30  ? 212 HOH A O   1 
HETATM 1407 O  O   . HOH G 4 .   ? 20.463  -0.860  2.249   1.00 28.60  ? 213 HOH A O   1 
HETATM 1408 O  O   . HOH G 4 .   ? -4.053  10.286  9.658   1.00 25.09  ? 214 HOH A O   1 
HETATM 1409 O  O   . HOH G 4 .   ? -23.216 3.829   -11.129 1.00 35.05  ? 215 HOH A O   1 
HETATM 1410 O  O   . HOH G 4 .   ? 6.958   -8.739  -2.702  1.00 26.90  ? 216 HOH A O   1 
HETATM 1411 O  O   . HOH G 4 .   ? 9.036   -13.720 3.745   1.00 28.32  ? 217 HOH A O   1 
HETATM 1412 O  O   . HOH G 4 .   ? -23.738 4.582   -13.389 1.00 30.40  ? 218 HOH A O   1 
HETATM 1413 O  O   . HOH G 4 .   ? -14.992 -1.630  4.640   1.00 29.31  ? 219 HOH A O   1 
HETATM 1414 O  O   . HOH G 4 .   ? -6.949  8.260   11.234  1.00 33.02  ? 220 HOH A O   1 
HETATM 1415 O  O   . HOH G 4 .   ? -14.909 6.001   -11.285 1.00 28.97  ? 221 HOH A O   1 
HETATM 1416 O  O   . HOH G 4 .   ? 5.210   14.447  9.320   1.00 37.11  ? 222 HOH A O   1 
HETATM 1417 O  O   . HOH G 4 .   ? 4.346   -14.903 8.374   1.00 32.90  ? 223 HOH A O   1 
HETATM 1418 O  O   . HOH G 4 .   ? -10.011 9.799   12.367  1.00 29.76  ? 224 HOH A O   1 
HETATM 1419 O  O   . HOH G 4 .   ? 14.820  -12.711 1.336   1.00 31.02  ? 225 HOH A O   1 
HETATM 1420 O  O   . HOH G 4 .   ? 6.293   13.633  -3.456  1.00 33.11  ? 226 HOH A O   1 
HETATM 1421 O  O   . HOH G 4 .   ? 17.737  12.858  -0.737  1.00 39.61  ? 227 HOH A O   1 
HETATM 1422 O  O   . HOH G 4 .   ? 3.932   13.700  -7.371  1.00 33.26  ? 228 HOH A O   1 
HETATM 1423 O  O   . HOH G 4 .   ? -15.937 -4.132  7.802   1.00 30.56  ? 229 HOH A O   1 
HETATM 1424 O  O   . HOH G 4 .   ? -12.419 13.281  -3.330  1.00 31.11  ? 230 HOH A O   1 
HETATM 1425 O  O   . HOH G 4 .   ? -3.696  -12.490 3.824   1.00 346.72 ? 231 HOH A O   1 
HETATM 1426 O  O   . HOH G 4 .   ? -18.407 6.892   -6.977  1.00 27.28  ? 232 HOH A O   1 
HETATM 1427 O  O   . HOH G 4 .   ? -4.985  4.663   -12.296 1.00 29.98  ? 233 HOH A O   1 
HETATM 1428 O  O   . HOH G 4 .   ? -8.556  -14.022 -2.694  1.00 29.66  ? 234 HOH A O   1 
HETATM 1429 O  O   . HOH G 4 .   ? 1.643   -15.221 5.962   1.00 29.34  ? 235 HOH A O   1 
HETATM 1430 O  O   . HOH G 4 .   ? 1.291   0.786   -4.179  1.00 34.14  ? 236 HOH A O   1 
HETATM 1431 O  O   . HOH G 4 .   ? -11.685 3.992   11.307  1.00 32.61  ? 237 HOH A O   1 
HETATM 1432 O  O   . HOH G 4 .   ? -16.298 -2.538  2.307   1.00 33.40  ? 238 HOH A O   1 
HETATM 1433 O  O   . HOH G 4 .   ? 1.866   -18.362 -1.008  1.00 32.17  ? 239 HOH A O   1 
HETATM 1434 O  O   . HOH G 4 .   ? -18.943 -8.082  -1.833  1.00 33.38  ? 240 HOH A O   1 
HETATM 1435 O  O   . HOH G 4 .   ? -12.052 16.177  10.598  1.00 31.39  ? 241 HOH A O   1 
HETATM 1436 O  O   . HOH G 4 .   ? 25.775  1.888   6.588   1.00 34.77  ? 242 HOH A O   1 
HETATM 1437 O  O   . HOH G 4 .   ? -6.727  -14.661 -5.552  1.00 36.16  ? 243 HOH A O   1 
HETATM 1438 O  O   . HOH G 4 .   ? -1.648  -11.397 -12.848 1.00 28.55  ? 244 HOH A O   1 
HETATM 1439 O  O   . HOH G 4 .   ? -5.547  -15.299 -2.434  1.00 38.60  ? 245 HOH A O   1 
HETATM 1440 O  O   . HOH G 4 .   ? -15.745 -3.096  -15.358 1.00 36.65  ? 246 HOH A O   1 
HETATM 1441 O  O   . HOH G 4 .   ? -4.032  2.714   -13.841 1.00 40.30  ? 247 HOH A O   1 
HETATM 1442 O  O   . HOH G 4 .   ? 6.067   14.291  5.605   1.00 37.36  ? 248 HOH A O   1 
HETATM 1443 O  O   . HOH G 4 .   ? 5.305   13.500  0.678   1.00 46.49  ? 249 HOH A O   1 
HETATM 1444 O  O   . HOH G 4 .   ? 17.766  0.289   -0.774  1.00 35.88  ? 250 HOH A O   1 
HETATM 1445 O  O   . HOH G 4 .   ? -4.478  -11.919 -11.066 1.00 44.81  ? 251 HOH A O   1 
HETATM 1446 O  O   . HOH G 4 .   ? 21.481  -2.615  0.537   1.00 39.86  ? 252 HOH A O   1 
HETATM 1447 O  O   . HOH G 4 .   ? -3.992  -14.350 3.335   1.00 30.00  ? 253 HOH A O   1 
HETATM 1448 O  O   . HOH G 4 .   ? 3.722   -11.620 -11.387 1.00 33.00  ? 254 HOH A O   1 
HETATM 1449 O  O   . HOH G 4 .   ? 4.267   14.406  3.266   1.00 32.85  ? 255 HOH A O   1 
HETATM 1450 O  O   . HOH G 4 .   ? 3.410   6.947   -10.658 1.00 37.42  ? 256 HOH A O   1 
HETATM 1451 O  O   . HOH G 4 .   ? 24.377  10.019  7.960   1.00 31.66  ? 257 HOH A O   1 
HETATM 1452 O  O   . HOH G 4 .   ? -8.609  7.109   12.547  1.00 38.40  ? 258 HOH A O   1 
HETATM 1453 O  O   . HOH G 4 .   ? -9.621  14.938  2.899   1.00 36.02  ? 259 HOH A O   1 
HETATM 1454 O  O   . HOH G 4 .   ? -4.906  9.839   -10.330 1.00 31.02  ? 260 HOH A O   1 
HETATM 1455 O  O   . HOH G 4 .   ? -4.214  -9.484  -14.462 1.00 32.77  ? 261 HOH A O   1 
HETATM 1456 O  O   . HOH G 4 .   ? -7.873  5.121   -13.449 1.00 47.35  ? 262 HOH A O   1 
HETATM 1457 O  O   . HOH G 4 .   ? -11.916 8.659   -11.144 1.00 43.31  ? 263 HOH A O   1 
HETATM 1458 O  O   . HOH G 4 .   ? -12.101 6.494   -11.743 1.00 46.37  ? 264 HOH A O   1 
HETATM 1459 O  O   . HOH G 4 .   ? -8.092  13.689  -6.216  1.00 37.30  ? 265 HOH A O   1 
HETATM 1460 O  O   . HOH G 4 .   ? -6.235  13.377  -3.769  1.00 38.97  ? 266 HOH A O   1 
HETATM 1461 O  O   . HOH G 4 .   ? -8.659  14.561  -2.784  1.00 43.64  ? 267 HOH A O   1 
HETATM 1462 O  O   . HOH G 4 .   ? -3.676  16.666  0.833   1.00 47.86  ? 268 HOH A O   1 
HETATM 1463 O  O   . HOH G 4 .   ? -3.897  17.745  3.800   1.00 43.53  ? 269 HOH A O   1 
HETATM 1464 O  O   . HOH G 4 .   ? -6.787  16.167  3.380   1.00 40.58  ? 270 HOH A O   1 
HETATM 1465 O  O   . HOH G 4 .   ? -10.778 15.383  8.491   1.00 47.32  ? 271 HOH A O   1 
HETATM 1466 O  O   . HOH G 4 .   ? -9.410  13.457  10.371  1.00 47.68  ? 272 HOH A O   1 
HETATM 1467 O  O   . HOH G 4 .   ? -14.024 16.858  6.674   1.00 42.76  ? 273 HOH A O   1 
HETATM 1468 O  O   . HOH G 4 .   ? -14.589 0.053   6.232   1.00 25.04  ? 274 HOH A O   1 
HETATM 1469 O  O   . HOH G 4 .   ? -17.410 -13.069 -10.582 1.00 75.56  ? 275 HOH A O   1 
HETATM 1470 O  O   . HOH G 4 .   ? 29.243  4.524   15.716  1.00 100.82 ? 276 HOH A O   1 
HETATM 1471 O  O   . HOH G 4 .   ? 25.894  4.704   9.130   1.00 47.37  ? 277 HOH A O   1 
HETATM 1472 O  O   . HOH G 4 .   ? 21.496  8.385   3.087   1.00 40.09  ? 278 HOH A O   1 
HETATM 1473 O  O   . HOH G 4 .   ? -6.361  -1.210  17.148  1.00 39.96  ? 279 HOH A O   1 
HETATM 1474 O  O   . HOH G 4 .   ? 13.160  15.357  3.238   1.00 47.71  ? 280 HOH A O   1 
HETATM 1475 O  O   . HOH G 4 .   ? 10.260  15.981  -5.732  1.00 44.70  ? 281 HOH A O   1 
HETATM 1476 O  O   . HOH G 4 .   ? 14.865  13.971  -4.529  1.00 43.46  ? 282 HOH A O   1 
HETATM 1477 O  O   . HOH G 4 .   ? 5.612   6.433   -9.063  1.00 31.70  ? 283 HOH A O   1 
HETATM 1478 O  O   . HOH G 4 .   ? 5.779   4.583   -7.196  1.00 41.75  ? 284 HOH A O   1 
HETATM 1479 O  O   . HOH G 4 .   ? 22.496  -4.140  3.523   1.00 34.53  ? 285 HOH A O   1 
HETATM 1480 O  O   . HOH G 4 .   ? 22.892  -7.213  2.543   1.00 42.10  ? 286 HOH A O   1 
HETATM 1481 O  O   . HOH G 4 .   ? 21.649  -7.287  0.242   1.00 49.04  ? 287 HOH A O   1 
HETATM 1482 O  O   . HOH G 4 .   ? 16.900  -10.664 -1.304  1.00 41.33  ? 288 HOH A O   1 
HETATM 1483 O  O   . HOH G 4 .   ? 1.503   16.115  -5.887  1.00 44.02  ? 289 HOH A O   1 
HETATM 1484 O  O   . HOH G 4 .   ? -0.976  5.961   -13.094 1.00 52.79  ? 290 HOH A O   1 
HETATM 1485 O  O   . HOH G 4 .   ? -0.906  8.398   -14.463 1.00 51.87  ? 291 HOH A O   1 
HETATM 1486 O  O   . HOH G 4 .   ? -2.806  -14.076 -8.484  1.00 40.56  ? 292 HOH A O   1 
HETATM 1487 O  O   . HOH G 4 .   ? 8.808   -8.979  -1.604  1.00 36.94  ? 293 HOH A O   1 
HETATM 1488 O  O   . HOH G 4 .   ? 4.244   -16.542 2.848   1.00 46.27  ? 294 HOH A O   1 
HETATM 1489 O  O   . HOH G 4 .   ? 2.691   13.100  12.676  0.50 39.00  ? 295 HOH A O   1 
HETATM 1490 O  O   . HOH G 4 .   ? -11.626 -9.807  -9.363  1.00 49.87  ? 296 HOH A O   1 
HETATM 1491 O  O   . HOH G 4 .   ? -3.696  -16.249 -3.966  1.00 44.54  ? 297 HOH A O   1 
HETATM 1492 O  O   . HOH G 4 .   ? -7.239  -12.378 -0.540  1.00 37.37  ? 298 HOH A O   1 
HETATM 1493 O  O   . HOH G 4 .   ? 9.198   -10.404 -4.842  1.00 49.46  ? 299 HOH A O   1 
HETATM 1494 O  O   . HOH G 4 .   ? 7.145   -9.532  -5.214  1.00 44.68  ? 300 HOH A O   1 
HETATM 1495 O  O   . HOH G 4 .   ? 8.382   -5.561  -7.186  1.00 44.52  ? 301 HOH A O   1 
HETATM 1496 O  O   . HOH G 4 .   ? -12.254 -5.529  -14.707 1.00 51.44  ? 302 HOH A O   1 
HETATM 1497 O  O   . HOH G 4 .   ? -4.840  -6.763  -16.515 1.00 43.91  ? 303 HOH A O   1 
HETATM 1498 O  O   . HOH G 4 .   ? -2.185  -6.349  -17.117 1.00 42.52  ? 304 HOH A O   1 
HETATM 1499 O  O   . HOH G 4 .   ? -4.362  -2.906  -18.550 1.00 33.06  ? 305 HOH A O   1 
HETATM 1500 O  O   . HOH G 4 .   ? -13.435 3.312   -14.095 1.00 39.53  ? 306 HOH A O   1 
HETATM 1501 O  O   . HOH G 4 .   ? -17.353 4.892   -13.431 1.00 42.24  ? 307 HOH A O   1 
HETATM 1502 O  O   . HOH G 4 .   ? -20.937 8.477   -6.977  1.00 39.31  ? 308 HOH A O   1 
HETATM 1503 O  O   . HOH G 4 .   ? -5.683  12.322  10.114  1.00 35.06  ? 309 HOH A O   1 
HETATM 1504 O  O   . HOH G 4 .   ? -21.473 12.046  2.584   1.00 43.36  ? 310 HOH A O   1 
HETATM 1505 O  O   . HOH G 4 .   ? 7.993   -15.691 2.552   1.00 33.49  ? 311 HOH A O   1 
HETATM 1506 O  O   . HOH G 4 .   ? 16.469  16.846  3.708   1.00 47.35  ? 312 HOH A O   1 
HETATM 1507 O  O   . HOH G 4 .   ? 7.981   16.271  3.003   1.00 47.20  ? 313 HOH A O   1 
HETATM 1508 O  O   . HOH G 4 .   ? 7.714   13.344  -10.605 1.00 47.49  ? 314 HOH A O   1 
HETATM 1509 O  O   . HOH G 4 .   ? -16.846 0.475   2.443   1.00 40.86  ? 315 HOH A O   1 
HETATM 1510 O  O   . HOH G 4 .   ? -0.802  2.596   -12.899 1.00 32.05  ? 316 HOH A O   1 
HETATM 1511 O  O   . HOH G 4 .   ? -1.175  1.434   -14.756 1.00 44.27  ? 317 HOH A O   1 
HETATM 1512 O  O   . HOH G 4 .   ? 1.185   3.298   -11.358 1.00 40.60  ? 318 HOH A O   1 
HETATM 1513 O  O   . HOH G 4 .   ? -0.060  -18.323 -4.689  1.00 36.70  ? 319 HOH A O   1 
HETATM 1514 O  O   . HOH G 4 .   ? 2.058   -17.800 1.514   1.00 44.34  ? 320 HOH A O   1 
HETATM 1515 O  O   . HOH G 4 .   ? -18.047 -13.049 -5.593  1.00 85.19  ? 321 HOH A O   1 
HETATM 1516 O  O   . HOH G 4 .   ? -15.647 -6.367  3.901   1.00 53.82  ? 322 HOH A O   1 
HETATM 1517 O  O   . HOH G 4 .   ? -4.090  -14.848 6.174   1.00 38.27  ? 323 HOH A O   1 
HETATM 1518 O  O   . HOH G 4 .   ? 13.481  -11.663 -6.050  1.00 63.41  ? 324 HOH A O   1 
HETATM 1519 O  O   . HOH G 4 .   ? -16.767 8.024   -8.339  1.00 34.97  ? 325 HOH A O   1 
HETATM 1520 O  O   . HOH G 4 .   ? -14.339 14.374  -0.815  1.00 44.49  ? 326 HOH A O   1 
HETATM 1521 O  O   . HOH G 4 .   ? -14.407 15.099  -3.348  1.00 46.16  ? 327 HOH A O   1 
HETATM 1522 O  O   . HOH G 4 .   ? -13.010 7.507   12.969  1.00 34.71  ? 328 HOH A O   1 
HETATM 1523 O  O   . HOH G 4 .   ? -6.904  11.993  13.003  1.00 47.08  ? 329 HOH A O   1 
# 
